data_4EML
#
_entry.id   4EML
#
_cell.length_a   244.623
_cell.length_b   140.063
_cell.length_c   73.458
_cell.angle_alpha   90.00
_cell.angle_beta   95.63
_cell.angle_gamma   90.00
#
_symmetry.space_group_name_H-M   'C 1 2 1'
#
loop_
_entity.id
_entity.type
_entity.pdbx_description
1 polymer 'Naphthoate synthase'
2 non-polymer 'BICARBONATE ION'
3 non-polymer (4S)-2-METHYL-2,4-PENTANEDIOL
4 non-polymer 'CHLORIDE ION'
5 non-polymer GLYCEROL
6 non-polymer 'SULFATE ION'
7 water water
#
_entity_poly.entity_id   1
_entity_poly.type   'polypeptide(L)'
_entity_poly.pdbx_seq_one_letter_code
;MDWHIAKHYDDILYYKAGGIAKIVINRPHKRNAFRPQTVFELYDAFCNAREDNRIGVVLLTGAGPHSDGKYAFCSGGDQS
VRGEGGYIDDQGTPRLNVLDLQRLIRSMPKVVIALVAGYAIGGGHVLHLVCDLTIAADNAIFGQTGPKVGSFDGGFGSSY
LARIVGQKKAREIWYLCRQYSAQEAERMGMVNTVVPVDRLEEEGIQWAKEILSKSPLAIRCLKAAFNADCDGQAGLQELA
GNATLLYYMTEEGSEGKQAFLEKRPPDFSQYPWLP
;
_entity_poly.pdbx_strand_id   A,B,C,D,E,F
#
loop_
_chem_comp.id
_chem_comp.type
_chem_comp.name
_chem_comp.formula
BCT non-polymer 'BICARBONATE ION' 'C H O3 -1'
CL non-polymer 'CHLORIDE ION' 'Cl -1'
GOL non-polymer GLYCEROL 'C3 H8 O3'
MPD non-polymer (4S)-2-METHYL-2,4-PENTANEDIOL 'C6 H14 O2'
SO4 non-polymer 'SULFATE ION' 'O4 S -2'
#
# COMPACT_ATOMS: atom_id res chain seq x y z
N MET A 1 20.86 37.10 11.71
CA MET A 1 20.07 37.23 10.49
C MET A 1 19.20 38.49 10.54
N ASP A 2 19.12 39.20 9.41
CA ASP A 2 18.30 40.40 9.33
C ASP A 2 16.82 40.06 9.18
N TRP A 3 16.19 39.52 10.22
CA TRP A 3 14.77 39.16 10.13
C TRP A 3 13.85 40.38 9.99
N HIS A 4 12.84 40.25 9.15
CA HIS A 4 11.81 41.28 9.06
C HIS A 4 10.46 40.63 9.37
N ILE A 5 9.64 41.29 10.17
CA ILE A 5 8.32 40.77 10.46
C ILE A 5 7.44 40.79 9.20
N ALA A 6 6.88 39.63 8.85
CA ALA A 6 6.05 39.52 7.64
C ALA A 6 4.59 39.81 7.93
N LYS A 7 4.12 39.41 9.11
CA LYS A 7 2.71 39.63 9.47
C LYS A 7 2.52 39.53 10.97
N HIS A 8 1.52 40.23 11.48
CA HIS A 8 1.23 40.24 12.92
C HIS A 8 0.09 39.30 13.27
N TYR A 9 0.30 38.51 14.30
CA TYR A 9 -0.70 37.57 14.80
C TYR A 9 -0.74 37.71 16.32
N ASP A 10 -1.71 37.09 16.98
CA ASP A 10 -1.80 37.16 18.44
C ASP A 10 -0.95 36.10 19.15
N ASP A 11 -0.92 34.90 18.58
CA ASP A 11 -0.33 33.75 19.26
C ASP A 11 1.02 33.32 18.71
N ILE A 12 1.38 33.86 17.55
CA ILE A 12 2.64 33.46 16.91
C ILE A 12 3.40 34.67 16.41
N LEU A 13 4.64 34.45 16.00
CA LEU A 13 5.45 35.48 15.35
C LEU A 13 5.85 34.93 13.99
N TYR A 14 6.02 35.80 13.00
CA TYR A 14 6.28 35.35 11.63
C TYR A 14 7.25 36.29 10.96
N TYR A 15 8.42 35.78 10.61
CA TYR A 15 9.51 36.59 10.06
C TYR A 15 9.95 36.04 8.72
N LYS A 16 10.57 36.90 7.91
CA LYS A 16 11.23 36.46 6.68
C LYS A 16 12.59 37.14 6.56
N ALA A 17 13.52 36.44 5.92
CA ALA A 17 14.82 37.00 5.57
C ALA A 17 15.35 36.21 4.39
N GLY A 18 15.55 36.90 3.27
CA GLY A 18 15.93 36.22 2.04
C GLY A 18 14.94 35.12 1.72
N GLY A 19 15.45 33.91 1.53
CA GLY A 19 14.59 32.79 1.18
C GLY A 19 14.13 31.96 2.37
N ILE A 20 14.30 32.50 3.57
CA ILE A 20 13.90 31.79 4.78
C ILE A 20 12.74 32.49 5.48
N ALA A 21 11.73 31.71 5.86
CA ALA A 21 10.69 32.20 6.76
C ALA A 21 10.90 31.56 8.11
N LYS A 22 10.56 32.29 9.17
CA LYS A 22 10.61 31.74 10.52
C LYS A 22 9.26 31.94 11.22
N ILE A 23 8.65 30.83 11.60
CA ILE A 23 7.38 30.86 12.30
C ILE A 23 7.64 30.43 13.73
N VAL A 24 7.23 31.29 14.66
CA VAL A 24 7.53 31.10 16.08
C VAL A 24 6.23 31.02 16.88
N ILE A 25 5.98 29.87 17.50
CA ILE A 25 4.85 29.78 18.44
C ILE A 25 5.17 30.63 19.66
N ASN A 26 4.28 31.57 20.00
CA ASN A 26 4.59 32.57 21.01
C ASN A 26 3.56 32.60 22.14
N ARG A 27 3.43 31.47 22.83
CA ARG A 27 2.61 31.41 24.04
C ARG A 27 3.42 30.77 25.17
N PRO A 28 4.59 31.33 25.49
CA PRO A 28 5.47 30.63 26.44
C PRO A 28 4.90 30.55 27.86
N HIS A 29 3.89 31.35 28.16
CA HIS A 29 3.24 31.28 29.46
C HIS A 29 2.32 30.06 29.54
N LYS A 30 2.07 29.45 28.38
CA LYS A 30 1.28 28.22 28.31
C LYS A 30 2.15 27.09 27.76
N ARG A 31 3.47 27.22 27.93
CA ARG A 31 4.42 26.23 27.43
C ARG A 31 4.23 26.03 25.94
N ASN A 32 3.81 27.09 25.27
CA ASN A 32 3.62 27.08 23.82
C ASN A 32 2.64 26.03 23.33
N ALA A 33 1.65 25.74 24.17
CA ALA A 33 0.51 24.94 23.76
C ALA A 33 -0.31 25.71 22.74
N PHE A 34 -0.93 25.02 21.78
CA PHE A 34 -1.81 25.68 20.83
C PHE A 34 -3.29 25.64 21.24
N ARG A 35 -3.98 26.77 21.09
CA ARG A 35 -5.44 26.81 21.20
C ARG A 35 -5.95 26.93 19.75
N PRO A 36 -7.28 26.85 19.51
CA PRO A 36 -7.75 26.94 18.13
C PRO A 36 -7.21 28.13 17.34
N GLN A 37 -7.17 29.33 17.92
CA GLN A 37 -6.65 30.51 17.21
C GLN A 37 -5.19 30.32 16.79
N THR A 38 -4.41 29.67 17.65
CA THR A 38 -3.00 29.43 17.36
C THR A 38 -2.88 28.60 16.10
N VAL A 39 -3.71 27.57 16.01
CA VAL A 39 -3.72 26.69 14.86
C VAL A 39 -4.14 27.44 13.59
N PHE A 40 -5.13 28.32 13.72
CA PHE A 40 -5.59 29.16 12.60
C PHE A 40 -4.43 30.03 12.10
N GLU A 41 -3.70 30.61 13.04
CA GLU A 41 -2.61 31.53 12.69
C GLU A 41 -1.41 30.81 12.08
N LEU A 42 -1.06 29.65 12.64
CA LEU A 42 -0.01 28.81 12.07
C LEU A 42 -0.35 28.46 10.64
N TYR A 43 -1.58 28.03 10.41
CA TYR A 43 -2.03 27.65 9.07
C TYR A 43 -1.89 28.83 8.12
N ASP A 44 -2.33 30.00 8.58
CA ASP A 44 -2.25 31.21 7.76
C ASP A 44 -0.79 31.57 7.41
N ALA A 45 0.11 31.46 8.39
CA ALA A 45 1.52 31.77 8.18
C ALA A 45 2.18 30.80 7.20
N PHE A 46 1.92 29.51 7.36
CA PHE A 46 2.45 28.52 6.44
C PHE A 46 1.87 28.69 5.02
N CYS A 47 0.61 29.08 4.91
CA CYS A 47 0.03 29.39 3.60
C CYS A 47 0.74 30.56 2.93
N ASN A 48 0.97 31.62 3.71
CA ASN A 48 1.71 32.77 3.22
C ASN A 48 3.11 32.34 2.72
N ALA A 49 3.83 31.56 3.52
CA ALA A 49 5.15 31.07 3.12
C ALA A 49 5.07 30.24 1.83
N ARG A 50 4.05 29.39 1.73
CA ARG A 50 3.87 28.57 0.53
C ARG A 50 3.65 29.47 -0.69
N GLU A 51 2.89 30.55 -0.52
CA GLU A 51 2.56 31.45 -1.62
C GLU A 51 3.71 32.37 -2.06
N ASP A 52 4.70 32.56 -1.20
CA ASP A 52 5.79 33.50 -1.47
C ASP A 52 6.90 32.83 -2.30
N ASN A 53 7.03 33.21 -3.57
CA ASN A 53 8.01 32.60 -4.47
C ASN A 53 9.46 32.70 -3.99
N ARG A 54 9.70 33.65 -3.09
CA ARG A 54 11.06 33.89 -2.60
C ARG A 54 11.45 32.90 -1.51
N ILE A 55 10.45 32.35 -0.82
CA ILE A 55 10.71 31.49 0.34
C ILE A 55 10.87 30.03 -0.06
N GLY A 56 11.97 29.41 0.34
CA GLY A 56 12.18 28.00 0.05
C GLY A 56 12.20 27.12 1.28
N VAL A 57 12.47 27.74 2.43
CA VAL A 57 12.60 27.00 3.69
C VAL A 57 11.88 27.73 4.82
N VAL A 58 11.12 26.98 5.61
CA VAL A 58 10.46 27.53 6.80
C VAL A 58 11.07 26.90 8.05
N LEU A 59 11.55 27.74 8.97
CA LEU A 59 12.01 27.26 10.27
C LEU A 59 10.84 27.39 11.23
N LEU A 60 10.48 26.30 11.89
CA LEU A 60 9.39 26.33 12.86
C LEU A 60 9.94 26.15 14.28
N THR A 61 9.57 27.03 15.20
CA THR A 61 10.11 26.93 16.56
C THR A 61 9.16 27.54 17.59
N GLY A 62 9.53 27.45 18.87
CA GLY A 62 8.71 28.03 19.91
C GLY A 62 9.51 29.07 20.66
N ALA A 63 8.88 30.19 21.02
CA ALA A 63 9.57 31.23 21.78
C ALA A 63 9.97 30.71 23.15
N GLY A 64 11.16 31.09 23.60
CA GLY A 64 11.62 30.72 24.92
C GLY A 64 12.89 31.46 25.31
N PRO A 65 13.30 31.31 26.57
CA PRO A 65 12.60 30.48 27.55
C PRO A 65 11.51 31.25 28.29
N HIS A 66 10.66 30.52 29.01
CA HIS A 66 9.70 31.14 29.92
C HIS A 66 10.44 31.81 31.08
N SER A 67 9.70 32.51 31.94
CA SER A 67 10.26 33.19 33.11
C SER A 67 11.00 32.26 34.05
N ASP A 68 10.52 31.02 34.15
CA ASP A 68 11.15 30.07 35.07
C ASP A 68 12.38 29.42 34.47
N GLY A 69 12.73 29.84 33.26
CA GLY A 69 13.94 29.37 32.60
C GLY A 69 13.78 28.12 31.77
N LYS A 70 12.56 27.57 31.76
CA LYS A 70 12.28 26.34 31.00
C LYS A 70 11.83 26.65 29.58
N TYR A 71 12.35 25.89 28.61
CA TYR A 71 12.03 26.11 27.20
C TYR A 71 10.93 25.16 26.73
N ALA A 72 10.13 25.64 25.79
CA ALA A 72 9.12 24.80 25.14
C ALA A 72 9.07 25.09 23.63
N PHE A 73 9.02 24.02 22.84
CA PHE A 73 8.81 24.11 21.40
C PHE A 73 7.31 24.19 21.20
N CYS A 74 6.61 23.18 21.69
CA CYS A 74 5.16 23.14 21.66
C CYS A 74 4.70 22.00 22.55
N SER A 75 3.82 22.30 23.50
CA SER A 75 3.39 21.29 24.46
C SER A 75 2.05 20.66 24.08
N GLY A 76 1.59 20.90 22.85
CA GLY A 76 0.36 20.28 22.38
C GLY A 76 -0.86 21.18 22.59
N GLY A 77 -2.05 20.58 22.58
CA GLY A 77 -3.29 21.33 22.69
C GLY A 77 -3.45 22.02 24.02
N ASP A 78 -3.87 23.29 23.98
CA ASP A 78 -4.11 24.07 25.19
C ASP A 78 -5.40 23.61 25.84
N GLN A 79 -5.30 23.09 27.06
CA GLN A 79 -6.48 22.56 27.76
C GLN A 79 -7.31 23.63 28.47
N SER A 80 -6.95 24.90 28.28
CA SER A 80 -7.73 26.00 28.83
C SER A 80 -9.12 26.04 28.21
N ARG A 95 -13.69 25.10 9.09
CA ARG A 95 -12.91 25.33 10.29
C ARG A 95 -11.61 24.55 10.21
N LEU A 96 -10.67 24.83 11.12
CA LEU A 96 -9.36 24.19 11.09
C LEU A 96 -8.90 23.61 12.42
N ASN A 97 -8.41 22.38 12.37
CA ASN A 97 -7.76 21.76 13.51
C ASN A 97 -6.34 21.36 13.11
N VAL A 98 -5.59 20.80 14.04
CA VAL A 98 -4.18 20.49 13.74
C VAL A 98 -3.98 19.46 12.65
N LEU A 99 -5.00 18.67 12.36
CA LEU A 99 -4.91 17.71 11.26
C LEU A 99 -4.76 18.45 9.93
N ASP A 100 -5.51 19.55 9.77
CA ASP A 100 -5.35 20.40 8.58
C ASP A 100 -3.95 20.98 8.55
N LEU A 101 -3.47 21.42 9.71
CA LEU A 101 -2.13 21.98 9.80
C LEU A 101 -1.06 20.94 9.51
N GLN A 102 -1.24 19.72 10.02
CA GLN A 102 -0.30 18.64 9.74
C GLN A 102 -0.18 18.43 8.23
N ARG A 103 -1.31 18.40 7.54
N ARG A 103 -1.32 18.43 7.56
CA ARG A 103 -1.29 18.16 6.09
CA ARG A 103 -1.42 18.19 6.12
C ARG A 103 -0.62 19.25 5.31
C ARG A 103 -0.71 19.25 5.30
N LEU A 104 -0.85 20.50 5.71
CA LEU A 104 -0.24 21.63 5.01
C LEU A 104 1.28 21.59 5.13
N ILE A 105 1.78 21.37 6.34
CA ILE A 105 3.21 21.25 6.56
C ILE A 105 3.81 20.10 5.74
N ARG A 106 3.13 18.97 5.79
CA ARG A 106 3.59 17.77 5.09
C ARG A 106 3.65 17.93 3.56
N SER A 107 2.67 18.64 2.99
CA SER A 107 2.50 18.67 1.53
C SER A 107 3.04 19.90 0.82
N MET A 108 3.21 21.01 1.53
CA MET A 108 3.65 22.23 0.89
C MET A 108 5.03 22.05 0.29
N PRO A 109 5.25 22.58 -0.92
CA PRO A 109 6.50 22.29 -1.65
C PRO A 109 7.66 23.15 -1.18
N LYS A 110 7.80 23.34 0.13
CA LYS A 110 8.95 24.01 0.71
C LYS A 110 9.43 23.13 1.87
N VAL A 111 10.72 23.16 2.18
CA VAL A 111 11.26 22.33 3.25
C VAL A 111 10.93 22.99 4.58
N VAL A 112 10.34 22.23 5.51
CA VAL A 112 10.05 22.77 6.83
C VAL A 112 10.97 22.11 7.86
N ILE A 113 11.73 22.93 8.59
CA ILE A 113 12.63 22.40 9.61
C ILE A 113 12.16 22.81 11.01
N ALA A 114 11.85 21.83 11.84
CA ALA A 114 11.56 22.09 13.25
C ALA A 114 12.85 22.36 14.03
N LEU A 115 12.90 23.50 14.70
CA LEU A 115 14.03 23.81 15.58
C LEU A 115 13.53 23.68 17.00
N VAL A 116 13.88 22.58 17.65
CA VAL A 116 13.27 22.23 18.94
C VAL A 116 14.17 22.59 20.12
N ALA A 117 13.75 23.60 20.88
CA ALA A 117 14.36 23.88 22.17
C ALA A 117 13.37 23.50 23.27
N GLY A 118 13.83 22.73 24.24
CA GLY A 118 12.95 22.26 25.29
C GLY A 118 11.87 21.32 24.81
N TYR A 119 10.70 21.40 25.44
CA TYR A 119 9.64 20.40 25.25
C TYR A 119 8.95 20.46 23.90
N ALA A 120 9.02 19.34 23.18
CA ALA A 120 8.13 19.07 22.05
C ALA A 120 7.29 17.87 22.45
N ILE A 121 6.09 18.15 22.97
CA ILE A 121 5.31 17.19 23.72
C ILE A 121 3.88 17.08 23.16
N GLY A 122 3.31 15.87 23.16
CA GLY A 122 1.91 15.70 22.78
C GLY A 122 1.66 16.08 21.34
N GLY A 123 0.67 16.94 21.10
CA GLY A 123 0.43 17.44 19.76
C GLY A 123 1.64 18.18 19.21
N GLY A 124 2.44 18.74 20.10
CA GLY A 124 3.66 19.43 19.71
C GLY A 124 4.75 18.49 19.24
N HIS A 125 4.73 17.26 19.74
CA HIS A 125 5.64 16.24 19.23
C HIS A 125 5.29 15.85 17.79
N VAL A 126 4.00 15.66 17.52
CA VAL A 126 3.59 15.28 16.16
C VAL A 126 3.91 16.38 15.14
N LEU A 127 3.75 17.64 15.55
CA LEU A 127 4.16 18.78 14.72
C LEU A 127 5.63 18.70 14.30
N HIS A 128 6.51 18.40 15.24
CA HIS A 128 7.92 18.25 14.90
C HIS A 128 8.08 17.09 13.91
N LEU A 129 7.37 15.98 14.15
CA LEU A 129 7.49 14.81 13.28
C LEU A 129 7.12 15.08 11.83
N VAL A 130 6.05 15.83 11.60
CA VAL A 130 5.60 16.05 10.21
C VAL A 130 6.40 17.10 9.47
N CYS A 131 7.19 17.88 10.19
CA CYS A 131 8.17 18.75 9.50
C CYS A 131 9.18 17.86 8.79
N ASP A 132 9.71 18.30 7.65
CA ASP A 132 10.67 17.47 6.90
C ASP A 132 11.85 17.04 7.76
N LEU A 133 12.40 18.00 8.50
CA LEU A 133 13.63 17.81 9.27
C LEU A 133 13.45 18.36 10.67
N THR A 134 14.24 17.85 11.61
CA THR A 134 14.25 18.38 12.97
C THR A 134 15.67 18.59 13.45
N ILE A 135 15.95 19.81 13.87
CA ILE A 135 17.19 20.10 14.57
C ILE A 135 16.84 20.37 16.02
N ALA A 136 17.50 19.65 16.93
CA ALA A 136 17.21 19.75 18.36
C ALA A 136 18.33 20.48 19.08
N ALA A 137 17.95 21.29 20.06
CA ALA A 137 18.92 21.83 21.00
C ALA A 137 19.26 20.72 22.00
N ASP A 138 20.41 20.86 22.66
CA ASP A 138 20.80 19.91 23.69
C ASP A 138 19.75 19.73 24.79
N ASN A 139 18.94 20.77 25.02
CA ASN A 139 17.94 20.73 26.08
C ASN A 139 16.55 20.25 25.63
N ALA A 140 16.48 19.74 24.41
CA ALA A 140 15.20 19.34 23.85
C ALA A 140 14.66 18.08 24.54
N ILE A 141 13.35 18.01 24.71
CA ILE A 141 12.69 16.86 25.34
C ILE A 141 11.52 16.44 24.45
N PHE A 142 11.42 15.14 24.16
CA PHE A 142 10.44 14.63 23.21
C PHE A 142 9.54 13.58 23.85
N GLY A 143 8.27 13.53 23.45
CA GLY A 143 7.36 12.51 23.95
C GLY A 143 5.89 12.74 23.60
N GLN A 144 5.10 11.68 23.68
CA GLN A 144 3.65 11.80 23.50
C GLN A 144 2.97 11.79 24.85
N THR A 145 1.71 12.22 24.91
CA THR A 145 1.00 12.32 26.19
C THR A 145 -0.42 11.80 26.14
N GLY A 146 -0.93 11.58 24.94
CA GLY A 146 -2.32 11.20 24.75
C GLY A 146 -2.93 10.18 25.70
N PRO A 147 -2.40 8.95 25.70
CA PRO A 147 -2.94 7.90 26.57
C PRO A 147 -2.91 8.29 28.05
N LYS A 148 -2.09 9.29 28.38
CA LYS A 148 -1.97 9.77 29.75
C LYS A 148 -3.00 10.86 30.05
N VAL A 149 -3.23 11.75 29.08
CA VAL A 149 -4.10 12.91 29.31
C VAL A 149 -5.51 12.71 28.76
N GLY A 150 -5.66 11.72 27.88
CA GLY A 150 -6.96 11.39 27.32
C GLY A 150 -7.13 11.80 25.87
N SER A 151 -6.20 11.35 25.03
CA SER A 151 -6.28 11.61 23.59
C SER A 151 -5.38 10.62 22.89
N PHE A 152 -5.37 10.66 21.56
CA PHE A 152 -4.38 9.91 20.78
C PHE A 152 -4.33 10.44 19.35
N ASP A 153 -3.19 10.30 18.70
CA ASP A 153 -3.07 10.63 17.29
C ASP A 153 -2.68 9.34 16.57
N GLY A 154 -3.67 8.67 15.98
CA GLY A 154 -3.41 7.41 15.30
C GLY A 154 -3.17 7.62 13.81
N GLY A 155 -2.94 8.88 13.44
CA GLY A 155 -2.68 9.24 12.06
C GLY A 155 -1.20 9.32 11.79
N PHE A 156 -0.72 10.49 11.35
CA PHE A 156 0.71 10.67 11.16
C PHE A 156 1.48 10.52 12.48
N GLY A 157 0.81 10.73 13.61
CA GLY A 157 1.46 10.57 14.90
C GLY A 157 1.92 9.15 15.19
N SER A 158 1.27 8.18 14.54
CA SER A 158 1.64 6.78 14.74
C SER A 158 2.36 6.21 13.52
N SER A 159 1.65 6.07 12.42
CA SER A 159 2.20 5.47 11.21
C SER A 159 3.46 6.18 10.74
N TYR A 160 3.39 7.51 10.60
CA TYR A 160 4.58 8.25 10.14
C TYR A 160 5.73 8.15 11.14
N LEU A 161 5.41 8.17 12.43
CA LEU A 161 6.45 8.00 13.46
C LEU A 161 7.17 6.66 13.26
N ALA A 162 6.39 5.64 12.93
CA ALA A 162 6.98 4.33 12.68
C ALA A 162 7.92 4.32 11.45
N ARG A 163 7.62 5.16 10.46
CA ARG A 163 8.48 5.29 9.27
C ARG A 163 9.76 6.05 9.59
N ILE A 164 9.85 6.55 10.82
CA ILE A 164 11.03 7.30 11.24
C ILE A 164 11.88 6.51 12.25
N VAL A 165 11.24 5.97 13.29
CA VAL A 165 11.98 5.28 14.35
C VAL A 165 11.80 3.77 14.38
N GLY A 166 10.94 3.25 13.49
CA GLY A 166 10.69 1.82 13.46
C GLY A 166 9.51 1.45 14.34
N GLN A 167 8.93 0.28 14.12
CA GLN A 167 7.70 -0.10 14.82
C GLN A 167 7.88 -0.30 16.32
N LYS A 168 9.02 -0.87 16.74
CA LYS A 168 9.23 -1.11 18.16
C LYS A 168 9.28 0.19 18.99
N LYS A 169 10.15 1.11 18.59
CA LYS A 169 10.32 2.37 19.34
C LYS A 169 9.08 3.25 19.27
N ALA A 170 8.38 3.21 18.14
CA ALA A 170 7.18 4.03 17.96
C ALA A 170 6.07 3.61 18.94
N ARG A 171 5.89 2.30 19.11
CA ARG A 171 4.89 1.81 20.06
C ARG A 171 5.29 2.17 21.49
N GLU A 172 6.58 2.05 21.80
CA GLU A 172 7.09 2.39 23.12
C GLU A 172 6.77 3.84 23.46
N ILE A 173 7.06 4.73 22.50
CA ILE A 173 6.81 6.16 22.68
C ILE A 173 5.35 6.43 23.06
N TRP A 174 4.43 5.79 22.36
CA TRP A 174 2.99 6.02 22.59
C TRP A 174 2.41 5.29 23.81
N TYR A 175 2.82 4.04 24.04
CA TYR A 175 2.20 3.24 25.10
C TYR A 175 2.61 3.71 26.48
N LEU A 176 3.85 4.17 26.61
CA LEU A 176 4.37 4.52 27.94
C LEU A 176 4.36 6.03 28.17
N CYS A 177 4.38 6.81 27.09
CA CYS A 177 4.35 8.27 27.21
C CYS A 177 5.49 8.80 28.08
N ARG A 178 6.68 8.24 27.89
CA ARG A 178 7.86 8.74 28.61
C ARG A 178 8.43 9.94 27.87
N GLN A 179 9.41 10.59 28.49
CA GLN A 179 10.13 11.69 27.85
C GLN A 179 11.51 11.25 27.39
N TYR A 180 11.95 11.77 26.25
CA TYR A 180 13.21 11.38 25.64
C TYR A 180 14.11 12.60 25.47
N SER A 181 15.40 12.45 25.77
CA SER A 181 16.35 13.54 25.60
C SER A 181 16.65 13.78 24.12
N ALA A 182 17.30 14.89 23.81
CA ALA A 182 17.71 15.18 22.43
C ALA A 182 18.62 14.08 21.90
N GLN A 183 19.56 13.66 22.74
CA GLN A 183 20.51 12.63 22.35
C GLN A 183 19.80 11.30 22.06
N GLU A 184 18.79 10.96 22.87
CA GLU A 184 17.99 9.76 22.63
C GLU A 184 17.17 9.86 21.34
N ALA A 185 16.59 11.03 21.09
CA ALA A 185 15.78 11.22 19.88
C ALA A 185 16.65 11.11 18.64
N GLU A 186 17.89 11.59 18.73
CA GLU A 186 18.79 11.48 17.60
C GLU A 186 19.16 10.02 17.35
N ARG A 187 19.53 9.31 18.41
CA ARG A 187 19.89 7.90 18.28
C ARG A 187 18.77 7.05 17.64
N MET A 188 17.52 7.35 17.96
CA MET A 188 16.42 6.56 17.44
C MET A 188 16.01 6.99 16.04
N GLY A 189 16.56 8.10 15.57
CA GLY A 189 16.41 8.49 14.17
C GLY A 189 15.39 9.58 13.87
N MET A 190 14.80 10.20 14.89
CA MET A 190 13.75 11.21 14.64
C MET A 190 14.23 12.65 14.75
N VAL A 191 15.49 12.83 15.14
CA VAL A 191 16.11 14.14 15.16
C VAL A 191 17.32 14.09 14.23
N ASN A 192 17.49 15.09 13.37
CA ASN A 192 18.56 15.04 12.38
C ASN A 192 19.95 15.39 12.92
N THR A 193 19.98 16.31 13.88
CA THR A 193 21.23 16.69 14.54
C THR A 193 20.92 17.41 15.85
N VAL A 194 21.89 17.48 16.74
CA VAL A 194 21.72 18.12 18.04
C VAL A 194 22.82 19.17 18.20
N VAL A 195 22.44 20.38 18.64
CA VAL A 195 23.40 21.49 18.79
C VAL A 195 23.11 22.24 20.08
N PRO A 196 24.11 23.00 20.61
CA PRO A 196 23.82 23.77 21.82
C PRO A 196 22.64 24.73 21.60
N VAL A 197 21.91 25.07 22.65
CA VAL A 197 20.70 25.87 22.46
C VAL A 197 21.02 27.27 21.92
N ASP A 198 22.17 27.82 22.31
CA ASP A 198 22.55 29.13 21.77
C ASP A 198 23.07 29.06 20.32
N ARG A 199 23.08 27.86 19.73
CA ARG A 199 23.48 27.71 18.33
C ARG A 199 22.33 27.19 17.47
N LEU A 200 21.18 26.97 18.11
CA LEU A 200 20.05 26.34 17.44
C LEU A 200 19.55 27.12 16.23
N GLU A 201 19.34 28.43 16.40
CA GLU A 201 18.90 29.24 15.27
C GLU A 201 19.94 29.27 14.14
N GLU A 202 21.21 29.49 14.51
CA GLU A 202 22.32 29.49 13.55
C GLU A 202 22.37 28.21 12.73
N GLU A 203 22.18 27.08 13.40
CA GLU A 203 22.20 25.79 12.71
C GLU A 203 21.04 25.70 11.71
N GLY A 204 19.87 26.14 12.14
CA GLY A 204 18.70 26.16 11.26
C GLY A 204 18.94 27.03 10.04
N ILE A 205 19.48 28.22 10.26
CA ILE A 205 19.78 29.13 9.17
C ILE A 205 20.80 28.51 8.22
N GLN A 206 21.84 27.88 8.77
CA GLN A 206 22.82 27.20 7.94
C GLN A 206 22.21 26.09 7.09
N TRP A 207 21.39 25.24 7.69
CA TRP A 207 20.74 24.16 6.95
C TRP A 207 19.85 24.77 5.86
N ALA A 208 19.12 25.82 6.22
CA ALA A 208 18.24 26.53 5.28
C ALA A 208 19.04 27.02 4.08
N LYS A 209 20.19 27.65 4.35
CA LYS A 209 21.05 28.13 3.28
C LYS A 209 21.56 27.04 2.33
N GLU A 210 21.90 25.87 2.85
CA GLU A 210 22.37 24.79 1.98
C GLU A 210 21.25 24.32 1.06
N ILE A 211 20.04 24.27 1.59
CA ILE A 211 18.87 23.92 0.76
C ILE A 211 18.55 25.01 -0.27
N LEU A 212 18.66 26.26 0.15
CA LEU A 212 18.31 27.37 -0.74
C LEU A 212 19.21 27.50 -1.97
N SER A 213 20.34 26.81 -1.97
CA SER A 213 21.26 26.84 -3.11
C SER A 213 21.01 25.67 -4.07
N LYS A 214 20.02 24.83 -3.76
CA LYS A 214 19.69 23.68 -4.59
C LYS A 214 18.64 24.06 -5.63
N SER A 215 18.42 23.17 -6.58
CA SER A 215 17.35 23.32 -7.57
C SER A 215 15.97 23.19 -6.90
N PRO A 216 15.17 24.27 -6.92
CA PRO A 216 13.84 24.23 -6.32
C PRO A 216 12.94 23.12 -6.87
N LEU A 217 12.98 22.87 -8.18
CA LEU A 217 12.17 21.79 -8.76
C LEU A 217 12.59 20.42 -8.23
N ALA A 218 13.90 20.19 -8.16
CA ALA A 218 14.40 18.89 -7.69
C ALA A 218 13.94 18.67 -6.25
N ILE A 219 14.08 19.70 -5.42
CA ILE A 219 13.66 19.64 -4.03
C ILE A 219 12.17 19.33 -3.86
N ARG A 220 11.31 20.05 -4.59
CA ARG A 220 9.89 19.80 -4.46
C ARG A 220 9.51 18.41 -4.96
N CYS A 221 10.15 17.94 -6.03
CA CYS A 221 9.86 16.59 -6.52
C CYS A 221 10.27 15.52 -5.52
N LEU A 222 11.45 15.70 -4.92
CA LEU A 222 11.88 14.81 -3.84
C LEU A 222 10.92 14.77 -2.66
N LYS A 223 10.45 15.94 -2.22
CA LYS A 223 9.53 15.96 -1.08
C LYS A 223 8.27 15.16 -1.41
N ALA A 224 7.73 15.36 -2.61
CA ALA A 224 6.56 14.60 -3.06
C ALA A 224 6.88 13.10 -3.13
N ALA A 225 8.07 12.78 -3.60
CA ALA A 225 8.50 11.38 -3.71
C ALA A 225 8.53 10.69 -2.36
N PHE A 226 9.01 11.41 -1.35
CA PHE A 226 9.01 10.87 0.02
C PHE A 226 7.59 10.68 0.56
N ASN A 227 6.73 11.68 0.37
CA ASN A 227 5.33 11.53 0.78
C ASN A 227 4.64 10.40 0.05
N ALA A 228 5.05 10.17 -1.20
CA ALA A 228 4.45 9.10 -2.01
C ALA A 228 4.72 7.70 -1.45
N ASP A 229 5.76 7.55 -0.64
CA ASP A 229 6.02 6.25 0.00
C ASP A 229 5.03 6.00 1.13
N CYS A 230 4.27 7.02 1.50
CA CYS A 230 3.40 6.95 2.70
C CYS A 230 1.92 7.13 2.40
N ASP A 231 1.62 8.05 1.49
CA ASP A 231 0.25 8.57 1.35
C ASP A 231 -0.58 8.06 0.17
N GLY A 232 -0.20 6.89 -0.35
CA GLY A 232 -0.96 6.22 -1.40
C GLY A 232 -1.30 7.19 -2.52
N GLN A 233 -2.58 7.27 -2.89
CA GLN A 233 -2.98 8.09 -4.02
C GLN A 233 -2.82 9.58 -3.79
N ALA A 234 -2.90 10.02 -2.54
CA ALA A 234 -2.65 11.45 -2.24
C ALA A 234 -1.19 11.79 -2.51
N GLY A 235 -0.31 10.85 -2.18
CA GLY A 235 1.09 11.00 -2.53
C GLY A 235 1.30 10.98 -4.03
N LEU A 236 0.60 10.09 -4.74
CA LEU A 236 0.65 10.09 -6.20
C LEU A 236 0.20 11.41 -6.77
N GLN A 237 -0.83 12.00 -6.17
CA GLN A 237 -1.35 13.29 -6.64
C GLN A 237 -0.24 14.36 -6.61
N GLU A 238 0.54 14.38 -5.53
CA GLU A 238 1.66 15.34 -5.40
C GLU A 238 2.78 15.06 -6.39
N LEU A 239 3.18 13.81 -6.49
CA LEU A 239 4.28 13.43 -7.37
C LEU A 239 3.89 13.61 -8.83
N ALA A 240 2.74 13.06 -9.22
CA ALA A 240 2.26 13.25 -10.58
C ALA A 240 1.93 14.72 -10.87
N GLY A 241 1.48 15.44 -9.84
CA GLY A 241 1.21 16.87 -9.96
C GLY A 241 2.47 17.64 -10.35
N ASN A 242 3.59 17.24 -9.77
CA ASN A 242 4.88 17.84 -10.11
C ASN A 242 5.32 17.48 -11.52
N ALA A 243 5.04 16.25 -11.92
CA ALA A 243 5.34 15.84 -13.29
C ALA A 243 4.53 16.68 -14.29
N THR A 244 3.26 16.94 -13.98
CA THR A 244 2.45 17.79 -14.88
C THR A 244 3.07 19.19 -14.97
N LEU A 245 3.48 19.74 -13.83
CA LEU A 245 4.09 21.06 -13.79
C LEU A 245 5.37 21.11 -14.63
N LEU A 246 6.21 20.08 -14.48
CA LEU A 246 7.45 19.99 -15.27
C LEU A 246 7.12 19.88 -16.74
N TYR A 247 6.14 19.04 -17.06
CA TYR A 247 5.67 18.88 -18.45
C TYR A 247 5.32 20.21 -19.10
N TYR A 248 4.61 21.06 -18.36
CA TYR A 248 4.22 22.37 -18.87
C TYR A 248 5.43 23.24 -19.23
N MET A 249 6.58 22.94 -18.64
CA MET A 249 7.79 23.73 -18.88
C MET A 249 8.71 23.12 -19.94
N THR A 250 8.24 22.08 -20.61
CA THR A 250 9.00 21.47 -21.69
C THR A 250 8.52 21.98 -23.05
N GLU A 251 9.33 21.79 -24.08
CA GLU A 251 8.95 22.18 -25.42
C GLU A 251 7.66 21.47 -25.83
N GLU A 252 7.63 20.15 -25.65
CA GLU A 252 6.45 19.39 -26.00
C GLU A 252 5.22 19.82 -25.20
N GLY A 253 5.42 20.10 -23.91
CA GLY A 253 4.34 20.62 -23.08
C GLY A 253 3.85 21.99 -23.54
N SER A 254 4.74 22.77 -24.12
CA SER A 254 4.39 24.12 -24.60
C SER A 254 3.53 24.13 -25.87
N GLU A 255 3.62 23.06 -26.67
CA GLU A 255 2.84 22.98 -27.92
C GLU A 255 1.35 23.15 -27.66
N GLY A 256 0.88 22.60 -26.54
CA GLY A 256 -0.50 22.77 -26.13
C GLY A 256 -0.88 24.23 -26.01
N LYS A 257 -0.06 25.01 -25.30
CA LYS A 257 -0.30 26.43 -25.08
C LYS A 257 -0.15 27.22 -26.39
N GLN A 258 0.91 26.94 -27.13
CA GLN A 258 1.16 27.61 -28.40
C GLN A 258 0.00 27.38 -29.37
N ALA A 259 -0.45 26.13 -29.45
CA ALA A 259 -1.51 25.75 -30.38
C ALA A 259 -2.81 26.49 -30.08
N PHE A 260 -3.17 26.56 -28.81
CA PHE A 260 -4.38 27.28 -28.41
C PHE A 260 -4.25 28.76 -28.76
N LEU A 261 -3.06 29.31 -28.55
CA LEU A 261 -2.81 30.74 -28.74
C LEU A 261 -2.62 31.09 -30.22
N GLU A 262 -2.45 30.07 -31.04
CA GLU A 262 -2.38 30.26 -32.49
C GLU A 262 -3.67 29.75 -33.12
N LYS A 263 -4.64 29.40 -32.26
CA LYS A 263 -5.94 28.89 -32.69
C LYS A 263 -5.81 27.78 -33.73
N ARG A 264 -5.26 26.65 -33.30
CA ARG A 264 -5.01 25.53 -34.19
C ARG A 264 -4.90 24.27 -33.36
N PRO A 265 -5.09 23.10 -34.00
CA PRO A 265 -4.93 21.84 -33.27
C PRO A 265 -3.50 21.68 -32.74
N PRO A 266 -3.36 21.26 -31.48
CA PRO A 266 -2.03 20.92 -30.97
C PRO A 266 -1.47 19.79 -31.82
N ASP A 267 -0.22 19.88 -32.25
CA ASP A 267 0.35 18.80 -33.03
C ASP A 267 1.62 18.25 -32.41
N PHE A 268 1.54 17.01 -32.00
CA PHE A 268 2.64 16.35 -31.33
C PHE A 268 3.32 15.35 -32.26
N SER A 269 3.02 15.47 -33.55
CA SER A 269 3.47 14.49 -34.54
C SER A 269 4.99 14.27 -34.58
N GLN A 270 5.75 15.33 -34.32
CA GLN A 270 7.20 15.25 -34.48
C GLN A 270 7.94 14.79 -33.23
N TYR A 271 7.23 14.61 -32.12
CA TYR A 271 7.89 14.21 -30.88
C TYR A 271 8.09 12.69 -30.84
N PRO A 272 9.28 12.26 -30.39
CA PRO A 272 9.60 10.82 -30.36
C PRO A 272 8.91 10.10 -29.20
N TRP A 273 8.78 8.80 -29.33
CA TRP A 273 8.35 7.96 -28.23
C TRP A 273 9.62 7.34 -27.64
N LEU A 274 10.19 8.00 -26.64
CA LEU A 274 11.49 7.60 -26.08
C LEU A 274 11.43 6.28 -25.30
N PRO A 275 12.60 5.60 -25.17
CA PRO A 275 12.61 4.31 -24.47
C PRO A 275 12.33 4.47 -22.98
N MET B 1 -27.78 -34.45 -3.17
CA MET B 1 -26.67 -34.54 -2.23
C MET B 1 -27.17 -35.00 -0.88
N ASP B 2 -26.67 -36.15 -0.41
CA ASP B 2 -27.06 -36.61 0.90
C ASP B 2 -26.15 -36.02 1.97
N TRP B 3 -26.61 -34.93 2.56
CA TRP B 3 -25.91 -34.27 3.64
C TRP B 3 -25.97 -35.07 4.93
N HIS B 4 -24.86 -35.13 5.65
CA HIS B 4 -24.89 -35.64 7.01
C HIS B 4 -24.47 -34.57 8.00
N ILE B 5 -25.08 -34.59 9.18
CA ILE B 5 -24.78 -33.59 10.20
C ILE B 5 -23.43 -33.87 10.83
N ALA B 6 -22.57 -32.85 10.88
CA ALA B 6 -21.21 -33.03 11.40
C ALA B 6 -21.12 -32.60 12.86
N LYS B 7 -21.97 -31.66 13.25
CA LYS B 7 -21.94 -31.09 14.59
C LYS B 7 -23.24 -30.34 14.90
N HIS B 8 -23.66 -30.40 16.16
CA HIS B 8 -24.91 -29.77 16.61
C HIS B 8 -24.71 -28.43 17.31
N TYR B 9 -25.52 -27.44 16.95
CA TYR B 9 -25.46 -26.10 17.51
C TYR B 9 -26.87 -25.62 17.84
N ASP B 10 -26.99 -24.46 18.48
CA ASP B 10 -28.32 -23.91 18.79
C ASP B 10 -28.84 -22.97 17.71
N ASP B 11 -27.96 -22.14 17.16
CA ASP B 11 -28.33 -21.07 16.24
C ASP B 11 -28.05 -21.38 14.78
N ILE B 12 -27.27 -22.43 14.52
CA ILE B 12 -26.88 -22.76 13.15
C ILE B 12 -26.98 -24.25 12.88
N LEU B 13 -26.88 -24.62 11.60
CA LEU B 13 -26.81 -26.01 11.20
C LEU B 13 -25.50 -26.23 10.44
N TYR B 14 -24.97 -27.45 10.49
CA TYR B 14 -23.66 -27.73 9.90
C TYR B 14 -23.62 -29.14 9.30
N TYR B 15 -23.57 -29.21 7.97
CA TYR B 15 -23.60 -30.48 7.27
C TYR B 15 -22.32 -30.70 6.46
N LYS B 16 -22.03 -31.97 6.16
CA LYS B 16 -20.94 -32.32 5.25
C LYS B 16 -21.38 -33.40 4.28
N ALA B 17 -20.80 -33.37 3.08
CA ALA B 17 -21.00 -34.42 2.08
C ALA B 17 -19.84 -34.37 1.10
N GLY B 18 -19.02 -35.41 1.09
CA GLY B 18 -17.81 -35.42 0.29
C GLY B 18 -16.94 -34.24 0.68
N GLY B 19 -16.47 -33.50 -0.32
CA GLY B 19 -15.62 -32.35 -0.07
C GLY B 19 -16.34 -31.03 0.19
N ILE B 20 -17.64 -31.09 0.43
CA ILE B 20 -18.43 -29.88 0.66
C ILE B 20 -18.98 -29.83 2.08
N ALA B 21 -18.80 -28.68 2.73
CA ALA B 21 -19.47 -28.42 3.99
C ALA B 21 -20.54 -27.36 3.78
N LYS B 22 -21.65 -27.45 4.52
CA LYS B 22 -22.69 -26.43 4.46
C LYS B 22 -23.02 -25.88 5.83
N ILE B 23 -22.88 -24.57 5.98
CA ILE B 23 -23.20 -23.90 7.22
C ILE B 23 -24.45 -23.08 7.01
N VAL B 24 -25.47 -23.35 7.81
CA VAL B 24 -26.77 -22.70 7.66
C VAL B 24 -27.11 -21.87 8.90
N ILE B 25 -27.23 -20.55 8.72
CA ILE B 25 -27.73 -19.69 9.78
C ILE B 25 -29.21 -20.03 10.00
N ASN B 26 -29.54 -20.42 11.22
CA ASN B 26 -30.89 -20.94 11.49
C ASN B 26 -31.64 -20.18 12.56
N ARG B 27 -31.83 -18.88 12.35
CA ARG B 27 -32.74 -18.08 13.19
C ARG B 27 -33.75 -17.34 12.32
N PRO B 28 -34.55 -18.07 11.52
CA PRO B 28 -35.45 -17.39 10.55
C PRO B 28 -36.52 -16.55 11.22
N HIS B 29 -36.82 -16.80 12.49
CA HIS B 29 -37.80 -16.00 13.22
C HIS B 29 -37.27 -14.61 13.55
N LYS B 30 -35.97 -14.40 13.35
CA LYS B 30 -35.37 -13.08 13.49
C LYS B 30 -34.62 -12.72 12.21
N ARG B 31 -35.13 -13.21 11.08
CA ARG B 31 -34.53 -12.94 9.77
C ARG B 31 -33.06 -13.33 9.71
N ASN B 32 -32.73 -14.40 10.42
CA ASN B 32 -31.37 -14.94 10.46
C ASN B 32 -30.33 -13.91 10.90
N ALA B 33 -30.74 -13.01 11.79
CA ALA B 33 -29.82 -12.10 12.46
C ALA B 33 -28.92 -12.93 13.37
N PHE B 34 -27.68 -12.47 13.56
CA PHE B 34 -26.79 -13.20 14.47
C PHE B 34 -26.68 -12.53 15.83
N ARG B 35 -26.79 -13.34 16.88
CA ARG B 35 -26.48 -12.87 18.23
C ARG B 35 -25.06 -13.37 18.53
N PRO B 36 -24.46 -12.97 19.67
CA PRO B 36 -23.10 -13.43 19.92
C PRO B 36 -22.93 -14.95 19.87
N GLN B 37 -23.89 -15.69 20.40
CA GLN B 37 -23.81 -17.16 20.35
C GLN B 37 -23.73 -17.65 18.91
N THR B 38 -24.50 -17.01 18.03
CA THR B 38 -24.51 -17.35 16.61
C THR B 38 -23.12 -17.18 16.00
N VAL B 39 -22.46 -16.08 16.33
CA VAL B 39 -21.11 -15.80 15.81
C VAL B 39 -20.12 -16.85 16.31
N PHE B 40 -20.25 -17.22 17.59
CA PHE B 40 -19.37 -18.21 18.18
C PHE B 40 -19.55 -19.56 17.51
N GLU B 41 -20.80 -19.92 17.25
CA GLU B 41 -21.09 -21.21 16.62
C GLU B 41 -20.62 -21.23 15.17
N LEU B 42 -20.84 -20.13 14.46
CA LEU B 42 -20.35 -19.97 13.10
C LEU B 42 -18.82 -20.11 13.06
N TYR B 43 -18.15 -19.49 14.03
CA TYR B 43 -16.69 -19.53 14.07
C TYR B 43 -16.23 -20.98 14.26
N ASP B 44 -16.87 -21.69 15.18
CA ASP B 44 -16.48 -23.07 15.48
C ASP B 44 -16.68 -23.97 14.27
N ALA B 45 -17.79 -23.80 13.56
CA ALA B 45 -18.08 -24.58 12.37
C ALA B 45 -17.07 -24.35 11.26
N PHE B 46 -16.73 -23.08 11.00
CA PHE B 46 -15.72 -22.76 10.01
C PHE B 46 -14.34 -23.31 10.40
N CYS B 47 -14.02 -23.28 11.69
CA CYS B 47 -12.77 -23.85 12.17
C CYS B 47 -12.73 -25.35 11.90
N ASN B 48 -13.85 -26.01 12.18
CA ASN B 48 -13.97 -27.44 11.92
C ASN B 48 -13.78 -27.75 10.43
N ALA B 49 -14.44 -26.98 9.57
CA ALA B 49 -14.29 -27.14 8.14
C ALA B 49 -12.85 -26.91 7.72
N ARG B 50 -12.21 -25.91 8.34
CA ARG B 50 -10.81 -25.62 8.05
C ARG B 50 -9.91 -26.81 8.40
N GLU B 51 -10.24 -27.48 9.50
CA GLU B 51 -9.39 -28.55 9.99
C GLU B 51 -9.68 -29.92 9.39
N ASP B 52 -10.77 -30.02 8.64
CA ASP B 52 -11.13 -31.29 7.99
C ASP B 52 -10.48 -31.38 6.62
N ASN B 53 -9.52 -32.30 6.49
CA ASN B 53 -8.73 -32.44 5.26
C ASN B 53 -9.54 -32.81 4.00
N ARG B 54 -10.73 -33.36 4.15
CA ARG B 54 -11.53 -33.72 2.99
C ARG B 54 -12.42 -32.57 2.52
N ILE B 55 -12.58 -31.54 3.34
CA ILE B 55 -13.41 -30.40 2.98
C ILE B 55 -12.63 -29.35 2.20
N GLY B 56 -13.07 -29.05 0.98
CA GLY B 56 -12.41 -28.06 0.15
C GLY B 56 -13.25 -26.81 -0.06
N VAL B 57 -14.56 -26.98 0.04
CA VAL B 57 -15.49 -25.88 -0.22
C VAL B 57 -16.53 -25.80 0.88
N VAL B 58 -16.81 -24.59 1.34
CA VAL B 58 -17.87 -24.36 2.33
C VAL B 58 -18.96 -23.49 1.73
N LEU B 59 -20.20 -23.94 1.86
CA LEU B 59 -21.36 -23.18 1.42
C LEU B 59 -21.99 -22.51 2.64
N LEU B 60 -22.11 -21.18 2.61
CA LEU B 60 -22.74 -20.44 3.70
C LEU B 60 -24.12 -19.95 3.24
N THR B 61 -25.15 -20.26 4.01
CA THR B 61 -26.49 -19.81 3.64
C THR B 61 -27.36 -19.56 4.87
N GLY B 62 -28.59 -19.11 4.63
CA GLY B 62 -29.55 -18.90 5.70
C GLY B 62 -30.76 -19.79 5.49
N ALA B 63 -31.27 -20.39 6.56
CA ALA B 63 -32.46 -21.23 6.46
C ALA B 63 -33.66 -20.39 6.07
N GLY B 64 -34.53 -20.96 5.25
CA GLY B 64 -35.70 -20.26 4.76
C GLY B 64 -36.59 -21.18 3.95
N PRO B 65 -37.82 -20.75 3.67
CA PRO B 65 -38.37 -19.44 4.06
C PRO B 65 -38.92 -19.44 5.49
N HIS B 66 -39.17 -18.24 6.01
CA HIS B 66 -39.89 -18.08 7.28
C HIS B 66 -41.35 -18.50 7.10
N SER B 67 -42.12 -18.52 8.18
CA SER B 67 -43.54 -18.87 8.11
C SER B 67 -44.31 -17.92 7.19
N ASP B 68 -43.89 -16.66 7.15
CA ASP B 68 -44.59 -15.66 6.37
C ASP B 68 -44.23 -15.74 4.88
N GLY B 69 -43.42 -16.73 4.53
CA GLY B 69 -43.05 -16.95 3.14
C GLY B 69 -41.86 -16.14 2.66
N LYS B 70 -41.28 -15.34 3.55
CA LYS B 70 -40.16 -14.48 3.17
C LYS B 70 -38.80 -15.08 3.54
N TYR B 71 -37.82 -14.91 2.67
CA TYR B 71 -36.50 -15.50 2.84
C TYR B 71 -35.45 -14.55 3.42
N ALA B 72 -34.52 -15.10 4.19
CA ALA B 72 -33.40 -14.32 4.71
C ALA B 72 -32.10 -15.10 4.65
N PHE B 73 -31.04 -14.46 4.15
CA PHE B 73 -29.68 -14.99 4.25
C PHE B 73 -29.13 -14.66 5.63
N CYS B 74 -29.06 -13.36 5.93
CA CYS B 74 -28.62 -12.87 7.24
C CYS B 74 -28.94 -11.38 7.33
N SER B 75 -29.68 -10.98 8.35
CA SER B 75 -30.08 -9.58 8.47
C SER B 75 -29.15 -8.75 9.35
N GLY B 76 -28.02 -9.35 9.75
CA GLY B 76 -27.02 -8.65 10.52
C GLY B 76 -27.07 -8.93 12.01
N GLY B 77 -26.62 -7.96 12.82
CA GLY B 77 -26.61 -8.14 14.26
C GLY B 77 -28.00 -8.08 14.87
N ASP B 78 -28.29 -9.00 15.79
CA ASP B 78 -29.60 -9.07 16.42
C ASP B 78 -29.87 -7.87 17.32
N ARG B 95 -13.53 -12.84 24.13
CA ARG B 95 -14.76 -12.95 23.37
C ARG B 95 -14.44 -12.86 21.89
N LEU B 96 -15.31 -13.46 21.06
CA LEU B 96 -15.20 -13.33 19.62
C LEU B 96 -16.37 -12.50 19.10
N ASN B 97 -16.11 -11.63 18.14
CA ASN B 97 -17.19 -10.90 17.50
C ASN B 97 -17.15 -11.12 16.00
N VAL B 98 -17.99 -10.40 15.26
CA VAL B 98 -18.11 -10.67 13.84
C VAL B 98 -16.84 -10.33 13.07
N LEU B 99 -16.01 -9.45 13.64
CA LEU B 99 -14.73 -9.14 13.02
C LEU B 99 -13.80 -10.36 12.99
N ASP B 100 -13.81 -11.13 14.08
CA ASP B 100 -13.04 -12.37 14.12
C ASP B 100 -13.53 -13.35 13.06
N LEU B 101 -14.85 -13.50 12.98
CA LEU B 101 -15.47 -14.36 11.98
C LEU B 101 -15.14 -13.92 10.55
N GLN B 102 -15.16 -12.60 10.31
CA GLN B 102 -14.83 -12.07 8.98
C GLN B 102 -13.45 -12.51 8.54
N ARG B 103 -12.49 -12.42 9.46
CA ARG B 103 -11.11 -12.77 9.18
C ARG B 103 -10.93 -14.25 8.90
N LEU B 104 -11.68 -15.07 9.62
CA LEU B 104 -11.56 -16.51 9.49
C LEU B 104 -12.06 -16.96 8.12
N ILE B 105 -13.21 -16.45 7.72
CA ILE B 105 -13.76 -16.75 6.41
C ILE B 105 -12.80 -16.29 5.31
N ARG B 106 -12.25 -15.09 5.50
CA ARG B 106 -11.38 -14.47 4.52
C ARG B 106 -10.06 -15.20 4.33
N SER B 107 -9.49 -15.71 5.42
CA SER B 107 -8.14 -16.26 5.40
C SER B 107 -8.02 -17.78 5.34
N MET B 108 -9.10 -18.48 5.67
CA MET B 108 -9.04 -19.95 5.68
C MET B 108 -8.82 -20.48 4.26
N PRO B 109 -7.91 -21.45 4.11
CA PRO B 109 -7.48 -21.95 2.79
C PRO B 109 -8.46 -22.92 2.15
N LYS B 110 -9.75 -22.57 2.21
CA LYS B 110 -10.79 -23.31 1.52
C LYS B 110 -11.69 -22.24 0.90
N VAL B 111 -12.36 -22.57 -0.22
CA VAL B 111 -13.23 -21.59 -0.87
C VAL B 111 -14.58 -21.54 -0.15
N VAL B 112 -15.04 -20.32 0.17
CA VAL B 112 -16.32 -20.15 0.84
C VAL B 112 -17.28 -19.46 -0.11
N ILE B 113 -18.46 -20.06 -0.31
CA ILE B 113 -19.45 -19.51 -1.22
C ILE B 113 -20.72 -19.13 -0.46
N ALA B 114 -21.07 -17.85 -0.50
CA ALA B 114 -22.34 -17.42 0.07
C ALA B 114 -23.48 -17.77 -0.89
N LEU B 115 -24.48 -18.49 -0.38
CA LEU B 115 -25.69 -18.76 -1.15
C LEU B 115 -26.81 -17.91 -0.56
N VAL B 116 -27.14 -16.83 -1.27
CA VAL B 116 -28.02 -15.80 -0.73
C VAL B 116 -29.45 -15.90 -1.25
N ALA B 117 -30.38 -16.32 -0.39
CA ALA B 117 -31.80 -16.23 -0.69
C ALA B 117 -32.40 -15.14 0.18
N GLY B 118 -33.16 -14.24 -0.41
CA GLY B 118 -33.76 -13.15 0.35
C GLY B 118 -32.74 -12.16 0.89
N TYR B 119 -33.03 -11.60 2.06
CA TYR B 119 -32.22 -10.50 2.61
C TYR B 119 -30.80 -10.87 3.06
N ALA B 120 -29.83 -10.16 2.48
CA ALA B 120 -28.45 -10.12 2.98
C ALA B 120 -28.18 -8.66 3.32
N ILE B 121 -28.40 -8.31 4.57
CA ILE B 121 -28.56 -6.93 4.99
C ILE B 121 -27.69 -6.61 6.21
N GLY B 122 -27.06 -5.44 6.23
CA GLY B 122 -26.30 -5.03 7.40
C GLY B 122 -25.05 -5.87 7.55
N GLY B 123 -24.80 -6.37 8.76
CA GLY B 123 -23.70 -7.30 8.99
C GLY B 123 -23.80 -8.55 8.10
N GLY B 124 -25.02 -8.93 7.75
CA GLY B 124 -25.23 -10.04 6.85
C GLY B 124 -24.73 -9.77 5.44
N HIS B 125 -24.77 -8.51 5.03
CA HIS B 125 -24.26 -8.16 3.72
C HIS B 125 -22.73 -8.22 3.70
N VAL B 126 -22.10 -7.76 4.79
CA VAL B 126 -20.64 -7.83 4.88
C VAL B 126 -20.18 -9.28 4.89
N LEU B 127 -20.96 -10.15 5.54
CA LEU B 127 -20.66 -11.58 5.56
C LEU B 127 -20.61 -12.17 4.16
N HIS B 128 -21.62 -11.84 3.35
CA HIS B 128 -21.62 -12.27 1.96
C HIS B 128 -20.39 -11.75 1.21
N LEU B 129 -20.01 -10.50 1.49
CA LEU B 129 -18.90 -9.88 0.78
C LEU B 129 -17.56 -10.57 1.02
N VAL B 130 -17.29 -10.97 2.27
CA VAL B 130 -16.00 -11.54 2.60
C VAL B 130 -15.88 -13.01 2.19
N CYS B 131 -17.00 -13.67 1.93
CA CYS B 131 -16.94 -14.97 1.27
C CYS B 131 -16.30 -14.80 -0.10
N ASP B 132 -15.53 -15.80 -0.55
CA ASP B 132 -14.83 -15.71 -1.83
C ASP B 132 -15.78 -15.41 -2.97
N LEU B 133 -16.92 -16.09 -2.96
CA LEU B 133 -17.89 -16.01 -4.05
C LEU B 133 -19.30 -15.88 -3.49
N THR B 134 -20.21 -15.34 -4.30
CA THR B 134 -21.62 -15.24 -3.93
C THR B 134 -22.50 -15.71 -5.09
N ILE B 135 -23.33 -16.71 -4.81
CA ILE B 135 -24.37 -17.14 -5.74
C ILE B 135 -25.69 -16.69 -5.13
N ALA B 136 -26.51 -15.99 -5.91
CA ALA B 136 -27.75 -15.41 -5.37
C ALA B 136 -29.01 -15.99 -6.00
N ALA B 137 -30.05 -16.18 -5.19
CA ALA B 137 -31.38 -16.48 -5.72
C ALA B 137 -31.94 -15.21 -6.32
N ASP B 138 -32.90 -15.32 -7.24
CA ASP B 138 -33.41 -14.13 -7.90
C ASP B 138 -34.29 -13.27 -6.99
N ASN B 139 -34.61 -13.78 -5.82
CA ASN B 139 -35.39 -13.03 -4.83
C ASN B 139 -34.48 -12.35 -3.81
N ALA B 140 -33.17 -12.47 -4.01
CA ALA B 140 -32.22 -11.95 -3.04
C ALA B 140 -32.21 -10.42 -3.00
N ILE B 141 -31.98 -9.88 -1.81
CA ILE B 141 -31.96 -8.44 -1.59
C ILE B 141 -30.71 -8.06 -0.80
N PHE B 142 -29.95 -7.12 -1.34
CA PHE B 142 -28.66 -6.74 -0.77
C PHE B 142 -28.64 -5.29 -0.29
N GLY B 143 -27.89 -5.01 0.77
CA GLY B 143 -27.68 -3.63 1.18
C GLY B 143 -27.13 -3.49 2.59
N GLN B 144 -26.65 -2.28 2.91
CA GLN B 144 -26.17 -1.98 4.26
C GLN B 144 -27.23 -1.17 5.01
N THR B 145 -27.09 -1.06 6.33
CA THR B 145 -28.09 -0.36 7.14
C THR B 145 -27.49 0.56 8.18
N GLY B 146 -26.20 0.42 8.43
CA GLY B 146 -25.51 1.12 9.50
C GLY B 146 -25.91 2.54 9.81
N PRO B 147 -25.63 3.48 8.88
CA PRO B 147 -25.95 4.90 9.03
C PRO B 147 -27.42 5.17 9.38
N LYS B 148 -28.28 4.20 9.09
CA LYS B 148 -29.72 4.30 9.33
C LYS B 148 -30.10 3.74 10.71
N VAL B 149 -29.33 2.76 11.19
CA VAL B 149 -29.68 2.09 12.46
C VAL B 149 -28.68 2.32 13.58
N GLY B 150 -27.56 2.98 13.27
CA GLY B 150 -26.60 3.34 14.30
C GLY B 150 -25.36 2.45 14.37
N SER B 151 -24.75 2.21 13.22
CA SER B 151 -23.52 1.43 13.18
C SER B 151 -22.82 1.73 11.88
N PHE B 152 -21.65 1.13 11.69
CA PHE B 152 -20.99 1.14 10.38
C PHE B 152 -19.85 0.13 10.39
N ASP B 153 -19.50 -0.37 9.22
CA ASP B 153 -18.34 -1.24 9.08
C ASP B 153 -17.38 -0.56 8.13
N GLY B 154 -16.36 0.08 8.68
CA GLY B 154 -15.38 0.79 7.87
C GLY B 154 -14.18 -0.09 7.57
N GLY B 155 -14.32 -1.38 7.83
CA GLY B 155 -13.24 -2.32 7.57
C GLY B 155 -13.43 -2.97 6.22
N PHE B 156 -13.61 -4.28 6.21
CA PHE B 156 -13.88 -5.00 4.97
C PHE B 156 -15.21 -4.55 4.36
N GLY B 157 -16.13 -4.08 5.19
CA GLY B 157 -17.42 -3.63 4.69
C GLY B 157 -17.34 -2.45 3.74
N SER B 158 -16.26 -1.68 3.85
CA SER B 158 -16.06 -0.51 3.00
C SER B 158 -14.98 -0.74 1.96
N SER B 159 -13.73 -0.86 2.41
CA SER B 159 -12.58 -1.02 1.53
C SER B 159 -12.73 -2.23 0.61
N TYR B 160 -13.02 -3.40 1.18
CA TYR B 160 -13.15 -4.60 0.35
C TYR B 160 -14.31 -4.49 -0.62
N LEU B 161 -15.41 -3.86 -0.19
CA LEU B 161 -16.55 -3.63 -1.08
C LEU B 161 -16.11 -2.78 -2.28
N ALA B 162 -15.28 -1.77 -2.02
CA ALA B 162 -14.77 -0.94 -3.11
C ALA B 162 -13.94 -1.75 -4.10
N ARG B 163 -13.23 -2.76 -3.60
CA ARG B 163 -12.42 -3.64 -4.47
C ARG B 163 -13.29 -4.57 -5.31
N ILE B 164 -14.60 -4.55 -5.06
CA ILE B 164 -15.54 -5.43 -5.75
C ILE B 164 -16.43 -4.63 -6.71
N VAL B 165 -16.99 -3.52 -6.23
CA VAL B 165 -17.95 -2.76 -7.05
C VAL B 165 -17.43 -1.38 -7.46
N GLY B 166 -16.23 -1.04 -6.99
CA GLY B 166 -15.67 0.28 -7.30
C GLY B 166 -16.12 1.34 -6.29
N GLN B 167 -15.37 2.44 -6.22
CA GLN B 167 -15.56 3.44 -5.19
C GLN B 167 -16.89 4.20 -5.26
N LYS B 168 -17.36 4.52 -6.46
CA LYS B 168 -18.63 5.23 -6.60
C LYS B 168 -19.81 4.41 -6.07
N LYS B 169 -19.88 3.15 -6.47
CA LYS B 169 -21.02 2.31 -6.07
C LYS B 169 -20.95 1.91 -4.60
N ALA B 170 -19.73 1.73 -4.09
CA ALA B 170 -19.57 1.34 -2.70
C ALA B 170 -20.03 2.47 -1.78
N ARG B 171 -19.70 3.70 -2.15
CA ARG B 171 -20.14 4.85 -1.34
C ARG B 171 -21.66 4.99 -1.39
N GLU B 172 -22.24 4.79 -2.58
CA GLU B 172 -23.70 4.85 -2.72
C GLU B 172 -24.39 3.84 -1.82
N ILE B 173 -23.88 2.62 -1.81
CA ILE B 173 -24.44 1.55 -1.01
C ILE B 173 -24.50 1.93 0.48
N TRP B 174 -23.42 2.52 0.98
CA TRP B 174 -23.35 2.89 2.39
C TRP B 174 -24.04 4.19 2.77
N TYR B 175 -23.93 5.20 1.92
CA TYR B 175 -24.46 6.52 2.26
C TYR B 175 -25.98 6.53 2.26
N LEU B 176 -26.58 5.83 1.30
CA LEU B 176 -28.03 5.86 1.13
C LEU B 176 -28.75 4.69 1.81
N CYS B 177 -28.02 3.59 2.01
CA CYS B 177 -28.61 2.39 2.64
C CYS B 177 -29.84 1.87 1.90
N ARG B 178 -29.82 1.95 0.57
CA ARG B 178 -30.91 1.37 -0.21
C ARG B 178 -30.81 -0.14 -0.31
N GLN B 179 -31.83 -0.75 -0.90
CA GLN B 179 -31.83 -2.18 -1.14
C GLN B 179 -31.63 -2.44 -2.64
N TYR B 180 -30.85 -3.47 -2.95
CA TYR B 180 -30.52 -3.80 -4.33
C TYR B 180 -30.98 -5.22 -4.67
N SER B 181 -31.50 -5.41 -5.87
CA SER B 181 -31.92 -6.75 -6.28
C SER B 181 -30.72 -7.62 -6.57
N ALA B 182 -30.94 -8.93 -6.68
CA ALA B 182 -29.88 -9.86 -7.03
C ALA B 182 -29.27 -9.46 -8.37
N GLN B 183 -30.11 -9.04 -9.30
CA GLN B 183 -29.66 -8.70 -10.64
C GLN B 183 -28.83 -7.41 -10.62
N GLU B 184 -29.25 -6.45 -9.82
CA GLU B 184 -28.47 -5.22 -9.66
C GLU B 184 -27.14 -5.54 -9.00
N ALA B 185 -27.17 -6.48 -8.06
CA ALA B 185 -25.97 -6.92 -7.35
C ALA B 185 -24.96 -7.57 -8.31
N GLU B 186 -25.45 -8.43 -9.21
CA GLU B 186 -24.55 -9.07 -10.17
C GLU B 186 -23.97 -8.03 -11.12
N ARG B 187 -24.83 -7.14 -11.61
CA ARG B 187 -24.42 -6.10 -12.55
C ARG B 187 -23.29 -5.22 -11.97
N MET B 188 -23.36 -4.89 -10.69
CA MET B 188 -22.33 -4.05 -10.08
C MET B 188 -21.06 -4.85 -9.73
N GLY B 189 -21.14 -6.18 -9.78
CA GLY B 189 -19.96 -7.02 -9.66
C GLY B 189 -19.80 -7.80 -8.36
N MET B 190 -20.78 -7.72 -7.47
CA MET B 190 -20.63 -8.34 -6.14
C MET B 190 -21.34 -9.68 -6.01
N VAL B 191 -22.09 -10.07 -7.02
CA VAL B 191 -22.67 -11.41 -7.06
C VAL B 191 -22.15 -12.09 -8.32
N ASN B 192 -21.73 -13.34 -8.17
CA ASN B 192 -21.12 -14.06 -9.28
C ASN B 192 -22.13 -14.60 -10.28
N THR B 193 -23.27 -15.06 -9.79
CA THR B 193 -24.34 -15.50 -10.68
C THR B 193 -25.69 -15.50 -9.97
N VAL B 194 -26.78 -15.48 -10.74
CA VAL B 194 -28.14 -15.48 -10.19
C VAL B 194 -28.95 -16.65 -10.73
N VAL B 195 -29.64 -17.38 -9.86
CA VAL B 195 -30.46 -18.52 -10.27
C VAL B 195 -31.80 -18.51 -9.53
N PRO B 196 -32.80 -19.24 -10.05
CA PRO B 196 -34.06 -19.33 -9.29
C PRO B 196 -33.86 -19.93 -7.90
N VAL B 197 -34.76 -19.62 -6.98
CA VAL B 197 -34.57 -20.01 -5.58
C VAL B 197 -34.50 -21.53 -5.41
N ASP B 198 -35.28 -22.27 -6.19
CA ASP B 198 -35.30 -23.73 -6.08
C ASP B 198 -34.08 -24.37 -6.74
N ARG B 199 -33.19 -23.53 -7.27
CA ARG B 199 -31.98 -23.99 -7.96
C ARG B 199 -30.71 -23.57 -7.21
N LEU B 200 -30.89 -22.75 -6.18
CA LEU B 200 -29.76 -22.15 -5.47
C LEU B 200 -28.79 -23.16 -4.87
N GLU B 201 -29.30 -24.11 -4.09
CA GLU B 201 -28.42 -25.10 -3.45
C GLU B 201 -27.69 -25.92 -4.52
N GLU B 202 -28.42 -26.31 -5.55
CA GLU B 202 -27.84 -27.14 -6.60
C GLU B 202 -26.80 -26.37 -7.39
N GLU B 203 -26.99 -25.07 -7.54
CA GLU B 203 -25.98 -24.25 -8.19
C GLU B 203 -24.72 -24.18 -7.31
N GLY B 204 -24.93 -24.02 -6.01
CA GLY B 204 -23.82 -23.98 -5.07
C GLY B 204 -23.03 -25.28 -5.08
N ILE B 205 -23.76 -26.40 -5.09
CA ILE B 205 -23.13 -27.71 -5.17
C ILE B 205 -22.34 -27.90 -6.48
N GLN B 206 -22.89 -27.45 -7.59
CA GLN B 206 -22.18 -27.56 -8.86
C GLN B 206 -20.87 -26.75 -8.85
N TRP B 207 -20.92 -25.51 -8.37
CA TRP B 207 -19.72 -24.68 -8.32
C TRP B 207 -18.69 -25.32 -7.39
N ALA B 208 -19.17 -25.87 -6.27
CA ALA B 208 -18.31 -26.57 -5.32
C ALA B 208 -17.59 -27.74 -5.99
N LYS B 209 -18.32 -28.54 -6.75
CA LYS B 209 -17.74 -29.71 -7.41
C LYS B 209 -16.66 -29.33 -8.43
N GLU B 210 -16.89 -28.25 -9.17
CA GLU B 210 -15.90 -27.81 -10.14
C GLU B 210 -14.58 -27.43 -9.45
N ILE B 211 -14.68 -26.79 -8.30
CA ILE B 211 -13.53 -26.41 -7.48
C ILE B 211 -12.83 -27.64 -6.89
N LEU B 212 -13.64 -28.59 -6.43
CA LEU B 212 -13.11 -29.79 -5.76
C LEU B 212 -12.27 -30.67 -6.68
N SER B 213 -12.42 -30.48 -7.98
CA SER B 213 -11.63 -31.23 -8.95
C SER B 213 -10.29 -30.55 -9.26
N LYS B 214 -10.07 -29.37 -8.67
CA LYS B 214 -8.85 -28.61 -8.91
C LYS B 214 -7.75 -28.99 -7.92
N SER B 215 -6.53 -28.53 -8.18
CA SER B 215 -5.41 -28.75 -7.28
C SER B 215 -5.58 -27.93 -5.99
N PRO B 216 -5.70 -28.60 -4.83
CA PRO B 216 -5.90 -27.87 -3.57
C PRO B 216 -4.79 -26.86 -3.29
N LEU B 217 -3.54 -27.18 -3.60
CA LEU B 217 -2.44 -26.26 -3.35
C LEU B 217 -2.51 -25.03 -4.22
N ALA B 218 -2.89 -25.21 -5.48
CA ALA B 218 -3.06 -24.09 -6.38
C ALA B 218 -4.16 -23.17 -5.87
N ILE B 219 -5.26 -23.76 -5.43
CA ILE B 219 -6.40 -22.97 -4.95
C ILE B 219 -6.05 -22.15 -3.70
N ARG B 220 -5.39 -22.76 -2.72
CA ARG B 220 -5.04 -22.02 -1.50
C ARG B 220 -4.04 -20.90 -1.79
N CYS B 221 -3.11 -21.14 -2.70
CA CYS B 221 -2.14 -20.11 -3.05
C CYS B 221 -2.81 -18.91 -3.71
N LEU B 222 -3.75 -19.19 -4.60
CA LEU B 222 -4.51 -18.13 -5.27
C LEU B 222 -5.36 -17.31 -4.29
N LYS B 223 -6.04 -17.98 -3.38
CA LYS B 223 -6.80 -17.28 -2.35
C LYS B 223 -5.88 -16.35 -1.56
N ALA B 224 -4.71 -16.84 -1.16
CA ALA B 224 -3.74 -16.01 -0.47
C ALA B 224 -3.25 -14.84 -1.36
N ALA B 225 -3.06 -15.12 -2.64
CA ALA B 225 -2.62 -14.09 -3.58
C ALA B 225 -3.65 -12.97 -3.71
N PHE B 226 -4.93 -13.33 -3.75
CA PHE B 226 -5.98 -12.31 -3.82
C PHE B 226 -6.02 -11.48 -2.54
N ASN B 227 -5.94 -12.15 -1.39
CA ASN B 227 -5.88 -11.44 -0.12
C ASN B 227 -4.68 -10.51 -0.04
N ALA B 228 -3.57 -10.93 -0.65
CA ALA B 228 -2.34 -10.12 -0.62
C ALA B 228 -2.48 -8.79 -1.35
N ASP B 229 -3.46 -8.66 -2.25
CA ASP B 229 -3.66 -7.38 -2.93
C ASP B 229 -4.40 -6.39 -2.03
N CYS B 230 -4.86 -6.87 -0.87
CA CYS B 230 -5.70 -6.09 0.03
C CYS B 230 -5.10 -5.89 1.42
N ASP B 231 -4.49 -6.94 1.95
CA ASP B 231 -4.17 -6.99 3.38
C ASP B 231 -2.71 -6.78 3.75
N GLY B 232 -1.96 -6.07 2.90
CA GLY B 232 -0.59 -5.69 3.20
C GLY B 232 0.23 -6.85 3.77
N GLN B 233 0.92 -6.62 4.89
CA GLN B 233 1.76 -7.66 5.49
C GLN B 233 1.01 -8.91 5.97
N ALA B 234 -0.24 -8.76 6.38
CA ALA B 234 -1.04 -9.95 6.72
C ALA B 234 -1.30 -10.80 5.49
N GLY B 235 -1.54 -10.16 4.35
CA GLY B 235 -1.67 -10.89 3.10
C GLY B 235 -0.36 -11.59 2.73
N LEU B 236 0.76 -10.90 2.92
CA LEU B 236 2.08 -11.49 2.68
C LEU B 236 2.29 -12.69 3.58
N GLN B 237 1.81 -12.61 4.82
CA GLN B 237 1.96 -13.71 5.75
C GLN B 237 1.30 -14.98 5.19
N GLU B 238 0.16 -14.81 4.54
CA GLU B 238 -0.56 -15.94 3.95
C GLU B 238 0.14 -16.47 2.71
N LEU B 239 0.58 -15.57 1.84
CA LEU B 239 1.22 -15.97 0.58
C LEU B 239 2.58 -16.61 0.86
N ALA B 240 3.40 -15.93 1.65
CA ALA B 240 4.69 -16.48 2.05
C ALA B 240 4.53 -17.76 2.85
N GLY B 241 3.51 -17.81 3.70
CA GLY B 241 3.25 -18.99 4.53
C GLY B 241 2.96 -20.20 3.65
N ASN B 242 2.26 -19.96 2.55
CA ASN B 242 2.03 -21.01 1.56
C ASN B 242 3.31 -21.40 0.85
N ALA B 243 4.17 -20.43 0.56
CA ALA B 243 5.47 -20.72 -0.05
C ALA B 243 6.30 -21.63 0.85
N THR B 244 6.32 -21.34 2.15
CA THR B 244 7.04 -22.17 3.12
C THR B 244 6.50 -23.61 3.13
N LEU B 245 5.17 -23.74 3.11
CA LEU B 245 4.53 -25.05 3.09
C LEU B 245 4.92 -25.84 1.85
N LEU B 246 4.90 -25.17 0.68
CA LEU B 246 5.32 -25.81 -0.55
C LEU B 246 6.80 -26.19 -0.46
N TYR B 247 7.62 -25.27 0.05
CA TYR B 247 9.05 -25.51 0.24
C TYR B 247 9.32 -26.81 1.01
N TYR B 248 8.56 -27.03 2.08
CA TYR B 248 8.69 -28.24 2.89
C TYR B 248 8.46 -29.51 2.06
N MET B 249 7.65 -29.40 1.02
CA MET B 249 7.27 -30.56 0.23
C MET B 249 8.21 -30.77 -0.95
N THR B 250 9.29 -30.01 -1.00
CA THR B 250 10.27 -30.16 -2.07
C THR B 250 11.46 -30.98 -1.57
N GLU B 251 12.23 -31.51 -2.50
CA GLU B 251 13.46 -32.23 -2.17
C GLU B 251 14.41 -31.39 -1.35
N GLU B 252 14.69 -30.19 -1.82
CA GLU B 252 15.59 -29.27 -1.12
C GLU B 252 15.05 -28.95 0.27
N GLY B 253 13.74 -28.81 0.37
CA GLY B 253 13.10 -28.50 1.64
C GLY B 253 12.98 -29.69 2.57
N SER B 254 13.11 -30.89 2.02
CA SER B 254 13.04 -32.12 2.82
C SER B 254 14.39 -32.44 3.45
N GLU B 255 15.45 -31.85 2.88
CA GLU B 255 16.82 -32.08 3.33
C GLU B 255 17.03 -31.59 4.77
N GLY B 256 16.34 -30.49 5.12
CA GLY B 256 16.39 -30.00 6.48
C GLY B 256 15.90 -31.02 7.49
N LYS B 257 14.71 -31.57 7.28
CA LYS B 257 14.15 -32.57 8.17
C LYS B 257 14.96 -33.87 8.13
N GLN B 258 15.40 -34.24 6.92
CA GLN B 258 16.20 -35.45 6.74
C GLN B 258 17.54 -35.35 7.45
N ALA B 259 18.21 -34.21 7.29
CA ALA B 259 19.49 -33.97 7.95
C ALA B 259 19.31 -33.98 9.46
N PHE B 260 18.22 -33.39 9.93
CA PHE B 260 17.99 -33.34 11.38
C PHE B 260 17.82 -34.73 11.96
N LEU B 261 17.22 -35.65 11.19
CA LEU B 261 16.98 -37.01 11.65
C LEU B 261 18.25 -37.87 11.56
N GLU B 262 19.07 -37.61 10.55
CA GLU B 262 20.35 -38.29 10.39
C GLU B 262 21.38 -37.71 11.35
N LYS B 263 20.94 -36.78 12.20
CA LYS B 263 21.79 -36.12 13.20
C LYS B 263 22.98 -35.41 12.56
N ARG B 264 22.73 -34.71 11.48
CA ARG B 264 23.79 -34.04 10.72
C ARG B 264 23.36 -32.65 10.27
N PRO B 265 24.33 -31.74 10.11
CA PRO B 265 24.06 -30.41 9.55
C PRO B 265 23.51 -30.51 8.13
N PRO B 266 22.47 -29.72 7.82
CA PRO B 266 21.88 -29.73 6.48
C PRO B 266 22.89 -29.32 5.41
N ASP B 267 22.87 -30.02 4.28
CA ASP B 267 23.81 -29.76 3.20
C ASP B 267 23.02 -29.41 1.94
N PHE B 268 23.13 -28.15 1.52
CA PHE B 268 22.42 -27.66 0.35
C PHE B 268 23.39 -27.36 -0.79
N SER B 269 24.63 -27.81 -0.66
CA SER B 269 25.69 -27.39 -1.58
C SER B 269 25.48 -27.85 -3.04
N GLN B 270 24.71 -28.90 -3.23
CA GLN B 270 24.47 -29.42 -4.58
C GLN B 270 23.35 -28.68 -5.32
N TYR B 271 22.51 -27.96 -4.58
CA TYR B 271 21.34 -27.33 -5.17
C TYR B 271 21.71 -26.04 -5.94
N PRO B 272 21.10 -25.85 -7.12
CA PRO B 272 21.43 -24.70 -7.98
C PRO B 272 20.78 -23.39 -7.54
N TRP B 273 21.38 -22.29 -7.99
CA TRP B 273 20.79 -20.98 -7.83
C TRP B 273 20.09 -20.63 -9.14
N LEU B 274 18.83 -21.02 -9.24
CA LEU B 274 18.05 -20.88 -10.48
C LEU B 274 17.85 -19.42 -10.85
N PRO B 275 17.68 -19.14 -12.15
CA PRO B 275 17.50 -17.75 -12.60
C PRO B 275 16.16 -17.16 -12.16
N MET C 1 40.61 -14.77 -3.31
CA MET C 1 40.72 -16.11 -3.86
C MET C 1 41.09 -16.13 -5.32
N ASP C 2 40.94 -17.24 -6.01
CA ASP C 2 41.38 -17.26 -7.41
C ASP C 2 40.24 -16.94 -8.35
N TRP C 3 40.03 -15.64 -8.56
CA TRP C 3 39.06 -15.16 -9.50
C TRP C 3 39.38 -15.57 -10.94
N HIS C 4 38.34 -15.88 -11.70
CA HIS C 4 38.49 -16.16 -13.11
C HIS C 4 37.60 -15.19 -13.89
N ILE C 5 38.17 -14.59 -14.93
CA ILE C 5 37.44 -13.64 -15.75
C ILE C 5 36.33 -14.33 -16.54
N ALA C 6 35.10 -13.84 -16.41
CA ALA C 6 33.96 -14.48 -17.04
C ALA C 6 33.67 -13.91 -18.42
N LYS C 7 33.88 -12.61 -18.59
CA LYS C 7 33.59 -11.95 -19.86
C LYS C 7 34.30 -10.61 -19.90
N HIS C 8 34.69 -10.17 -21.10
CA HIS C 8 35.42 -8.92 -21.24
C HIS C 8 34.51 -7.75 -21.63
N TYR C 9 34.73 -6.61 -20.99
CA TYR C 9 33.95 -5.40 -21.25
C TYR C 9 34.92 -4.21 -21.33
N ASP C 10 34.43 -3.06 -21.80
CA ASP C 10 35.27 -1.87 -21.86
C ASP C 10 35.37 -1.12 -20.52
N ASP C 11 34.25 -1.02 -19.82
CA ASP C 11 34.14 -0.13 -18.66
C ASP C 11 34.07 -0.86 -17.32
N ILE C 12 33.91 -2.17 -17.39
CA ILE C 12 33.83 -2.96 -16.15
C ILE C 12 34.68 -4.20 -16.22
N LEU C 13 34.85 -4.85 -15.07
CA LEU C 13 35.53 -6.13 -15.00
C LEU C 13 34.53 -7.12 -14.39
N TYR C 14 34.59 -8.38 -14.81
CA TYR C 14 33.63 -9.38 -14.37
C TYR C 14 34.33 -10.70 -14.10
N TYR C 15 34.30 -11.14 -12.85
CA TYR C 15 34.98 -12.35 -12.41
C TYR C 15 34.01 -13.35 -11.79
N LYS C 16 34.42 -14.62 -11.77
CA LYS C 16 33.71 -15.66 -11.04
C LYS C 16 34.70 -16.55 -10.30
N ALA C 17 34.30 -17.00 -9.11
CA ALA C 17 35.03 -18.05 -8.39
C ALA C 17 34.05 -18.79 -7.50
N GLY C 18 33.94 -20.10 -7.70
CA GLY C 18 32.96 -20.89 -6.98
C GLY C 18 31.57 -20.33 -7.18
N GLY C 19 30.87 -20.10 -6.08
CA GLY C 19 29.52 -19.56 -6.14
C GLY C 19 29.45 -18.04 -6.10
N ILE C 20 30.58 -17.37 -6.25
CA ILE C 20 30.64 -15.90 -6.16
C ILE C 20 31.01 -15.28 -7.50
N ALA C 21 30.27 -14.23 -7.88
CA ALA C 21 30.64 -13.40 -9.01
C ALA C 21 31.08 -12.05 -8.45
N LYS C 22 32.00 -11.40 -9.16
CA LYS C 22 32.44 -10.07 -8.77
C LYS C 22 32.42 -9.14 -9.96
N ILE C 23 31.66 -8.06 -9.81
CA ILE C 23 31.52 -7.04 -10.84
C ILE C 23 32.19 -5.75 -10.36
N VAL C 24 33.13 -5.27 -11.17
CA VAL C 24 33.96 -4.14 -10.79
C VAL C 24 33.79 -3.00 -11.80
N ILE C 25 33.27 -1.86 -11.35
CA ILE C 25 33.21 -0.69 -12.23
C ILE C 25 34.63 -0.21 -12.40
N ASN C 26 35.08 -0.08 -13.65
CA ASN C 26 36.50 0.17 -13.92
C ASN C 26 36.74 1.44 -14.73
N ARG C 27 36.31 2.58 -14.19
CA ARG C 27 36.67 3.85 -14.78
C ARG C 27 37.24 4.78 -13.71
N PRO C 28 38.37 4.36 -13.06
CA PRO C 28 38.90 5.12 -11.92
C PRO C 28 39.32 6.55 -12.30
N HIS C 29 39.64 6.78 -13.57
CA HIS C 29 40.00 8.13 -14.02
C HIS C 29 38.77 9.05 -14.04
N LYS C 30 37.59 8.45 -13.89
CA LYS C 30 36.35 9.21 -13.86
C LYS C 30 35.64 9.02 -12.52
N ARG C 31 36.41 8.61 -11.51
CA ARG C 31 35.85 8.31 -10.18
C ARG C 31 34.74 7.27 -10.31
N ASN C 32 34.92 6.37 -11.27
CA ASN C 32 34.00 5.27 -11.49
C ASN C 32 32.56 5.70 -11.78
N ALA C 33 32.43 6.89 -12.35
CA ALA C 33 31.13 7.33 -12.87
C ALA C 33 30.71 6.43 -14.03
N PHE C 34 29.41 6.23 -14.20
CA PHE C 34 28.93 5.42 -15.32
C PHE C 34 28.46 6.26 -16.51
N ARG C 35 28.89 5.89 -17.71
CA ARG C 35 28.34 6.44 -18.95
C ARG C 35 27.32 5.42 -19.44
N PRO C 36 26.55 5.74 -20.49
CA PRO C 36 25.57 4.73 -20.94
C PRO C 36 26.15 3.33 -21.23
N GLN C 37 27.33 3.24 -21.84
CA GLN C 37 27.94 1.93 -22.11
C GLN C 37 28.19 1.16 -20.81
N THR C 38 28.57 1.88 -19.77
CA THR C 38 28.83 1.26 -18.47
C THR C 38 27.58 0.58 -17.95
N VAL C 39 26.45 1.28 -18.07
CA VAL C 39 25.17 0.74 -17.62
C VAL C 39 24.80 -0.49 -18.43
N PHE C 40 24.99 -0.43 -19.75
CA PHE C 40 24.73 -1.59 -20.63
C PHE C 40 25.55 -2.78 -20.18
N GLU C 41 26.83 -2.53 -19.95
CA GLU C 41 27.75 -3.62 -19.60
C GLU C 41 27.45 -4.20 -18.22
N LEU C 42 27.15 -3.33 -17.25
CA LEU C 42 26.74 -3.79 -15.92
C LEU C 42 25.48 -4.65 -16.01
N TYR C 43 24.51 -4.21 -16.79
CA TYR C 43 23.26 -4.95 -16.98
C TYR C 43 23.56 -6.35 -17.54
N ASP C 44 24.41 -6.39 -18.57
CA ASP C 44 24.78 -7.64 -19.20
C ASP C 44 25.46 -8.60 -18.20
N ALA C 45 26.34 -8.05 -17.37
CA ALA C 45 27.07 -8.87 -16.41
C ALA C 45 26.14 -9.43 -15.33
N PHE C 46 25.25 -8.58 -14.84
CA PHE C 46 24.27 -9.03 -13.84
C PHE C 46 23.30 -10.06 -14.43
N CYS C 47 22.97 -9.91 -15.71
CA CYS C 47 22.15 -10.91 -16.41
C CYS C 47 22.87 -12.25 -16.49
N ASN C 48 24.13 -12.21 -16.88
CA ASN C 48 24.95 -13.42 -16.93
C ASN C 48 25.01 -14.09 -15.55
N ALA C 49 25.16 -13.29 -14.50
CA ALA C 49 25.22 -13.83 -13.14
C ALA C 49 23.87 -14.47 -12.76
N ARG C 50 22.79 -13.83 -13.18
CA ARG C 50 21.46 -14.36 -12.92
C ARG C 50 21.29 -15.73 -13.58
N GLU C 51 21.85 -15.87 -14.78
CA GLU C 51 21.63 -17.06 -15.58
C GLU C 51 22.59 -18.20 -15.24
N ASP C 52 23.63 -17.91 -14.46
CA ASP C 52 24.60 -18.94 -14.08
C ASP C 52 24.15 -19.66 -12.81
N ASN C 53 23.74 -20.91 -12.98
CA ASN C 53 23.25 -21.75 -11.88
C ASN C 53 24.23 -21.96 -10.72
N ARG C 54 25.52 -21.76 -10.98
CA ARG C 54 26.53 -21.95 -9.93
C ARG C 54 26.69 -20.70 -9.04
N ILE C 55 26.19 -19.57 -9.51
CA ILE C 55 26.43 -18.29 -8.82
C ILE C 55 25.28 -17.94 -7.88
N GLY C 56 25.58 -17.77 -6.60
CA GLY C 56 24.57 -17.41 -5.62
C GLY C 56 24.67 -15.98 -5.12
N VAL C 57 25.87 -15.40 -5.23
CA VAL C 57 26.16 -14.08 -4.67
C VAL C 57 26.99 -13.28 -5.67
N VAL C 58 26.65 -12.00 -5.81
CA VAL C 58 27.43 -11.08 -6.64
C VAL C 58 28.00 -9.97 -5.75
N LEU C 59 29.32 -9.78 -5.82
CA LEU C 59 29.95 -8.63 -5.16
C LEU C 59 30.08 -7.52 -6.18
N LEU C 60 29.56 -6.34 -5.84
CA LEU C 60 29.65 -5.18 -6.74
C LEU C 60 30.59 -4.17 -6.13
N THR C 61 31.58 -3.72 -6.89
CA THR C 61 32.53 -2.77 -6.33
C THR C 61 33.11 -1.86 -7.41
N GLY C 62 33.92 -0.90 -6.98
CA GLY C 62 34.61 -0.01 -7.91
C GLY C 62 36.11 -0.25 -7.84
N ALA C 63 36.77 -0.18 -8.99
CA ALA C 63 38.21 -0.35 -9.05
C ALA C 63 38.90 0.81 -8.36
N GLY C 64 39.91 0.49 -7.57
CA GLY C 64 40.68 1.50 -6.88
C GLY C 64 41.87 0.89 -6.17
N PRO C 65 42.78 1.74 -5.70
CA PRO C 65 42.62 3.20 -5.75
C PRO C 65 43.09 3.84 -7.06
N HIS C 66 42.70 5.10 -7.24
CA HIS C 66 43.16 5.91 -8.36
C HIS C 66 44.60 6.39 -8.09
N SER C 67 45.30 6.83 -9.12
CA SER C 67 46.71 7.18 -9.00
C SER C 67 46.98 8.31 -8.01
N ASP C 68 45.94 9.09 -7.71
CA ASP C 68 46.05 10.15 -6.72
C ASP C 68 45.80 9.62 -5.31
N GLY C 69 45.64 8.31 -5.19
CA GLY C 69 45.47 7.66 -3.90
C GLY C 69 44.04 7.61 -3.36
N LYS C 70 43.10 8.23 -4.07
CA LYS C 70 41.72 8.27 -3.62
C LYS C 70 40.86 7.16 -4.23
N TYR C 71 39.97 6.59 -3.41
CA TYR C 71 39.11 5.50 -3.85
C TYR C 71 37.72 5.98 -4.28
N ALA C 72 37.14 5.30 -5.26
CA ALA C 72 35.73 5.49 -5.60
C ALA C 72 35.02 4.16 -5.86
N PHE C 73 33.81 4.03 -5.33
CA PHE C 73 32.93 2.91 -5.65
C PHE C 73 32.20 3.28 -6.94
N CYS C 74 31.50 4.40 -6.90
CA CYS C 74 30.78 4.93 -8.07
C CYS C 74 30.31 6.34 -7.77
N SER C 75 30.62 7.27 -8.67
CA SER C 75 30.31 8.67 -8.46
C SER C 75 29.09 9.13 -9.23
N GLY C 76 28.30 8.20 -9.74
CA GLY C 76 27.07 8.55 -10.42
C GLY C 76 27.19 8.63 -11.92
N GLY C 77 26.24 9.31 -12.57
CA GLY C 77 26.22 9.45 -14.02
C GLY C 77 27.37 10.29 -14.54
N ASP C 78 27.97 9.85 -15.64
CA ASP C 78 29.12 10.52 -16.20
C ASP C 78 28.66 11.69 -17.08
N ARG C 95 16.95 1.49 -25.63
CA ARG C 95 18.21 1.57 -24.92
C ARG C 95 18.00 1.07 -23.50
N LEU C 96 19.01 1.27 -22.65
CA LEU C 96 18.91 0.95 -21.23
C LEU C 96 19.41 2.12 -20.42
N ASN C 97 18.79 2.34 -19.27
CA ASN C 97 19.28 3.37 -18.37
C ASN C 97 19.44 2.77 -16.99
N VAL C 98 19.85 3.58 -16.02
CA VAL C 98 20.13 3.01 -14.69
C VAL C 98 18.89 2.48 -14.01
N LEU C 99 17.71 2.97 -14.39
CA LEU C 99 16.47 2.45 -13.81
C LEU C 99 16.29 0.96 -14.11
N ASP C 100 16.63 0.55 -15.33
CA ASP C 100 16.58 -0.86 -15.69
C ASP C 100 17.57 -1.64 -14.83
N LEU C 101 18.77 -1.11 -14.69
CA LEU C 101 19.79 -1.75 -13.88
C LEU C 101 19.35 -1.83 -12.42
N GLN C 102 18.77 -0.76 -11.88
CA GLN C 102 18.27 -0.78 -10.51
C GLN C 102 17.29 -1.95 -10.32
N ARG C 103 16.35 -2.09 -11.24
CA ARG C 103 15.36 -3.16 -11.16
C ARG C 103 15.93 -4.56 -11.24
N LEU C 104 16.97 -4.74 -12.05
CA LEU C 104 17.57 -6.06 -12.21
C LEU C 104 18.29 -6.45 -10.94
N ILE C 105 19.08 -5.52 -10.39
CA ILE C 105 19.80 -5.80 -9.15
C ILE C 105 18.81 -6.14 -8.04
N ARG C 106 17.74 -5.37 -7.98
CA ARG C 106 16.75 -5.51 -6.92
C ARG C 106 15.97 -6.81 -6.98
N SER C 107 15.66 -7.27 -8.19
CA SER C 107 14.75 -8.41 -8.37
C SER C 107 15.42 -9.75 -8.63
N MET C 108 16.67 -9.74 -9.06
CA MET C 108 17.33 -11.00 -9.39
C MET C 108 17.47 -11.85 -8.15
N PRO C 109 17.22 -13.17 -8.29
CA PRO C 109 17.18 -14.04 -7.12
C PRO C 109 18.56 -14.52 -6.70
N LYS C 110 19.52 -13.61 -6.70
CA LYS C 110 20.82 -13.86 -6.09
C LYS C 110 21.08 -12.67 -5.16
N VAL C 111 21.85 -12.89 -4.11
CA VAL C 111 22.15 -11.81 -3.18
C VAL C 111 23.23 -10.92 -3.77
N VAL C 112 23.00 -9.62 -3.76
CA VAL C 112 23.98 -8.67 -4.28
C VAL C 112 24.56 -7.85 -3.13
N ILE C 113 25.89 -7.84 -3.03
CA ILE C 113 26.54 -7.10 -1.96
C ILE C 113 27.41 -6.00 -2.53
N ALA C 114 27.09 -4.75 -2.19
CA ALA C 114 27.97 -3.63 -2.56
C ALA C 114 29.16 -3.58 -1.63
N LEU C 115 30.35 -3.53 -2.21
CA LEU C 115 31.58 -3.37 -1.43
C LEU C 115 32.11 -1.97 -1.70
N VAL C 116 31.91 -1.06 -0.75
CA VAL C 116 32.17 0.36 -1.00
C VAL C 116 33.47 0.84 -0.40
N ALA C 117 34.44 1.16 -1.26
CA ALA C 117 35.63 1.89 -0.83
C ALA C 117 35.52 3.30 -1.39
N GLY C 118 35.81 4.29 -0.57
CA GLY C 118 35.68 5.68 -1.02
C GLY C 118 34.27 6.07 -1.43
N TYR C 119 34.18 6.96 -2.42
CA TYR C 119 32.93 7.60 -2.80
C TYR C 119 31.85 6.69 -3.42
N ALA C 120 30.70 6.65 -2.75
CA ALA C 120 29.46 6.16 -3.35
C ALA C 120 28.51 7.35 -3.37
N ILE C 121 28.42 8.01 -4.52
CA ILE C 121 27.88 9.36 -4.61
C ILE C 121 26.89 9.47 -5.78
N GLY C 122 25.82 10.23 -5.59
CA GLY C 122 24.86 10.47 -6.66
C GLY C 122 24.22 9.17 -7.10
N GLY C 123 24.15 8.95 -8.41
CA GLY C 123 23.63 7.69 -8.93
C GLY C 123 24.38 6.50 -8.37
N GLY C 124 25.64 6.71 -8.00
CA GLY C 124 26.42 5.66 -7.36
C GLY C 124 25.95 5.33 -5.96
N HIS C 125 25.35 6.30 -5.29
CA HIS C 125 24.81 6.04 -3.95
C HIS C 125 23.55 5.18 -4.06
N VAL C 126 22.69 5.49 -5.03
CA VAL C 126 21.48 4.71 -5.20
C VAL C 126 21.80 3.27 -5.59
N LEU C 127 22.86 3.08 -6.36
CA LEU C 127 23.32 1.74 -6.73
C LEU C 127 23.68 0.92 -5.50
N HIS C 128 24.41 1.52 -4.57
CA HIS C 128 24.70 0.80 -3.32
C HIS C 128 23.41 0.49 -2.57
N LEU C 129 22.49 1.45 -2.52
CA LEU C 129 21.23 1.26 -1.80
C LEU C 129 20.41 0.08 -2.30
N VAL C 130 20.29 -0.09 -3.62
CA VAL C 130 19.44 -1.16 -4.13
C VAL C 130 20.08 -2.54 -4.08
N CYS C 131 21.39 -2.62 -3.84
CA CYS C 131 21.99 -3.92 -3.54
C CYS C 131 21.39 -4.42 -2.24
N ASP C 132 21.23 -5.74 -2.08
CA ASP C 132 20.69 -6.30 -0.83
C ASP C 132 21.42 -5.79 0.41
N LEU C 133 22.75 -5.81 0.35
CA LEU C 133 23.59 -5.53 1.51
C LEU C 133 24.73 -4.61 1.10
N THR C 134 25.29 -3.89 2.06
CA THR C 134 26.46 -3.06 1.80
C THR C 134 27.52 -3.25 2.87
N ILE C 135 28.73 -3.56 2.43
CA ILE C 135 29.89 -3.59 3.32
C ILE C 135 30.78 -2.43 2.89
N ALA C 136 31.15 -1.58 3.85
CA ALA C 136 31.91 -0.39 3.53
C ALA C 136 33.30 -0.47 4.12
N ALA C 137 34.29 0.05 3.40
CA ALA C 137 35.60 0.29 3.99
C ALA C 137 35.48 1.51 4.88
N ASP C 138 36.38 1.63 5.86
CA ASP C 138 36.29 2.76 6.78
C ASP C 138 36.56 4.10 6.09
N ASN C 139 37.13 4.07 4.88
CA ASN C 139 37.31 5.30 4.08
C ASN C 139 36.12 5.67 3.19
N ALA C 140 35.05 4.90 3.25
CA ALA C 140 33.91 5.13 2.36
C ALA C 140 33.19 6.45 2.65
N ILE C 141 32.66 7.06 1.59
CA ILE C 141 31.94 8.33 1.70
C ILE C 141 30.64 8.22 0.91
N PHE C 142 29.52 8.57 1.55
CA PHE C 142 28.19 8.38 0.97
C PHE C 142 27.45 9.70 0.85
N GLY C 143 26.60 9.82 -0.18
CA GLY C 143 25.71 10.97 -0.24
C GLY C 143 25.05 11.12 -1.60
N GLN C 144 24.02 11.97 -1.66
CA GLN C 144 23.37 12.29 -2.93
C GLN C 144 23.83 13.65 -3.43
N THR C 145 23.56 13.92 -4.71
CA THR C 145 24.04 15.15 -5.33
C THR C 145 23.01 15.82 -6.24
N GLY C 146 21.92 15.11 -6.51
CA GLY C 146 20.92 15.56 -7.47
C GLY C 146 20.56 17.03 -7.41
N PRO C 147 19.99 17.46 -6.28
CA PRO C 147 19.52 18.85 -6.19
C PRO C 147 20.63 19.88 -6.35
N LYS C 148 21.87 19.44 -6.16
CA LYS C 148 23.04 20.31 -6.31
C LYS C 148 23.50 20.38 -7.77
N VAL C 149 23.43 19.26 -8.46
CA VAL C 149 23.97 19.19 -9.82
C VAL C 149 22.89 19.26 -10.89
N GLY C 150 21.64 19.10 -10.50
CA GLY C 150 20.54 19.17 -11.45
C GLY C 150 19.94 17.83 -11.84
N SER C 151 19.55 17.04 -10.84
CA SER C 151 18.87 15.77 -11.09
C SER C 151 18.17 15.37 -9.82
N PHE C 152 17.45 14.27 -9.86
CA PHE C 152 16.91 13.65 -8.65
C PHE C 152 16.46 12.24 -8.95
N ASP C 153 16.52 11.40 -7.93
CA ASP C 153 15.96 10.06 -8.05
C ASP C 153 14.83 9.94 -7.03
N GLY C 154 13.61 10.10 -7.50
CA GLY C 154 12.46 10.04 -6.61
C GLY C 154 11.84 8.66 -6.61
N GLY C 155 12.57 7.69 -7.17
CA GLY C 155 12.11 6.31 -7.19
C GLY C 155 12.70 5.56 -6.02
N PHE C 156 13.52 4.55 -6.30
CA PHE C 156 14.18 3.82 -5.22
C PHE C 156 15.16 4.69 -4.44
N GLY C 157 15.71 5.71 -5.09
CA GLY C 157 16.59 6.64 -4.38
C GLY C 157 15.98 7.35 -3.19
N SER C 158 14.65 7.50 -3.17
CA SER C 158 13.95 8.19 -2.09
C SER C 158 13.19 7.21 -1.19
N SER C 159 12.11 6.64 -1.73
CA SER C 159 11.24 5.73 -0.97
C SER C 159 12.02 4.57 -0.36
N TYR C 160 12.85 3.90 -1.15
CA TYR C 160 13.59 2.77 -0.62
C TYR C 160 14.61 3.20 0.44
N LEU C 161 15.27 4.33 0.21
CA LEU C 161 16.20 4.90 1.20
C LEU C 161 15.48 5.14 2.52
N ALA C 162 14.25 5.63 2.45
CA ALA C 162 13.45 5.81 3.66
C ALA C 162 13.12 4.48 4.35
N ARG C 163 13.02 3.40 3.59
CA ARG C 163 12.81 2.06 4.19
C ARG C 163 14.07 1.54 4.85
N ILE C 164 15.16 2.29 4.72
CA ILE C 164 16.44 1.87 5.30
C ILE C 164 16.85 2.77 6.46
N VAL C 165 16.81 4.09 6.25
CA VAL C 165 17.29 5.03 7.27
C VAL C 165 16.19 5.84 7.95
N GLY C 166 14.95 5.63 7.54
CA GLY C 166 13.82 6.38 8.08
C GLY C 166 13.59 7.69 7.35
N GLN C 167 12.39 8.27 7.50
CA GLN C 167 12.01 9.45 6.74
C GLN C 167 12.80 10.71 7.05
N LYS C 168 13.11 10.95 8.33
CA LYS C 168 13.87 12.15 8.70
C LYS C 168 15.25 12.16 8.05
N LYS C 169 15.98 11.07 8.22
CA LYS C 169 17.34 10.98 7.68
C LYS C 169 17.38 10.94 6.15
N ALA C 170 16.43 10.26 5.54
CA ALA C 170 16.41 10.17 4.07
C ALA C 170 16.22 11.55 3.45
N ARG C 171 15.33 12.35 4.03
CA ARG C 171 15.09 13.70 3.54
C ARG C 171 16.34 14.57 3.69
N GLU C 172 17.02 14.45 4.83
CA GLU C 172 18.27 15.20 5.05
C GLU C 172 19.32 14.89 3.98
N ILE C 173 19.47 13.61 3.68
CA ILE C 173 20.45 13.16 2.69
C ILE C 173 20.21 13.83 1.35
N TRP C 174 18.95 13.87 0.92
CA TRP C 174 18.59 14.45 -0.35
C TRP C 174 18.55 15.97 -0.38
N TYR C 175 18.01 16.60 0.67
CA TYR C 175 17.81 18.05 0.63
C TYR C 175 19.12 18.82 0.72
N LEU C 176 20.04 18.33 1.54
CA LEU C 176 21.29 19.05 1.79
C LEU C 176 22.45 18.58 0.91
N CYS C 177 22.38 17.33 0.46
CA CYS C 177 23.46 16.73 -0.35
C CYS C 177 24.83 16.79 0.33
N ARG C 178 24.85 16.54 1.64
CA ARG C 178 26.13 16.44 2.36
C ARG C 178 26.78 15.08 2.14
N GLN C 179 28.00 14.92 2.65
CA GLN C 179 28.72 13.65 2.59
C GLN C 179 28.74 13.03 3.98
N TYR C 180 28.68 11.70 4.04
CA TYR C 180 28.58 10.95 5.29
C TYR C 180 29.70 9.91 5.33
N SER C 181 30.35 9.78 6.48
CA SER C 181 31.42 8.79 6.64
C SER C 181 30.83 7.38 6.71
N ALA C 182 31.71 6.38 6.65
CA ALA C 182 31.29 4.99 6.79
C ALA C 182 30.58 4.74 8.13
N GLN C 183 31.13 5.31 9.20
CA GLN C 183 30.55 5.18 10.54
C GLN C 183 29.16 5.79 10.62
N GLU C 184 29.00 6.98 10.06
CA GLU C 184 27.70 7.65 10.05
C GLU C 184 26.69 6.82 9.27
N ALA C 185 27.13 6.28 8.13
CA ALA C 185 26.27 5.45 7.28
C ALA C 185 25.83 4.18 7.99
N GLU C 186 26.74 3.54 8.72
CA GLU C 186 26.35 2.33 9.44
C GLU C 186 25.40 2.69 10.58
N ARG C 187 25.67 3.79 11.25
CA ARG C 187 24.85 4.20 12.38
C ARG C 187 23.41 4.52 11.95
N MET C 188 23.26 5.09 10.76
CA MET C 188 21.92 5.42 10.27
C MET C 188 21.17 4.21 9.67
N GLY C 189 21.87 3.09 9.50
CA GLY C 189 21.23 1.86 9.07
C GLY C 189 21.40 1.43 7.61
N MET C 190 22.22 2.16 6.84
CA MET C 190 22.34 1.84 5.41
C MET C 190 23.60 1.09 5.02
N VAL C 191 24.48 0.88 5.98
CA VAL C 191 25.67 0.06 5.75
C VAL C 191 25.63 -1.08 6.77
N ASN C 192 25.84 -2.32 6.32
CA ASN C 192 25.69 -3.46 7.23
C ASN C 192 26.87 -3.65 8.19
N THR C 193 28.06 -3.31 7.73
CA THR C 193 29.26 -3.41 8.55
C THR C 193 30.38 -2.58 7.93
N VAL C 194 31.36 -2.21 8.76
CA VAL C 194 32.50 -1.40 8.34
C VAL C 194 33.80 -2.10 8.70
N VAL C 195 34.72 -2.19 7.73
CA VAL C 195 36.01 -2.86 7.91
C VAL C 195 37.10 -1.97 7.29
N PRO C 196 38.37 -2.17 7.71
CA PRO C 196 39.46 -1.44 7.05
C PRO C 196 39.52 -1.79 5.55
N VAL C 197 40.02 -0.87 4.73
CA VAL C 197 39.99 -1.06 3.29
C VAL C 197 40.74 -2.32 2.83
N ASP C 198 41.81 -2.70 3.53
CA ASP C 198 42.55 -3.85 3.05
C ASP C 198 41.91 -5.20 3.40
N ARG C 199 40.78 -5.16 4.12
CA ARG C 199 39.97 -6.33 4.46
C ARG C 199 38.66 -6.33 3.70
N LEU C 200 38.41 -5.30 2.91
CA LEU C 200 37.09 -5.14 2.28
C LEU C 200 36.68 -6.32 1.38
N GLU C 201 37.51 -6.68 0.42
CA GLU C 201 37.19 -7.80 -0.45
C GLU C 201 37.04 -9.10 0.36
N GLU C 202 37.95 -9.32 1.31
CA GLU C 202 37.93 -10.49 2.17
C GLU C 202 36.61 -10.60 2.94
N GLU C 203 36.12 -9.47 3.45
CA GLU C 203 34.84 -9.45 4.14
C GLU C 203 33.68 -9.81 3.21
N GLY C 204 33.69 -9.26 2.00
CA GLY C 204 32.69 -9.61 1.01
C GLY C 204 32.69 -11.09 0.69
N ILE C 205 33.88 -11.67 0.53
CA ILE C 205 33.99 -13.08 0.23
C ILE C 205 33.43 -13.93 1.38
N GLN C 206 33.77 -13.56 2.61
CA GLN C 206 33.27 -14.28 3.78
C GLN C 206 31.75 -14.25 3.86
N TRP C 207 31.16 -13.07 3.67
CA TRP C 207 29.70 -12.96 3.72
C TRP C 207 29.08 -13.82 2.62
N ALA C 208 29.69 -13.79 1.44
CA ALA C 208 29.18 -14.57 0.32
C ALA C 208 29.22 -16.06 0.65
N LYS C 209 30.33 -16.51 1.22
CA LYS C 209 30.45 -17.93 1.59
C LYS C 209 29.40 -18.35 2.61
N GLU C 210 29.05 -17.43 3.52
CA GLU C 210 28.03 -17.74 4.51
C GLU C 210 26.66 -17.88 3.85
N ILE C 211 26.40 -17.05 2.85
CA ILE C 211 25.16 -17.16 2.09
C ILE C 211 25.15 -18.43 1.22
N LEU C 212 26.29 -18.73 0.61
CA LEU C 212 26.40 -19.88 -0.28
C LEU C 212 26.18 -21.24 0.40
N SER C 213 26.25 -21.29 1.73
CA SER C 213 26.02 -22.54 2.44
C SER C 213 24.53 -22.71 2.80
N LYS C 214 23.73 -21.69 2.52
CA LYS C 214 22.31 -21.70 2.82
C LYS C 214 21.50 -22.36 1.70
N SER C 215 20.24 -22.68 1.97
CA SER C 215 19.32 -23.18 0.94
C SER C 215 19.02 -22.09 -0.10
N PRO C 216 19.37 -22.35 -1.37
CA PRO C 216 19.12 -21.32 -2.38
C PRO C 216 17.64 -20.97 -2.50
N LEU C 217 16.75 -21.95 -2.33
CA LEU C 217 15.32 -21.67 -2.46
C LEU C 217 14.81 -20.77 -1.34
N ALA C 218 15.26 -21.03 -0.11
CA ALA C 218 14.90 -20.18 1.03
C ALA C 218 15.39 -18.76 0.81
N ILE C 219 16.63 -18.61 0.33
CA ILE C 219 17.19 -17.28 0.09
C ILE C 219 16.38 -16.49 -0.95
N ARG C 220 16.05 -17.12 -2.07
CA ARG C 220 15.32 -16.39 -3.12
C ARG C 220 13.91 -16.03 -2.66
N CYS C 221 13.29 -16.89 -1.86
CA CYS C 221 11.95 -16.58 -1.35
C CYS C 221 11.98 -15.39 -0.40
N LEU C 222 12.97 -15.37 0.48
CA LEU C 222 13.15 -14.25 1.39
C LEU C 222 13.41 -12.94 0.64
N LYS C 223 14.28 -12.99 -0.36
CA LYS C 223 14.53 -11.79 -1.15
C LYS C 223 13.24 -11.25 -1.77
N ALA C 224 12.40 -12.14 -2.29
CA ALA C 224 11.11 -11.72 -2.85
C ALA C 224 10.18 -11.18 -1.76
N ALA C 225 10.24 -11.78 -0.58
CA ALA C 225 9.38 -11.33 0.53
C ALA C 225 9.75 -9.92 0.97
N PHE C 226 11.04 -9.61 0.96
CA PHE C 226 11.47 -8.25 1.30
C PHE C 226 11.03 -7.23 0.26
N ASN C 227 11.17 -7.57 -1.01
CA ASN C 227 10.72 -6.68 -2.09
C ASN C 227 9.20 -6.50 -2.02
N ALA C 228 8.49 -7.55 -1.63
CA ALA C 228 7.03 -7.51 -1.59
C ALA C 228 6.50 -6.49 -0.58
N ASP C 229 7.33 -6.09 0.38
CA ASP C 229 6.92 -5.08 1.36
C ASP C 229 7.01 -3.68 0.77
N CYS C 230 7.61 -3.58 -0.42
CA CYS C 230 7.84 -2.27 -1.04
C CYS C 230 7.15 -2.13 -2.39
N ASP C 231 7.09 -3.22 -3.15
CA ASP C 231 6.81 -3.11 -4.58
C ASP C 231 5.42 -3.55 -5.03
N GLY C 232 4.46 -3.53 -4.09
CA GLY C 232 3.07 -3.82 -4.42
C GLY C 232 2.91 -5.08 -5.26
N GLN C 233 2.15 -4.99 -6.34
CA GLN C 233 1.88 -6.15 -7.18
C GLN C 233 3.13 -6.72 -7.87
N ALA C 234 4.13 -5.87 -8.10
CA ALA C 234 5.37 -6.36 -8.69
C ALA C 234 6.09 -7.23 -7.68
N GLY C 235 6.03 -6.85 -6.40
CA GLY C 235 6.56 -7.70 -5.34
C GLY C 235 5.77 -8.99 -5.19
N LEU C 236 4.45 -8.91 -5.34
CA LEU C 236 3.62 -10.11 -5.33
C LEU C 236 3.97 -11.05 -6.48
N GLN C 237 4.28 -10.47 -7.63
CA GLN C 237 4.67 -11.27 -8.79
C GLN C 237 5.89 -12.14 -8.46
N GLU C 238 6.87 -11.56 -7.78
CA GLU C 238 8.09 -12.29 -7.41
C GLU C 238 7.82 -13.34 -6.36
N LEU C 239 7.06 -12.97 -5.33
CA LEU C 239 6.80 -13.89 -4.23
C LEU C 239 5.89 -15.03 -4.67
N ALA C 240 4.82 -14.70 -5.38
CA ALA C 240 3.92 -15.73 -5.89
C ALA C 240 4.62 -16.56 -6.97
N GLY C 241 5.45 -15.91 -7.78
CA GLY C 241 6.26 -16.61 -8.77
C GLY C 241 7.14 -17.68 -8.14
N ASN C 242 7.71 -17.36 -6.98
CA ASN C 242 8.49 -18.35 -6.24
C ASN C 242 7.61 -19.48 -5.72
N ALA C 243 6.41 -19.14 -5.24
CA ALA C 243 5.46 -20.16 -4.82
C ALA C 243 5.13 -21.12 -5.97
N THR C 244 4.95 -20.57 -7.17
CA THR C 244 4.66 -21.41 -8.34
C THR C 244 5.83 -22.35 -8.62
N LEU C 245 7.04 -21.81 -8.57
CA LEU C 245 8.24 -22.61 -8.81
C LEU C 245 8.35 -23.76 -7.81
N LEU C 246 8.04 -23.47 -6.54
CA LEU C 246 8.09 -24.49 -5.49
C LEU C 246 7.01 -25.54 -5.72
N TYR C 247 5.83 -25.08 -6.11
CA TYR C 247 4.70 -25.95 -6.43
C TYR C 247 5.07 -26.99 -7.49
N TYR C 248 5.75 -26.56 -8.54
CA TYR C 248 6.19 -27.48 -9.60
C TYR C 248 7.09 -28.59 -9.06
N MET C 249 7.71 -28.34 -7.91
CA MET C 249 8.68 -29.27 -7.33
C MET C 249 8.05 -30.19 -6.30
N THR C 250 6.73 -30.07 -6.12
CA THR C 250 6.02 -30.93 -5.17
C THR C 250 5.39 -32.10 -5.91
N GLU C 251 5.01 -33.13 -5.18
CA GLU C 251 4.35 -34.27 -5.80
C GLU C 251 3.05 -33.85 -6.46
N GLU C 252 2.25 -33.07 -5.73
CA GLU C 252 0.97 -32.60 -6.25
C GLU C 252 1.20 -31.78 -7.51
N GLY C 253 2.24 -30.96 -7.48
CA GLY C 253 2.62 -30.17 -8.64
C GLY C 253 2.99 -31.02 -9.84
N SER C 254 3.84 -32.03 -9.62
CA SER C 254 4.33 -32.88 -10.69
C SER C 254 3.21 -33.66 -11.39
N GLU C 255 2.08 -33.84 -10.71
CA GLU C 255 0.94 -34.52 -11.30
C GLU C 255 0.51 -33.84 -12.60
N GLY C 256 0.54 -32.51 -12.63
CA GLY C 256 0.23 -31.76 -13.83
C GLY C 256 1.10 -32.17 -15.00
N LYS C 257 2.41 -32.19 -14.77
CA LYS C 257 3.37 -32.62 -15.79
C LYS C 257 3.22 -34.09 -16.16
N GLN C 258 3.05 -34.95 -15.15
CA GLN C 258 2.93 -36.38 -15.37
C GLN C 258 1.58 -36.77 -15.98
N ALA C 259 0.52 -36.08 -15.58
CA ALA C 259 -0.79 -36.28 -16.19
C ALA C 259 -0.71 -35.88 -17.65
N PHE C 260 0.20 -34.96 -17.94
CA PHE C 260 0.45 -34.57 -19.31
C PHE C 260 1.52 -35.46 -19.97
N LEU C 261 2.39 -36.06 -19.17
CA LEU C 261 3.32 -37.06 -19.68
C LEU C 261 2.56 -38.26 -20.23
N GLU C 262 1.32 -38.43 -19.75
CA GLU C 262 0.47 -39.55 -20.17
C GLU C 262 -0.80 -39.13 -20.91
N LYS C 263 -1.02 -37.83 -21.05
CA LYS C 263 -2.20 -37.31 -21.74
C LYS C 263 -3.53 -37.73 -21.10
N ARG C 264 -3.57 -37.79 -19.77
CA ARG C 264 -4.79 -38.12 -19.02
C ARG C 264 -5.12 -36.97 -18.08
N PRO C 265 -6.38 -36.53 -18.04
CA PRO C 265 -6.71 -35.38 -17.21
C PRO C 265 -5.90 -35.40 -15.92
N PRO C 266 -5.45 -34.24 -15.44
CA PRO C 266 -4.80 -34.21 -14.12
C PRO C 266 -5.81 -34.59 -13.05
N ASP C 267 -5.45 -35.50 -12.16
CA ASP C 267 -6.35 -35.85 -11.07
C ASP C 267 -5.75 -35.51 -9.72
N PHE C 268 -6.36 -34.52 -9.06
CA PHE C 268 -5.88 -34.09 -7.76
C PHE C 268 -6.78 -34.62 -6.64
N SER C 269 -7.58 -35.63 -6.96
CA SER C 269 -8.59 -36.15 -6.01
C SER C 269 -8.02 -36.72 -4.71
N GLN C 270 -6.81 -37.27 -4.75
CA GLN C 270 -6.22 -37.87 -3.55
C GLN C 270 -5.60 -36.84 -2.60
N TYR C 271 -5.36 -35.62 -3.07
CA TYR C 271 -4.69 -34.62 -2.26
C TYR C 271 -5.61 -33.90 -1.27
N PRO C 272 -5.16 -33.74 -0.02
CA PRO C 272 -5.97 -33.13 1.03
C PRO C 272 -6.09 -31.63 0.87
N TRP C 273 -7.13 -31.07 1.48
CA TRP C 273 -7.23 -29.63 1.66
C TRP C 273 -6.72 -29.32 3.07
N LEU C 274 -5.43 -29.06 3.18
CA LEU C 274 -4.78 -28.85 4.47
C LEU C 274 -5.29 -27.59 5.17
N PRO C 275 -5.22 -27.55 6.51
CA PRO C 275 -5.70 -26.36 7.23
C PRO C 275 -4.80 -25.15 7.02
N MET D 1 5.00 -8.71 44.27
CA MET D 1 4.04 -8.97 43.21
C MET D 1 3.63 -10.45 43.20
N ASP D 2 2.41 -10.72 43.65
CA ASP D 2 1.95 -12.11 43.76
C ASP D 2 1.29 -12.62 42.49
N TRP D 3 2.06 -13.29 41.65
CA TRP D 3 1.48 -14.02 40.54
C TRP D 3 0.57 -15.10 41.10
N HIS D 4 -0.55 -15.35 40.43
CA HIS D 4 -1.38 -16.50 40.76
C HIS D 4 -1.66 -17.27 39.46
N ILE D 5 -1.65 -18.59 39.56
CA ILE D 5 -1.91 -19.46 38.40
C ILE D 5 -3.27 -19.18 37.77
N ALA D 6 -3.29 -18.98 36.45
CA ALA D 6 -4.54 -18.73 35.75
C ALA D 6 -5.05 -20.01 35.09
N LYS D 7 -4.17 -20.73 34.41
CA LYS D 7 -4.51 -22.01 33.78
C LYS D 7 -3.34 -22.98 33.87
N HIS D 8 -3.62 -24.27 33.72
CA HIS D 8 -2.57 -25.30 33.69
C HIS D 8 -2.36 -25.84 32.29
N TYR D 9 -1.09 -25.99 31.90
CA TYR D 9 -0.72 -26.45 30.57
C TYR D 9 0.41 -27.48 30.64
N ASP D 10 0.63 -28.20 29.55
CA ASP D 10 1.73 -29.17 29.49
C ASP D 10 3.07 -28.46 29.26
N ASP D 11 3.08 -27.54 28.31
CA ASP D 11 4.32 -26.96 27.78
C ASP D 11 4.57 -25.52 28.22
N ILE D 12 3.60 -24.91 28.90
CA ILE D 12 3.74 -23.50 29.28
C ILE D 12 3.17 -23.23 30.67
N LEU D 13 3.57 -22.10 31.24
CA LEU D 13 3.02 -21.65 32.51
C LEU D 13 2.26 -20.35 32.26
N TYR D 14 1.21 -20.12 33.03
CA TYR D 14 0.36 -18.96 32.78
C TYR D 14 -0.13 -18.36 34.08
N TYR D 15 0.26 -17.11 34.34
CA TYR D 15 -0.09 -16.44 35.59
C TYR D 15 -0.75 -15.09 35.34
N LYS D 16 -1.37 -14.57 36.39
CA LYS D 16 -1.89 -13.21 36.39
C LYS D 16 -1.63 -12.55 37.74
N ALA D 17 -1.52 -11.23 37.73
CA ALA D 17 -1.47 -10.43 38.94
C ALA D 17 -1.94 -9.02 38.60
N GLY D 18 -3.06 -8.60 39.15
CA GLY D 18 -3.65 -7.32 38.79
C GLY D 18 -3.97 -7.29 37.31
N GLY D 19 -3.51 -6.24 36.62
CA GLY D 19 -3.74 -6.09 35.19
C GLY D 19 -2.69 -6.71 34.28
N ILE D 20 -1.78 -7.50 34.86
CA ILE D 20 -0.72 -8.12 34.08
C ILE D 20 -0.89 -9.64 33.99
N ALA D 21 -0.73 -10.17 32.78
CA ALA D 21 -0.65 -11.61 32.58
C ALA D 21 0.78 -11.98 32.21
N LYS D 22 1.23 -13.14 32.67
CA LYS D 22 2.56 -13.63 32.31
C LYS D 22 2.46 -15.01 31.67
N ILE D 23 2.96 -15.12 30.45
CA ILE D 23 2.95 -16.39 29.73
C ILE D 23 4.39 -16.87 29.59
N VAL D 24 4.67 -18.07 30.09
CA VAL D 24 6.02 -18.58 30.18
C VAL D 24 6.16 -19.88 29.39
N ILE D 25 6.94 -19.85 28.32
CA ILE D 25 7.24 -21.09 27.61
C ILE D 25 8.08 -21.96 28.55
N ASN D 26 7.59 -23.17 28.85
CA ASN D 26 8.22 -24.02 29.84
C ASN D 26 8.76 -25.33 29.30
N ARG D 27 9.68 -25.25 28.35
CA ARG D 27 10.40 -26.43 27.89
C ARG D 27 11.90 -26.17 27.85
N PRO D 28 12.49 -25.83 29.02
CA PRO D 28 13.92 -25.45 29.02
C PRO D 28 14.87 -26.57 28.61
N HIS D 29 14.41 -27.82 28.66
CA HIS D 29 15.26 -28.94 28.23
C HIS D 29 15.30 -29.01 26.71
N LYS D 30 14.40 -28.27 26.08
CA LYS D 30 14.33 -28.19 24.63
C LYS D 30 14.73 -26.80 24.14
N ARG D 31 15.43 -26.06 25.00
CA ARG D 31 15.77 -24.66 24.73
C ARG D 31 14.51 -23.86 24.42
N ASN D 32 13.40 -24.29 25.02
CA ASN D 32 12.09 -23.66 24.84
C ASN D 32 11.62 -23.59 23.38
N ALA D 33 12.08 -24.55 22.57
CA ALA D 33 11.54 -24.76 21.23
C ALA D 33 10.06 -25.12 21.34
N PHE D 34 9.25 -24.65 20.40
CA PHE D 34 7.82 -24.99 20.43
C PHE D 34 7.44 -26.20 19.58
N ARG D 35 6.69 -27.12 20.18
CA ARG D 35 6.05 -28.21 19.44
C ARG D 35 4.61 -27.78 19.14
N PRO D 36 3.89 -28.54 18.29
CA PRO D 36 2.49 -28.18 17.99
C PRO D 36 1.63 -27.97 19.23
N GLN D 37 1.84 -28.78 20.26
CA GLN D 37 1.11 -28.63 21.52
C GLN D 37 1.39 -27.28 22.17
N THR D 38 2.64 -26.85 22.11
CA THR D 38 3.07 -25.57 22.66
C THR D 38 2.38 -24.37 22.02
N VAL D 39 2.19 -24.43 20.70
CA VAL D 39 1.54 -23.34 19.97
C VAL D 39 0.06 -23.24 20.36
N PHE D 40 -0.59 -24.39 20.45
CA PHE D 40 -1.98 -24.49 20.87
C PHE D 40 -2.18 -23.86 22.25
N GLU D 41 -1.32 -24.24 23.19
CA GLU D 41 -1.42 -23.73 24.55
C GLU D 41 -1.13 -22.22 24.61
N LEU D 42 -0.13 -21.78 23.87
CA LEU D 42 0.21 -20.36 23.80
C LEU D 42 -0.97 -19.57 23.22
N TYR D 43 -1.60 -20.14 22.21
CA TYR D 43 -2.74 -19.51 21.56
C TYR D 43 -3.89 -19.40 22.55
N ASP D 44 -4.11 -20.47 23.31
CA ASP D 44 -5.22 -20.51 24.26
C ASP D 44 -5.01 -19.52 25.40
N ALA D 45 -3.77 -19.40 25.87
CA ALA D 45 -3.47 -18.49 26.96
C ALA D 45 -3.62 -17.02 26.54
N PHE D 46 -3.17 -16.71 25.32
CA PHE D 46 -3.34 -15.36 24.78
C PHE D 46 -4.81 -15.02 24.56
N CYS D 47 -5.62 -16.02 24.22
CA CYS D 47 -7.06 -15.82 24.07
C CYS D 47 -7.70 -15.48 25.40
N ASN D 48 -7.26 -16.19 26.44
CA ASN D 48 -7.78 -15.94 27.78
C ASN D 48 -7.47 -14.50 28.20
N ALA D 49 -6.23 -14.09 27.99
CA ALA D 49 -5.79 -12.74 28.32
C ALA D 49 -6.58 -11.69 27.52
N ARG D 50 -6.92 -12.02 26.28
CA ARG D 50 -7.73 -11.13 25.46
C ARG D 50 -9.13 -10.98 26.06
N GLU D 51 -9.65 -12.09 26.58
CA GLU D 51 -11.01 -12.16 27.12
C GLU D 51 -11.16 -11.52 28.51
N ASP D 52 -10.06 -11.41 29.24
CA ASP D 52 -10.11 -10.91 30.62
C ASP D 52 -10.09 -9.38 30.62
N ASN D 53 -11.21 -8.76 30.98
CA ASN D 53 -11.32 -7.31 31.02
C ASN D 53 -10.33 -6.66 31.98
N ARG D 54 -9.78 -7.44 32.90
CA ARG D 54 -8.83 -6.93 33.88
C ARG D 54 -7.40 -6.82 33.33
N ILE D 55 -7.07 -7.64 32.34
CA ILE D 55 -5.70 -7.70 31.82
C ILE D 55 -5.47 -6.67 30.71
N GLY D 56 -4.47 -5.82 30.88
CA GLY D 56 -4.12 -4.84 29.86
C GLY D 56 -2.81 -5.12 29.18
N VAL D 57 -1.95 -5.87 29.85
CA VAL D 57 -0.60 -6.12 29.37
C VAL D 57 -0.25 -7.60 29.53
N VAL D 58 0.40 -8.18 28.53
CA VAL D 58 0.88 -9.55 28.65
C VAL D 58 2.40 -9.60 28.54
N LEU D 59 3.03 -10.24 29.53
CA LEU D 59 4.47 -10.46 29.51
C LEU D 59 4.74 -11.86 28.96
N LEU D 60 5.55 -11.93 27.90
CA LEU D 60 5.88 -13.21 27.29
C LEU D 60 7.35 -13.55 27.50
N THR D 61 7.62 -14.72 28.05
CA THR D 61 9.00 -15.12 28.28
C THR D 61 9.19 -16.62 28.22
N GLY D 62 10.43 -17.08 28.38
CA GLY D 62 10.73 -18.50 28.43
C GLY D 62 11.32 -18.84 29.78
N ALA D 63 11.08 -20.07 30.24
CA ALA D 63 11.63 -20.51 31.51
C ALA D 63 13.15 -20.68 31.40
N GLY D 64 13.86 -20.38 32.49
CA GLY D 64 15.30 -20.45 32.48
C GLY D 64 15.91 -20.08 33.81
N PRO D 65 17.19 -20.47 34.01
CA PRO D 65 18.00 -21.15 32.99
C PRO D 65 17.83 -22.67 33.01
N HIS D 66 18.45 -23.33 32.03
CA HIS D 66 18.55 -24.78 31.99
C HIS D 66 19.62 -25.22 33.00
N SER D 67 19.83 -26.53 33.13
CA SER D 67 20.83 -27.09 34.05
C SER D 67 22.22 -26.53 33.81
N ASP D 68 22.49 -26.14 32.56
CA ASP D 68 23.84 -25.72 32.18
C ASP D 68 24.06 -24.22 32.32
N GLY D 69 23.10 -23.54 32.94
CA GLY D 69 23.26 -22.14 33.30
C GLY D 69 22.98 -21.12 32.20
N LYS D 70 22.64 -21.59 31.01
CA LYS D 70 22.33 -20.67 29.92
C LYS D 70 20.84 -20.64 29.54
N TYR D 71 20.38 -19.48 29.10
CA TYR D 71 18.95 -19.22 28.97
C TYR D 71 18.44 -19.34 27.55
N ALA D 72 17.15 -19.60 27.42
CA ALA D 72 16.46 -19.52 26.14
C ALA D 72 15.07 -18.91 26.30
N PHE D 73 14.74 -17.99 25.41
CA PHE D 73 13.40 -17.40 25.31
C PHE D 73 12.54 -18.37 24.51
N CYS D 74 13.00 -18.67 23.30
CA CYS D 74 12.34 -19.60 22.41
C CYS D 74 13.27 -19.89 21.26
N SER D 75 13.57 -21.17 21.01
CA SER D 75 14.55 -21.50 19.99
C SER D 75 13.92 -21.87 18.64
N GLY D 76 12.61 -21.70 18.52
CA GLY D 76 11.93 -21.95 17.26
C GLY D 76 11.19 -23.27 17.24
N GLY D 77 10.98 -23.81 16.04
CA GLY D 77 10.24 -25.05 15.88
C GLY D 77 11.01 -26.28 16.33
N ASP D 78 10.34 -27.15 17.09
CA ASP D 78 10.94 -28.39 17.55
C ASP D 78 10.84 -29.45 16.46
N LEU D 96 -3.54 -26.00 14.37
CA LEU D 96 -3.21 -24.62 14.71
C LEU D 96 -1.71 -24.40 14.55
N ASN D 97 -1.34 -23.39 13.78
CA ASN D 97 0.07 -23.12 13.54
C ASN D 97 0.54 -21.77 14.07
N VAL D 98 1.85 -21.55 14.04
CA VAL D 98 2.43 -20.33 14.62
C VAL D 98 2.00 -19.07 13.88
N LEU D 99 1.54 -19.22 12.64
CA LEU D 99 1.01 -18.07 11.89
C LEU D 99 -0.25 -17.55 12.56
N ASP D 100 -1.11 -18.47 13.00
CA ASP D 100 -2.29 -18.11 13.77
C ASP D 100 -1.88 -17.39 15.05
N LEU D 101 -0.88 -17.93 15.75
CA LEU D 101 -0.40 -17.32 16.98
C LEU D 101 0.21 -15.94 16.75
N GLN D 102 0.97 -15.78 15.67
CA GLN D 102 1.51 -14.48 15.30
C GLN D 102 0.41 -13.43 15.16
N ARG D 103 -0.67 -13.79 14.46
N ARG D 103 -0.67 -13.80 14.46
CA ARG D 103 -1.79 -12.89 14.22
CA ARG D 103 -1.79 -12.88 14.24
C ARG D 103 -2.50 -12.50 15.52
C ARG D 103 -2.53 -12.50 15.51
N LEU D 104 -2.68 -13.46 16.41
CA LEU D 104 -3.34 -13.23 17.67
C LEU D 104 -2.58 -12.21 18.51
N ILE D 105 -1.28 -12.43 18.66
CA ILE D 105 -0.40 -11.53 19.40
C ILE D 105 -0.40 -10.13 18.77
N ARG D 106 -0.31 -10.08 17.45
CA ARG D 106 -0.24 -8.83 16.71
C ARG D 106 -1.51 -8.00 16.85
N SER D 107 -2.66 -8.68 16.87
CA SER D 107 -3.93 -7.98 16.72
C SER D 107 -4.74 -7.81 18.01
N MET D 108 -4.42 -8.59 19.02
CA MET D 108 -5.18 -8.49 20.26
C MET D 108 -4.99 -7.12 20.88
N PRO D 109 -6.10 -6.54 21.40
CA PRO D 109 -6.07 -5.16 21.90
C PRO D 109 -5.49 -5.05 23.31
N LYS D 110 -4.39 -5.77 23.54
CA LYS D 110 -3.65 -5.68 24.80
C LYS D 110 -2.18 -5.56 24.40
N VAL D 111 -1.38 -4.87 25.20
CA VAL D 111 0.03 -4.72 24.84
C VAL D 111 0.81 -5.97 25.23
N VAL D 112 1.55 -6.55 24.28
CA VAL D 112 2.35 -7.72 24.56
C VAL D 112 3.84 -7.35 24.61
N ILE D 113 4.50 -7.69 25.71
CA ILE D 113 5.91 -7.39 25.87
C ILE D 113 6.70 -8.70 25.96
N ALA D 114 7.59 -8.92 25.00
CA ALA D 114 8.50 -10.07 25.06
C ALA D 114 9.64 -9.75 26.02
N LEU D 115 9.86 -10.64 26.98
CA LEU D 115 11.01 -10.52 27.88
C LEU D 115 12.02 -11.60 27.48
N VAL D 116 13.10 -11.18 26.83
CA VAL D 116 14.03 -12.15 26.25
C VAL D 116 15.29 -12.33 27.08
N ALA D 117 15.43 -13.50 27.69
CA ALA D 117 16.70 -13.92 28.26
C ALA D 117 17.27 -15.03 27.39
N GLY D 118 18.57 -14.95 27.08
CA GLY D 118 19.21 -15.96 26.26
C GLY D 118 18.64 -16.00 24.85
N TYR D 119 18.62 -17.19 24.26
CA TYR D 119 18.28 -17.34 22.84
C TYR D 119 16.83 -17.02 22.47
N ALA D 120 16.68 -16.11 21.51
CA ALA D 120 15.43 -15.91 20.78
C ALA D 120 15.75 -16.15 19.31
N ILE D 121 15.56 -17.38 18.84
CA ILE D 121 16.12 -17.80 17.57
C ILE D 121 15.07 -18.47 16.70
N GLY D 122 15.21 -18.33 15.37
CA GLY D 122 14.29 -18.96 14.45
C GLY D 122 12.87 -18.46 14.64
N GLY D 123 11.91 -19.38 14.68
CA GLY D 123 10.53 -19.04 14.96
C GLY D 123 10.39 -18.28 16.27
N GLY D 124 11.31 -18.52 17.19
CA GLY D 124 11.34 -17.80 18.45
C GLY D 124 11.73 -16.33 18.31
N HIS D 125 12.51 -16.04 17.28
CA HIS D 125 12.89 -14.65 17.03
C HIS D 125 11.70 -13.90 16.43
N VAL D 126 10.96 -14.54 15.52
CA VAL D 126 9.78 -13.90 14.94
C VAL D 126 8.72 -13.67 16.03
N LEU D 127 8.66 -14.60 16.98
CA LEU D 127 7.79 -14.45 18.14
C LEU D 127 8.03 -13.14 18.89
N HIS D 128 9.30 -12.86 19.18
CA HIS D 128 9.65 -11.60 19.85
C HIS D 128 9.32 -10.39 18.97
N LEU D 129 9.55 -10.53 17.67
CA LEU D 129 9.31 -9.43 16.73
C LEU D 129 7.85 -8.96 16.71
N VAL D 130 6.91 -9.90 16.72
CA VAL D 130 5.50 -9.52 16.58
C VAL D 130 4.86 -9.05 17.88
N CYS D 131 5.53 -9.27 19.01
CA CYS D 131 5.10 -8.64 20.26
C CYS D 131 5.28 -7.14 20.08
N ASP D 132 4.39 -6.35 20.67
CA ASP D 132 4.46 -4.89 20.58
C ASP D 132 5.86 -4.35 20.93
N LEU D 133 6.41 -4.85 22.03
CA LEU D 133 7.65 -4.34 22.60
C LEU D 133 8.53 -5.51 23.01
N THR D 134 9.84 -5.28 23.04
CA THR D 134 10.78 -6.28 23.57
C THR D 134 11.74 -5.65 24.57
N ILE D 135 11.80 -6.25 25.75
CA ILE D 135 12.85 -5.95 26.72
C ILE D 135 13.80 -7.15 26.78
N ALA D 136 15.08 -6.89 26.57
CA ALA D 136 16.09 -7.95 26.53
C ALA D 136 16.97 -7.98 27.77
N ALA D 137 17.29 -9.17 28.28
CA ALA D 137 18.37 -9.32 29.23
C ALA D 137 19.68 -9.07 28.49
N ASP D 138 20.75 -8.68 29.19
CA ASP D 138 21.97 -8.37 28.45
C ASP D 138 22.69 -9.61 27.92
N ASN D 139 22.21 -10.79 28.34
CA ASN D 139 22.71 -12.06 27.83
C ASN D 139 21.87 -12.58 26.66
N ALA D 140 20.93 -11.77 26.19
CA ALA D 140 20.04 -12.21 25.11
C ALA D 140 20.76 -12.39 23.78
N ILE D 141 20.31 -13.36 22.99
CA ILE D 141 20.91 -13.64 21.68
C ILE D 141 19.82 -13.78 20.61
N PHE D 142 19.92 -12.97 19.55
CA PHE D 142 18.87 -12.85 18.53
C PHE D 142 19.35 -13.33 17.15
N GLY D 143 18.45 -13.91 16.37
CA GLY D 143 18.78 -14.29 15.00
C GLY D 143 17.82 -15.27 14.37
N GLN D 144 17.89 -15.40 13.04
CA GLN D 144 17.04 -16.33 12.31
C GLN D 144 17.86 -17.55 11.91
N THR D 145 17.18 -18.66 11.61
CA THR D 145 17.87 -19.91 11.27
C THR D 145 17.40 -20.55 9.98
N GLY D 146 16.28 -20.07 9.45
CA GLY D 146 15.62 -20.67 8.32
C GLY D 146 16.49 -21.23 7.20
N PRO D 147 17.21 -20.34 6.51
CA PRO D 147 18.03 -20.73 5.35
C PRO D 147 19.10 -21.77 5.70
N LYS D 148 19.45 -21.85 6.98
CA LYS D 148 20.46 -22.78 7.47
C LYS D 148 19.85 -24.15 7.76
N VAL D 149 18.62 -24.15 8.29
CA VAL D 149 18.02 -25.41 8.74
C VAL D 149 16.96 -25.96 7.80
N GLY D 150 16.49 -25.14 6.86
CA GLY D 150 15.49 -25.57 5.90
C GLY D 150 14.09 -25.02 6.13
N SER D 151 14.00 -23.70 6.15
CA SER D 151 12.71 -23.05 6.37
C SER D 151 12.88 -21.57 6.09
N PHE D 152 11.80 -20.82 6.19
CA PHE D 152 11.87 -19.36 6.12
C PHE D 152 10.53 -18.78 6.55
N ASP D 153 10.56 -17.54 7.04
CA ASP D 153 9.34 -16.83 7.34
C ASP D 153 9.37 -15.57 6.50
N GLY D 154 8.69 -15.59 5.36
CA GLY D 154 8.65 -14.44 4.48
C GLY D 154 7.45 -13.55 4.76
N GLY D 155 6.79 -13.81 5.89
CA GLY D 155 5.65 -13.04 6.31
C GLY D 155 6.06 -11.89 7.21
N PHE D 156 5.53 -11.87 8.44
CA PHE D 156 5.94 -10.87 9.41
C PHE D 156 7.43 -11.01 9.77
N GLY D 157 7.98 -12.21 9.60
CA GLY D 157 9.38 -12.44 9.91
C GLY D 157 10.29 -11.60 9.03
N SER D 158 9.81 -11.29 7.82
CA SER D 158 10.56 -10.48 6.87
C SER D 158 10.10 -9.01 6.81
N SER D 159 8.93 -8.79 6.22
CA SER D 159 8.39 -7.43 6.04
C SER D 159 8.30 -6.66 7.35
N TYR D 160 7.75 -7.27 8.39
CA TYR D 160 7.61 -6.54 9.65
C TYR D 160 8.96 -6.26 10.28
N LEU D 161 9.90 -7.20 10.16
CA LEU D 161 11.27 -6.98 10.62
C LEU D 161 11.87 -5.75 9.94
N ALA D 162 11.59 -5.60 8.64
CA ALA D 162 12.10 -4.45 7.89
C ALA D 162 11.49 -3.15 8.42
N ARG D 163 10.27 -3.22 8.95
CA ARG D 163 9.62 -2.02 9.51
C ARG D 163 10.20 -1.68 10.87
N ILE D 164 11.09 -2.53 11.38
CA ILE D 164 11.70 -2.31 12.69
C ILE D 164 13.17 -1.92 12.55
N VAL D 165 13.93 -2.67 11.77
CA VAL D 165 15.38 -2.42 11.66
C VAL D 165 15.81 -1.85 10.29
N GLY D 166 14.86 -1.65 9.39
CA GLY D 166 15.20 -1.17 8.05
C GLY D 166 15.61 -2.31 7.11
N GLN D 167 15.52 -2.07 5.80
CA GLN D 167 15.71 -3.13 4.82
C GLN D 167 17.11 -3.76 4.77
N LYS D 168 18.16 -2.97 4.93
CA LYS D 168 19.52 -3.51 4.84
C LYS D 168 19.78 -4.52 5.96
N LYS D 169 19.45 -4.15 7.19
CA LYS D 169 19.70 -5.01 8.36
C LYS D 169 18.79 -6.23 8.39
N ALA D 170 17.55 -6.07 7.92
CA ALA D 170 16.61 -7.19 7.91
C ALA D 170 17.09 -8.28 6.95
N ARG D 171 17.58 -7.86 5.79
CA ARG D 171 18.12 -8.83 4.83
C ARG D 171 19.37 -9.52 5.39
N GLU D 172 20.23 -8.76 6.05
CA GLU D 172 21.43 -9.35 6.67
C GLU D 172 21.06 -10.43 7.68
N ILE D 173 20.08 -10.12 8.51
CA ILE D 173 19.64 -11.06 9.55
C ILE D 173 19.23 -12.40 8.94
N TRP D 174 18.46 -12.34 7.86
CA TRP D 174 17.97 -13.55 7.22
C TRP D 174 18.96 -14.27 6.31
N TYR D 175 19.77 -13.52 5.56
CA TYR D 175 20.68 -14.14 4.57
C TYR D 175 21.84 -14.87 5.22
N LEU D 176 22.36 -14.31 6.32
CA LEU D 176 23.56 -14.88 6.95
C LEU D 176 23.23 -15.80 8.13
N CYS D 177 22.09 -15.57 8.77
CA CYS D 177 21.70 -16.35 9.96
C CYS D 177 22.75 -16.28 11.07
N ARG D 178 23.33 -15.10 11.27
CA ARG D 178 24.25 -14.90 12.39
C ARG D 178 23.49 -14.63 13.68
N GLN D 179 24.23 -14.57 14.78
CA GLN D 179 23.64 -14.23 16.08
C GLN D 179 24.01 -12.80 16.48
N TYR D 180 23.06 -12.10 17.09
CA TYR D 180 23.24 -10.71 17.48
C TYR D 180 23.08 -10.57 19.00
N SER D 181 23.96 -9.80 19.63
CA SER D 181 23.86 -9.58 21.07
C SER D 181 22.69 -8.67 21.41
N ALA D 182 22.41 -8.52 22.70
CA ALA D 182 21.33 -7.64 23.14
C ALA D 182 21.61 -6.18 22.78
N GLN D 183 22.85 -5.76 22.95
CA GLN D 183 23.25 -4.38 22.61
C GLN D 183 23.13 -4.10 21.12
N GLU D 184 23.42 -5.12 20.30
CA GLU D 184 23.31 -4.98 18.85
C GLU D 184 21.85 -4.88 18.43
N ALA D 185 21.02 -5.70 19.06
CA ALA D 185 19.58 -5.69 18.78
C ALA D 185 18.94 -4.36 19.17
N GLU D 186 19.35 -3.79 20.30
CA GLU D 186 18.85 -2.46 20.68
C GLU D 186 19.34 -1.39 19.70
N ARG D 187 20.62 -1.47 19.36
CA ARG D 187 21.22 -0.51 18.43
C ARG D 187 20.50 -0.50 17.08
N MET D 188 20.08 -1.67 16.60
CA MET D 188 19.45 -1.74 15.28
C MET D 188 17.95 -1.45 15.33
N GLY D 189 17.39 -1.34 16.53
CA GLY D 189 16.02 -0.86 16.72
C GLY D 189 14.96 -1.89 17.08
N MET D 190 15.36 -3.15 17.27
CA MET D 190 14.36 -4.21 17.51
C MET D 190 14.17 -4.58 18.97
N VAL D 191 14.99 -4.01 19.84
CA VAL D 191 14.85 -4.19 21.28
C VAL D 191 14.69 -2.82 21.91
N ASN D 192 13.67 -2.67 22.75
CA ASN D 192 13.36 -1.38 23.35
C ASN D 192 14.31 -0.95 24.46
N THR D 193 14.75 -1.91 25.28
CA THR D 193 15.74 -1.65 26.31
C THR D 193 16.42 -2.95 26.76
N VAL D 194 17.57 -2.80 27.40
CA VAL D 194 18.41 -3.93 27.83
C VAL D 194 18.71 -3.79 29.31
N VAL D 195 18.54 -4.88 30.08
CA VAL D 195 18.82 -4.89 31.53
C VAL D 195 19.52 -6.20 31.92
N PRO D 196 20.17 -6.24 33.11
CA PRO D 196 20.70 -7.53 33.57
C PRO D 196 19.61 -8.61 33.67
N VAL D 197 19.98 -9.89 33.53
CA VAL D 197 18.98 -10.96 33.48
C VAL D 197 18.12 -11.00 34.75
N ASP D 198 18.72 -10.61 35.88
CA ASP D 198 18.03 -10.65 37.16
C ASP D 198 17.01 -9.52 37.31
N ARG D 199 17.06 -8.54 36.42
CA ARG D 199 16.11 -7.42 36.43
C ARG D 199 15.05 -7.51 35.34
N LEU D 200 15.18 -8.52 34.47
CA LEU D 200 14.31 -8.66 33.32
C LEU D 200 12.82 -8.64 33.69
N GLU D 201 12.40 -9.52 34.60
CA GLU D 201 10.99 -9.59 34.97
C GLU D 201 10.51 -8.27 35.59
N GLU D 202 11.34 -7.71 36.46
CA GLU D 202 11.04 -6.45 37.13
C GLU D 202 10.90 -5.30 36.14
N GLU D 203 11.76 -5.26 35.13
CA GLU D 203 11.64 -4.23 34.10
C GLU D 203 10.31 -4.40 33.37
N GLY D 204 9.99 -5.64 33.00
CA GLY D 204 8.72 -5.93 32.34
C GLY D 204 7.53 -5.45 33.14
N ILE D 205 7.57 -5.70 34.45
CA ILE D 205 6.51 -5.27 35.36
C ILE D 205 6.35 -3.75 35.41
N GLN D 206 7.47 -3.02 35.52
CA GLN D 206 7.43 -1.55 35.54
C GLN D 206 6.82 -0.98 34.25
N TRP D 207 7.24 -1.49 33.10
CA TRP D 207 6.67 -1.03 31.84
C TRP D 207 5.18 -1.34 31.77
N ALA D 208 4.80 -2.54 32.20
CA ALA D 208 3.39 -2.93 32.25
C ALA D 208 2.58 -1.95 33.12
N LYS D 209 3.11 -1.63 34.29
CA LYS D 209 2.44 -0.69 35.20
C LYS D 209 2.25 0.69 34.58
N GLU D 210 3.26 1.17 33.87
CA GLU D 210 3.13 2.46 33.18
C GLU D 210 2.00 2.44 32.13
N ILE D 211 1.91 1.33 31.39
CA ILE D 211 0.83 1.17 30.41
C ILE D 211 -0.54 1.05 31.10
N LEU D 212 -0.58 0.35 32.23
CA LEU D 212 -1.85 0.09 32.91
C LEU D 212 -2.52 1.32 33.51
N SER D 213 -1.78 2.41 33.63
CA SER D 213 -2.35 3.65 34.16
C SER D 213 -2.87 4.53 33.01
N LYS D 214 -2.75 4.04 31.79
CA LYS D 214 -3.19 4.77 30.61
C LYS D 214 -4.65 4.50 30.27
N SER D 215 -5.22 5.32 29.40
CA SER D 215 -6.56 5.05 28.89
C SER D 215 -6.56 3.81 27.99
N PRO D 216 -7.33 2.78 28.37
CA PRO D 216 -7.38 1.55 27.59
C PRO D 216 -7.86 1.73 26.14
N LEU D 217 -8.83 2.61 25.92
CA LEU D 217 -9.33 2.84 24.57
C LEU D 217 -8.30 3.55 23.72
N ALA D 218 -7.55 4.46 24.33
CA ALA D 218 -6.50 5.15 23.58
C ALA D 218 -5.41 4.16 23.20
N ILE D 219 -5.00 3.31 24.13
CA ILE D 219 -3.99 2.29 23.86
C ILE D 219 -4.40 1.33 22.73
N ARG D 220 -5.62 0.82 22.79
CA ARG D 220 -6.06 -0.13 21.77
C ARG D 220 -6.19 0.51 20.39
N CYS D 221 -6.59 1.78 20.35
CA CYS D 221 -6.71 2.50 19.09
C CYS D 221 -5.33 2.74 18.50
N LEU D 222 -4.36 3.03 19.36
CA LEU D 222 -3.00 3.25 18.88
C LEU D 222 -2.40 1.96 18.34
N LYS D 223 -2.70 0.84 19.00
CA LYS D 223 -2.18 -0.46 18.53
C LYS D 223 -2.75 -0.77 17.14
N ALA D 224 -4.05 -0.57 16.96
CA ALA D 224 -4.66 -0.75 15.64
C ALA D 224 -4.06 0.20 14.61
N ALA D 225 -3.80 1.44 15.03
CA ALA D 225 -3.21 2.43 14.11
C ALA D 225 -1.85 1.98 13.60
N PHE D 226 -1.02 1.43 14.48
CA PHE D 226 0.29 0.94 14.07
C PHE D 226 0.19 -0.24 13.12
N ASN D 227 -0.72 -1.16 13.41
CA ASN D 227 -0.96 -2.31 12.54
C ASN D 227 -1.46 -1.85 11.19
N ALA D 228 -2.23 -0.76 11.19
CA ALA D 228 -2.81 -0.23 9.95
C ALA D 228 -1.76 0.31 8.97
N ASP D 229 -0.55 0.60 9.46
CA ASP D 229 0.51 1.06 8.57
C ASP D 229 1.13 -0.13 7.82
N CYS D 230 0.76 -1.33 8.24
CA CYS D 230 1.38 -2.55 7.71
C CYS D 230 0.41 -3.49 7.02
N ASP D 231 -0.79 -3.63 7.57
CA ASP D 231 -1.68 -4.73 7.19
C ASP D 231 -2.86 -4.36 6.27
N GLY D 232 -2.73 -3.30 5.49
CA GLY D 232 -3.76 -2.91 4.53
C GLY D 232 -5.18 -2.97 5.09
N GLN D 233 -6.09 -3.63 4.37
CA GLN D 233 -7.48 -3.71 4.79
C GLN D 233 -7.70 -4.45 6.11
N ALA D 234 -6.82 -5.38 6.44
CA ALA D 234 -6.93 -6.07 7.72
C ALA D 234 -6.63 -5.06 8.84
N GLY D 235 -5.62 -4.21 8.61
CA GLY D 235 -5.35 -3.10 9.53
C GLY D 235 -6.51 -2.12 9.61
N LEU D 236 -7.12 -1.81 8.47
CA LEU D 236 -8.31 -0.96 8.45
C LEU D 236 -9.45 -1.57 9.26
N GLN D 237 -9.59 -2.90 9.17
CA GLN D 237 -10.65 -3.58 9.90
C GLN D 237 -10.47 -3.35 11.41
N GLU D 238 -9.22 -3.30 11.86
CA GLU D 238 -8.93 -3.09 13.27
C GLU D 238 -9.20 -1.65 13.68
N LEU D 239 -8.67 -0.72 12.89
CA LEU D 239 -8.79 0.70 13.21
C LEU D 239 -10.24 1.13 13.13
N ALA D 240 -10.90 0.82 12.02
CA ALA D 240 -12.31 1.17 11.82
C ALA D 240 -13.17 0.45 12.86
N GLY D 241 -12.81 -0.80 13.16
CA GLY D 241 -13.54 -1.58 14.15
C GLY D 241 -13.54 -0.88 15.49
N ASN D 242 -12.41 -0.27 15.83
CA ASN D 242 -12.32 0.52 17.05
C ASN D 242 -13.14 1.80 16.97
N ALA D 243 -13.20 2.40 15.79
CA ALA D 243 -14.08 3.56 15.60
C ALA D 243 -15.54 3.19 15.86
N THR D 244 -15.96 2.03 15.37
CA THR D 244 -17.33 1.57 15.61
C THR D 244 -17.61 1.35 17.09
N LEU D 245 -16.64 0.78 17.78
CA LEU D 245 -16.78 0.53 19.22
C LEU D 245 -16.94 1.85 19.95
N LEU D 246 -16.09 2.82 19.60
CA LEU D 246 -16.19 4.16 20.20
C LEU D 246 -17.55 4.79 19.89
N TYR D 247 -17.94 4.74 18.63
CA TYR D 247 -19.25 5.24 18.19
C TYR D 247 -20.40 4.71 19.05
N TYR D 248 -20.37 3.42 19.38
CA TYR D 248 -21.42 2.84 20.21
C TYR D 248 -21.48 3.48 21.59
N MET D 249 -20.38 4.09 22.02
CA MET D 249 -20.29 4.69 23.35
C MET D 249 -20.61 6.18 23.35
N THR D 250 -21.04 6.71 22.22
CA THR D 250 -21.41 8.11 22.13
C THR D 250 -22.92 8.26 22.25
N GLU D 251 -23.38 9.47 22.52
CA GLU D 251 -24.82 9.73 22.58
C GLU D 251 -25.47 9.46 21.23
N GLU D 252 -24.85 9.93 20.15
CA GLU D 252 -25.41 9.71 18.82
C GLU D 252 -25.46 8.22 18.51
N GLY D 253 -24.39 7.51 18.85
CA GLY D 253 -24.36 6.07 18.72
C GLY D 253 -25.32 5.36 19.66
N SER D 254 -25.71 6.04 20.74
CA SER D 254 -26.71 5.48 21.66
C SER D 254 -28.09 5.43 21.02
N GLU D 255 -28.38 6.45 20.22
CA GLU D 255 -29.71 6.62 19.63
C GLU D 255 -30.20 5.36 18.92
N GLY D 256 -29.25 4.59 18.37
CA GLY D 256 -29.54 3.28 17.82
C GLY D 256 -30.24 2.38 18.83
N LYS D 257 -29.54 2.03 19.91
CA LYS D 257 -30.11 1.16 20.95
C LYS D 257 -31.35 1.76 21.61
N GLN D 258 -31.30 3.06 21.86
CA GLN D 258 -32.42 3.79 22.44
C GLN D 258 -33.67 3.55 21.59
N ALA D 259 -33.52 3.75 20.30
CA ALA D 259 -34.59 3.47 19.38
C ALA D 259 -34.90 1.98 19.32
N PHE D 260 -33.87 1.16 19.32
CA PHE D 260 -33.97 -0.28 19.12
C PHE D 260 -34.91 -0.86 20.18
N LEU D 261 -35.12 -0.03 21.21
CA LEU D 261 -35.80 -0.35 22.47
C LEU D 261 -37.07 0.40 22.79
N GLU D 262 -37.46 1.30 21.88
CA GLU D 262 -38.70 2.05 22.04
C GLU D 262 -39.58 1.92 20.81
N LYS D 263 -39.29 0.87 20.04
CA LYS D 263 -39.84 0.62 18.69
C LYS D 263 -40.19 1.89 17.91
N ARG D 264 -39.24 2.80 17.87
CA ARG D 264 -39.33 3.99 17.04
C ARG D 264 -38.14 4.00 16.10
N PRO D 265 -38.28 4.70 14.96
CA PRO D 265 -37.12 4.82 14.07
C PRO D 265 -36.02 5.60 14.77
N PRO D 266 -34.74 5.23 14.54
CA PRO D 266 -33.64 6.06 15.02
C PRO D 266 -33.79 7.45 14.45
N ASP D 267 -33.50 8.48 15.24
CA ASP D 267 -33.69 9.85 14.79
C ASP D 267 -32.42 10.66 15.01
N PHE D 268 -31.70 10.94 13.93
CA PHE D 268 -30.43 11.66 14.00
C PHE D 268 -30.56 13.12 13.60
N SER D 269 -31.79 13.59 13.47
CA SER D 269 -32.09 14.95 13.00
C SER D 269 -31.34 16.05 13.75
N GLN D 270 -31.22 15.90 15.07
CA GLN D 270 -30.62 16.94 15.90
C GLN D 270 -29.09 17.06 15.78
N TYR D 271 -28.45 16.00 15.28
CA TYR D 271 -26.99 15.95 15.32
C TYR D 271 -26.28 16.77 14.24
N PRO D 272 -25.25 17.53 14.65
CA PRO D 272 -24.52 18.39 13.70
C PRO D 272 -23.68 17.59 12.71
N TRP D 273 -23.37 18.24 11.59
CA TRP D 273 -22.37 17.73 10.66
C TRP D 273 -21.10 18.52 10.90
N LEU D 274 -20.28 18.03 11.82
CA LEU D 274 -19.08 18.75 12.27
C LEU D 274 -18.05 18.86 11.15
N PRO D 275 -17.17 19.88 11.24
CA PRO D 275 -16.13 20.08 10.23
C PRO D 275 -15.04 19.01 10.29
N MET E 1 -3.04 -2.03 -44.09
CA MET E 1 -1.83 -1.38 -43.62
C MET E 1 -0.60 -1.95 -44.31
N ASP E 2 0.31 -1.06 -44.72
CA ASP E 2 1.53 -1.48 -45.38
C ASP E 2 2.59 -1.94 -44.38
N TRP E 3 2.37 -3.12 -43.82
CA TRP E 3 3.30 -3.68 -42.83
C TRP E 3 4.64 -4.03 -43.49
N HIS E 4 5.72 -3.78 -42.77
CA HIS E 4 7.06 -4.19 -43.22
C HIS E 4 7.67 -5.06 -42.14
N ILE E 5 8.35 -6.12 -42.54
CA ILE E 5 8.99 -7.01 -41.59
C ILE E 5 10.09 -6.27 -40.84
N ALA E 6 10.06 -6.36 -39.51
CA ALA E 6 11.05 -5.67 -38.67
C ALA E 6 12.21 -6.59 -38.27
N LYS E 7 11.89 -7.80 -37.82
CA LYS E 7 12.91 -8.79 -37.51
C LYS E 7 12.39 -10.18 -37.81
N HIS E 8 13.30 -11.14 -37.93
CA HIS E 8 12.92 -12.52 -38.19
C HIS E 8 13.10 -13.37 -36.94
N TYR E 9 12.12 -14.24 -36.68
CA TYR E 9 12.08 -15.07 -35.48
C TYR E 9 11.60 -16.47 -35.88
N ASP E 10 11.77 -17.46 -35.01
CA ASP E 10 11.26 -18.81 -35.30
C ASP E 10 9.76 -18.89 -35.01
N ASP E 11 9.36 -18.36 -33.85
CA ASP E 11 8.03 -18.63 -33.31
C ASP E 11 7.04 -17.48 -33.43
N ILE E 12 7.54 -16.31 -33.81
CA ILE E 12 6.68 -15.14 -33.89
C ILE E 12 6.97 -14.38 -35.18
N LEU E 13 6.08 -13.45 -35.50
CA LEU E 13 6.27 -12.54 -36.64
C LEU E 13 6.27 -11.13 -36.07
N TYR E 14 7.07 -10.24 -36.66
CA TYR E 14 7.24 -8.89 -36.12
C TYR E 14 7.29 -7.85 -37.24
N TYR E 15 6.33 -6.92 -37.22
CA TYR E 15 6.17 -5.92 -38.29
C TYR E 15 6.09 -4.49 -37.74
N LYS E 16 6.41 -3.52 -38.58
CA LYS E 16 6.17 -2.11 -38.24
C LYS E 16 5.53 -1.38 -39.43
N ALA E 17 4.77 -0.35 -39.12
CA ALA E 17 4.26 0.55 -40.15
C ALA E 17 3.93 1.85 -39.46
N GLY E 18 4.61 2.93 -39.88
CA GLY E 18 4.47 4.22 -39.22
C GLY E 18 4.83 4.09 -37.76
N GLY E 19 3.93 4.51 -36.90
CA GLY E 19 4.20 4.45 -35.46
C GLY E 19 3.69 3.20 -34.79
N ILE E 20 3.29 2.20 -35.57
CA ILE E 20 2.70 0.98 -35.01
C ILE E 20 3.61 -0.22 -35.23
N ALA E 21 3.84 -0.99 -34.19
CA ALA E 21 4.50 -2.29 -34.30
C ALA E 21 3.48 -3.38 -34.11
N LYS E 22 3.64 -4.48 -34.85
CA LYS E 22 2.74 -5.61 -34.66
C LYS E 22 3.52 -6.88 -34.36
N ILE E 23 3.20 -7.51 -33.24
CA ILE E 23 3.85 -8.73 -32.79
C ILE E 23 2.83 -9.85 -32.84
N VAL E 24 3.14 -10.90 -33.60
CA VAL E 24 2.20 -11.98 -33.86
C VAL E 24 2.80 -13.30 -33.37
N ILE E 25 2.14 -13.95 -32.41
CA ILE E 25 2.57 -15.27 -32.01
C ILE E 25 2.24 -16.21 -33.16
N ASN E 26 3.23 -16.96 -33.63
CA ASN E 26 3.04 -17.74 -34.84
C ASN E 26 3.25 -19.23 -34.64
N ARG E 27 2.48 -19.82 -33.74
CA ARG E 27 2.48 -21.28 -33.57
C ARG E 27 1.05 -21.82 -33.58
N PRO E 28 0.29 -21.56 -34.68
CA PRO E 28 -1.13 -21.92 -34.70
C PRO E 28 -1.36 -23.43 -34.59
N HIS E 29 -0.38 -24.23 -34.99
CA HIS E 29 -0.51 -25.68 -34.87
C HIS E 29 -0.40 -26.13 -33.40
N LYS E 30 -0.03 -25.20 -32.53
CA LYS E 30 0.01 -25.44 -31.09
C LYS E 30 -0.94 -24.49 -30.38
N ARG E 31 -1.93 -24.00 -31.12
CA ARG E 31 -2.90 -23.03 -30.59
C ARG E 31 -2.18 -21.85 -29.96
N ASN E 32 -1.03 -21.52 -30.55
CA ASN E 32 -0.25 -20.35 -30.17
C ASN E 32 0.21 -20.37 -28.72
N ALA E 33 0.40 -21.56 -28.17
CA ALA E 33 1.07 -21.73 -26.89
C ALA E 33 2.51 -21.27 -27.01
N PHE E 34 3.06 -20.73 -25.92
CA PHE E 34 4.47 -20.33 -25.94
C PHE E 34 5.39 -21.37 -25.30
N ARG E 35 6.50 -21.64 -25.99
CA ARG E 35 7.59 -22.42 -25.40
C ARG E 35 8.67 -21.42 -25.01
N PRO E 36 9.74 -21.88 -24.33
CA PRO E 36 10.76 -20.90 -23.92
C PRO E 36 11.31 -20.06 -25.06
N GLN E 37 11.53 -20.66 -26.23
CA GLN E 37 11.98 -19.90 -27.39
C GLN E 37 11.01 -18.76 -27.72
N THR E 38 9.70 -19.03 -27.57
CA THR E 38 8.68 -18.03 -27.90
C THR E 38 8.74 -16.84 -26.94
N VAL E 39 8.86 -17.13 -25.65
CA VAL E 39 9.00 -16.08 -24.64
C VAL E 39 10.22 -15.21 -24.93
N PHE E 40 11.34 -15.84 -25.25
CA PHE E 40 12.56 -15.12 -25.60
C PHE E 40 12.34 -14.16 -26.77
N GLU E 41 11.68 -14.67 -27.81
CA GLU E 41 11.50 -13.86 -29.01
C GLU E 41 10.53 -12.71 -28.77
N LEU E 42 9.45 -12.99 -28.03
CA LEU E 42 8.49 -11.96 -27.65
C LEU E 42 9.19 -10.85 -26.87
N TYR E 43 10.05 -11.25 -25.93
CA TYR E 43 10.79 -10.29 -25.10
C TYR E 43 11.66 -9.43 -25.99
N ASP E 44 12.35 -10.08 -26.93
CA ASP E 44 13.26 -9.37 -27.82
C ASP E 44 12.51 -8.37 -28.72
N ALA E 45 11.35 -8.77 -29.20
CA ALA E 45 10.58 -7.92 -30.11
C ALA E 45 10.04 -6.72 -29.36
N PHE E 46 9.50 -6.96 -28.16
CA PHE E 46 9.01 -5.86 -27.34
C PHE E 46 10.15 -4.90 -26.94
N CYS E 47 11.34 -5.45 -26.69
CA CYS E 47 12.52 -4.60 -26.43
C CYS E 47 12.82 -3.72 -27.62
N ASN E 48 12.84 -4.32 -28.81
CA ASN E 48 13.06 -3.55 -30.04
C ASN E 48 12.02 -2.42 -30.20
N ALA E 49 10.75 -2.75 -29.99
CA ALA E 49 9.69 -1.72 -30.05
C ALA E 49 9.92 -0.61 -29.02
N ARG E 50 10.35 -0.98 -27.83
CA ARG E 50 10.68 0.02 -26.80
C ARG E 50 11.79 0.96 -27.29
N GLU E 51 12.75 0.41 -28.02
CA GLU E 51 13.95 1.17 -28.42
C GLU E 51 13.73 2.08 -29.63
N ASP E 52 12.69 1.81 -30.41
CA ASP E 52 12.45 2.52 -31.66
C ASP E 52 11.65 3.78 -31.36
N ASN E 53 12.28 4.94 -31.51
CA ASN E 53 11.64 6.22 -31.18
C ASN E 53 10.40 6.51 -32.04
N ARG E 54 10.26 5.81 -33.16
CA ARG E 54 9.12 6.06 -34.04
C ARG E 54 7.88 5.31 -33.59
N ILE E 55 8.08 4.26 -32.80
CA ILE E 55 6.97 3.38 -32.44
C ILE E 55 6.30 3.85 -31.16
N GLY E 56 4.99 4.09 -31.21
CA GLY E 56 4.26 4.49 -30.01
C GLY E 56 3.30 3.44 -29.49
N VAL E 57 2.88 2.54 -30.38
CA VAL E 57 1.87 1.54 -30.03
C VAL E 57 2.27 0.16 -30.55
N VAL E 58 2.03 -0.87 -29.74
CA VAL E 58 2.33 -2.23 -30.17
C VAL E 58 1.03 -3.02 -30.15
N LEU E 59 0.71 -3.67 -31.25
CA LEU E 59 -0.43 -4.58 -31.30
C LEU E 59 0.10 -5.99 -31.11
N LEU E 60 -0.45 -6.70 -30.14
CA LEU E 60 -0.04 -8.08 -29.86
C LEU E 60 -1.19 -9.00 -30.24
N THR E 61 -0.90 -10.03 -31.02
CA THR E 61 -1.96 -10.93 -31.44
C THR E 61 -1.42 -12.33 -31.73
N GLY E 62 -2.30 -13.25 -32.10
CA GLY E 62 -1.89 -14.59 -32.49
C GLY E 62 -2.28 -14.83 -33.95
N ALA E 63 -1.45 -15.57 -34.68
CA ALA E 63 -1.76 -15.91 -36.06
C ALA E 63 -2.95 -16.86 -36.06
N GLY E 64 -3.84 -16.70 -37.03
CA GLY E 64 -5.00 -17.57 -37.12
C GLY E 64 -5.76 -17.36 -38.40
N PRO E 65 -6.71 -18.26 -38.69
CA PRO E 65 -7.00 -19.41 -37.83
C PRO E 65 -6.14 -20.60 -38.22
N HIS E 66 -6.15 -21.66 -37.42
CA HIS E 66 -5.50 -22.89 -37.84
C HIS E 66 -6.33 -23.57 -38.93
N SER E 67 -5.79 -24.65 -39.49
CA SER E 67 -6.44 -25.34 -40.60
C SER E 67 -7.82 -25.90 -40.25
N ASP E 68 -8.10 -26.03 -38.95
CA ASP E 68 -9.40 -26.53 -38.51
C ASP E 68 -10.42 -25.41 -38.38
N GLY E 69 -9.97 -24.18 -38.64
CA GLY E 69 -10.87 -23.05 -38.66
C GLY E 69 -11.02 -22.33 -37.34
N LYS E 70 -10.42 -22.88 -36.29
CA LYS E 70 -10.50 -22.28 -34.96
C LYS E 70 -9.35 -21.30 -34.73
N TYR E 71 -9.64 -20.22 -34.00
CA TYR E 71 -8.66 -19.17 -33.75
C TYR E 71 -8.04 -19.31 -32.36
N ALA E 72 -6.78 -18.93 -32.23
CA ALA E 72 -6.16 -18.81 -30.91
C ALA E 72 -5.31 -17.54 -30.83
N PHE E 73 -5.46 -16.81 -29.72
CA PHE E 73 -4.58 -15.67 -29.40
C PHE E 73 -3.31 -16.24 -28.76
N CYS E 74 -3.49 -16.96 -27.66
CA CYS E 74 -2.40 -17.66 -27.00
C CYS E 74 -3.01 -18.61 -25.98
N SER E 75 -2.60 -19.86 -26.00
CA SER E 75 -3.20 -20.86 -25.13
C SER E 75 -2.34 -21.14 -23.90
N GLY E 76 -1.33 -20.30 -23.68
CA GLY E 76 -0.50 -20.42 -22.51
C GLY E 76 0.79 -21.20 -22.73
N GLY E 77 1.35 -21.74 -21.66
CA GLY E 77 2.61 -22.44 -21.72
C GLY E 77 2.52 -23.74 -22.50
N ASP E 78 3.53 -24.00 -23.32
CA ASP E 78 3.56 -25.18 -24.17
C ASP E 78 4.10 -26.38 -23.40
N GLN E 79 3.23 -27.35 -23.14
CA GLN E 79 3.59 -28.54 -22.39
C GLN E 79 4.29 -29.58 -23.27
N LEU E 96 14.98 -16.65 -19.57
CA LEU E 96 13.91 -15.68 -19.57
C LEU E 96 12.56 -16.39 -19.46
N ASN E 97 11.76 -15.97 -18.48
CA ASN E 97 10.46 -16.59 -18.30
C ASN E 97 9.35 -15.58 -18.51
N VAL E 98 8.10 -16.03 -18.42
CA VAL E 98 6.99 -15.17 -18.81
C VAL E 98 6.82 -14.00 -17.83
N LEU E 99 7.34 -14.17 -16.61
CA LEU E 99 7.29 -13.08 -15.62
C LEU E 99 8.12 -11.89 -16.09
N ASP E 100 9.29 -12.16 -16.65
CA ASP E 100 10.10 -11.09 -17.22
C ASP E 100 9.34 -10.43 -18.36
N LEU E 101 8.68 -11.25 -19.18
CA LEU E 101 7.91 -10.70 -20.29
C LEU E 101 6.73 -9.86 -19.80
N GLN E 102 6.05 -10.32 -18.75
CA GLN E 102 4.92 -9.56 -18.19
C GLN E 102 5.37 -8.17 -17.76
N ARG E 103 6.51 -8.13 -17.07
CA ARG E 103 7.06 -6.88 -16.57
CA ARG E 103 7.10 -6.89 -16.56
C ARG E 103 7.41 -5.90 -17.68
N LEU E 104 7.96 -6.42 -18.76
CA LEU E 104 8.35 -5.59 -19.90
C LEU E 104 7.14 -4.96 -20.58
N ILE E 105 6.13 -5.77 -20.88
CA ILE E 105 4.88 -5.24 -21.45
C ILE E 105 4.25 -4.21 -20.51
N ARG E 106 4.26 -4.50 -19.22
CA ARG E 106 3.60 -3.63 -18.25
C ARG E 106 4.30 -2.28 -18.09
N SER E 107 5.64 -2.29 -18.12
CA SER E 107 6.40 -1.08 -17.80
C SER E 107 6.90 -0.28 -19.00
N MET E 108 6.94 -0.88 -20.17
CA MET E 108 7.49 -0.17 -21.32
C MET E 108 6.63 1.04 -21.67
N PRO E 109 7.27 2.14 -22.06
CA PRO E 109 6.50 3.39 -22.20
C PRO E 109 5.88 3.53 -23.57
N LYS E 110 5.28 2.45 -24.07
CA LYS E 110 4.47 2.49 -25.28
C LYS E 110 3.19 1.75 -24.92
N VAL E 111 2.08 2.10 -25.56
CA VAL E 111 0.82 1.41 -25.29
C VAL E 111 0.80 0.05 -25.99
N VAL E 112 0.43 -0.99 -25.26
CA VAL E 112 0.35 -2.30 -25.86
C VAL E 112 -1.12 -2.70 -25.90
N ILE E 113 -1.59 -3.11 -27.07
CA ILE E 113 -2.99 -3.53 -27.21
C ILE E 113 -3.06 -4.98 -27.64
N ALA E 114 -3.68 -5.82 -26.81
CA ALA E 114 -3.93 -7.20 -27.20
C ALA E 114 -5.12 -7.26 -28.14
N LEU E 115 -4.92 -7.90 -29.29
CA LEU E 115 -6.00 -8.13 -30.23
C LEU E 115 -6.32 -9.62 -30.18
N VAL E 116 -7.40 -9.96 -29.49
CA VAL E 116 -7.69 -11.36 -29.18
C VAL E 116 -8.74 -11.97 -30.11
N ALA E 117 -8.28 -12.89 -30.96
CA ALA E 117 -9.20 -13.74 -31.71
C ALA E 117 -9.13 -15.15 -31.12
N GLY E 118 -10.27 -15.77 -30.89
CA GLY E 118 -10.30 -17.10 -30.29
C GLY E 118 -9.72 -17.14 -28.88
N TYR E 119 -9.03 -18.24 -28.57
CA TYR E 119 -8.60 -18.52 -27.20
C TYR E 119 -7.48 -17.62 -26.65
N ALA E 120 -7.78 -16.96 -25.53
CA ALA E 120 -6.75 -16.35 -24.68
C ALA E 120 -6.86 -17.06 -23.35
N ILE E 121 -6.00 -18.06 -23.15
CA ILE E 121 -6.20 -19.08 -22.14
C ILE E 121 -4.94 -19.31 -21.32
N GLY E 122 -5.08 -19.52 -20.01
CA GLY E 122 -3.96 -19.85 -19.16
C GLY E 122 -2.98 -18.70 -19.15
N GLY E 123 -1.71 -18.98 -19.41
CA GLY E 123 -0.70 -17.95 -19.47
C GLY E 123 -1.01 -16.92 -20.54
N GLY E 124 -1.72 -17.36 -21.58
CA GLY E 124 -2.15 -16.46 -22.64
C GLY E 124 -3.22 -15.49 -22.19
N HIS E 125 -4.02 -15.90 -21.21
CA HIS E 125 -4.98 -14.98 -20.62
C HIS E 125 -4.27 -13.88 -19.83
N VAL E 126 -3.29 -14.26 -19.01
CA VAL E 126 -2.58 -13.26 -18.22
C VAL E 126 -1.84 -12.29 -19.13
N LEU E 127 -1.33 -12.80 -20.25
CA LEU E 127 -0.67 -11.96 -21.25
C LEU E 127 -1.60 -10.85 -21.77
N HIS E 128 -2.85 -11.20 -22.03
CA HIS E 128 -3.81 -10.19 -22.47
C HIS E 128 -4.08 -9.19 -21.35
N LEU E 129 -4.19 -9.69 -20.12
CA LEU E 129 -4.43 -8.84 -18.96
C LEU E 129 -3.39 -7.74 -18.79
N VAL E 130 -2.11 -8.08 -18.95
CA VAL E 130 -1.06 -7.09 -18.67
C VAL E 130 -0.84 -6.08 -19.79
N CYS E 131 -1.34 -6.37 -20.99
CA CYS E 131 -1.39 -5.34 -22.03
C CYS E 131 -2.27 -4.20 -21.52
N ASP E 132 -1.95 -2.96 -21.89
CA ASP E 132 -2.75 -1.81 -21.46
C ASP E 132 -4.23 -2.00 -21.78
N LEU E 133 -4.50 -2.43 -23.01
CA LEU E 133 -5.83 -2.48 -23.55
C LEU E 133 -6.04 -3.81 -24.22
N THR E 134 -7.30 -4.24 -24.32
CA THR E 134 -7.66 -5.43 -25.07
C THR E 134 -8.87 -5.19 -25.98
N ILE E 135 -8.68 -5.47 -27.26
CA ILE E 135 -9.78 -5.51 -28.20
C ILE E 135 -9.99 -6.99 -28.55
N ALA E 136 -11.23 -7.47 -28.41
CA ALA E 136 -11.55 -8.87 -28.71
C ALA E 136 -12.37 -9.01 -29.97
N ALA E 137 -12.15 -10.09 -30.72
CA ALA E 137 -13.07 -10.50 -31.76
C ALA E 137 -14.25 -11.12 -31.06
N ASP E 138 -15.41 -11.15 -31.71
CA ASP E 138 -16.58 -11.67 -31.00
C ASP E 138 -16.53 -13.19 -30.82
N ASN E 139 -15.59 -13.84 -31.50
CA ASN E 139 -15.33 -15.28 -31.31
C ASN E 139 -14.31 -15.58 -30.20
N ALA E 140 -13.86 -14.54 -29.50
CA ALA E 140 -12.80 -14.71 -28.48
C ALA E 140 -13.30 -15.48 -27.27
N ILE E 141 -12.41 -16.25 -26.66
CA ILE E 141 -12.73 -17.03 -25.48
C ILE E 141 -11.65 -16.81 -24.40
N PHE E 142 -12.08 -16.45 -23.20
CA PHE E 142 -11.13 -16.08 -22.14
C PHE E 142 -11.23 -17.03 -20.95
N GLY E 143 -10.11 -17.24 -20.27
CA GLY E 143 -10.14 -18.09 -19.09
C GLY E 143 -8.77 -18.50 -18.55
N GLN E 144 -8.73 -18.86 -17.27
CA GLN E 144 -7.50 -19.39 -16.69
C GLN E 144 -7.62 -20.92 -16.62
N THR E 145 -6.49 -21.59 -16.39
CA THR E 145 -6.47 -23.05 -16.40
C THR E 145 -5.62 -23.64 -15.29
N GLY E 146 -4.83 -22.79 -14.64
CA GLY E 146 -3.88 -23.23 -13.63
C GLY E 146 -4.30 -24.36 -12.69
N PRO E 147 -5.31 -24.08 -11.84
CA PRO E 147 -5.74 -25.06 -10.83
C PRO E 147 -6.21 -26.37 -11.44
N LYS E 148 -6.51 -26.33 -12.74
CA LYS E 148 -6.98 -27.51 -13.45
C LYS E 148 -5.82 -28.28 -14.08
N VAL E 149 -4.79 -27.56 -14.51
CA VAL E 149 -3.69 -28.23 -15.22
C VAL E 149 -2.44 -28.40 -14.39
N GLY E 150 -2.38 -27.73 -13.24
CA GLY E 150 -1.24 -27.85 -12.34
C GLY E 150 -0.31 -26.65 -12.36
N SER E 151 -0.89 -25.47 -12.24
CA SER E 151 -0.08 -24.26 -12.12
C SER E 151 -0.93 -23.16 -11.49
N PHE E 152 -0.34 -21.98 -11.29
CA PHE E 152 -1.10 -20.80 -10.92
C PHE E 152 -0.24 -19.55 -11.09
N ASP E 153 -0.89 -18.44 -11.38
CA ASP E 153 -0.22 -17.15 -11.44
C ASP E 153 -0.80 -16.27 -10.34
N GLY E 154 -0.10 -16.18 -9.20
CA GLY E 154 -0.58 -15.42 -8.07
C GLY E 154 0.00 -14.03 -8.05
N GLY E 155 0.63 -13.64 -9.16
CA GLY E 155 1.17 -12.31 -9.31
C GLY E 155 0.18 -11.40 -10.02
N PHE E 156 0.56 -10.87 -11.18
CA PHE E 156 -0.34 -10.02 -11.95
C PHE E 156 -1.59 -10.79 -12.39
N GLY E 157 -1.48 -12.11 -12.47
CA GLY E 157 -2.61 -12.93 -12.89
C GLY E 157 -3.78 -12.87 -11.92
N SER E 158 -3.49 -12.62 -10.64
CA SER E 158 -4.52 -12.54 -9.61
C SER E 158 -4.82 -11.08 -9.24
N SER E 159 -3.84 -10.44 -8.61
CA SER E 159 -4.00 -9.07 -8.09
C SER E 159 -4.40 -8.10 -9.19
N TYR E 160 -3.64 -8.07 -10.29
CA TYR E 160 -3.97 -7.13 -11.36
C TYR E 160 -5.32 -7.45 -11.99
N LEU E 161 -5.66 -8.73 -12.11
CA LEU E 161 -6.99 -9.11 -12.59
C LEU E 161 -8.08 -8.53 -11.68
N ALA E 162 -7.85 -8.58 -10.38
CA ALA E 162 -8.80 -8.01 -9.43
C ALA E 162 -8.95 -6.49 -9.62
N ARG E 163 -7.88 -5.82 -10.06
CA ARG E 163 -7.94 -4.37 -10.32
C ARG E 163 -8.70 -4.06 -11.61
N ILE E 164 -9.09 -5.11 -12.32
CA ILE E 164 -9.84 -4.94 -13.58
C ILE E 164 -11.29 -5.39 -13.44
N VAL E 165 -11.52 -6.58 -12.88
CA VAL E 165 -12.90 -7.12 -12.81
C VAL E 165 -13.47 -7.16 -11.39
N GLY E 166 -12.68 -6.76 -10.40
CA GLY E 166 -13.13 -6.85 -9.02
C GLY E 166 -12.80 -8.20 -8.39
N GLN E 167 -12.78 -8.24 -7.06
CA GLN E 167 -12.35 -9.43 -6.34
C GLN E 167 -13.25 -10.65 -6.52
N LYS E 168 -14.57 -10.44 -6.60
CA LYS E 168 -15.50 -11.55 -6.72
C LYS E 168 -15.35 -12.27 -8.08
N LYS E 169 -15.33 -11.50 -9.16
CA LYS E 169 -15.20 -12.10 -10.50
C LYS E 169 -13.82 -12.73 -10.71
N ALA E 170 -12.80 -12.09 -10.16
CA ALA E 170 -11.43 -12.56 -10.31
C ALA E 170 -11.23 -13.91 -9.64
N ARG E 171 -11.79 -14.08 -8.44
CA ARG E 171 -11.73 -15.35 -7.74
C ARG E 171 -12.48 -16.44 -8.51
N GLU E 172 -13.64 -16.09 -9.05
CA GLU E 172 -14.43 -17.03 -9.85
C GLU E 172 -13.64 -17.54 -11.05
N ILE E 173 -12.99 -16.61 -11.76
CA ILE E 173 -12.19 -16.94 -12.94
C ILE E 173 -11.12 -17.99 -12.62
N TRP E 174 -10.41 -17.81 -11.52
CA TRP E 174 -9.34 -18.71 -11.13
C TRP E 174 -9.81 -20.01 -10.48
N TYR E 175 -10.81 -19.92 -9.61
CA TYR E 175 -11.23 -21.09 -8.84
C TYR E 175 -11.93 -22.12 -9.71
N LEU E 176 -12.73 -21.65 -10.65
CA LEU E 176 -13.55 -22.56 -11.44
C LEU E 176 -12.92 -22.90 -12.80
N CYS E 177 -12.06 -22.01 -13.30
CA CYS E 177 -11.41 -22.20 -14.60
C CYS E 177 -12.40 -22.39 -15.75
N ARG E 178 -13.49 -21.64 -15.76
CA ARG E 178 -14.43 -21.70 -16.85
C ARG E 178 -13.97 -20.84 -18.01
N GLN E 179 -14.69 -20.93 -19.13
CA GLN E 179 -14.41 -20.10 -20.29
C GLN E 179 -15.50 -19.03 -20.42
N TYR E 180 -15.08 -17.85 -20.86
CA TYR E 180 -15.93 -16.67 -20.95
C TYR E 180 -15.91 -16.13 -22.39
N SER E 181 -17.09 -15.81 -22.92
CA SER E 181 -17.18 -15.24 -24.26
C SER E 181 -16.63 -13.81 -24.26
N ALA E 182 -16.44 -13.25 -25.45
CA ALA E 182 -16.01 -11.87 -25.60
C ALA E 182 -16.99 -10.90 -24.93
N GLN E 183 -18.28 -11.15 -25.13
CA GLN E 183 -19.32 -10.30 -24.54
C GLN E 183 -19.27 -10.33 -23.00
N GLU E 184 -19.07 -11.52 -22.43
CA GLU E 184 -18.94 -11.69 -20.98
C GLU E 184 -17.71 -10.98 -20.46
N ALA E 185 -16.60 -11.11 -21.19
CA ALA E 185 -15.35 -10.45 -20.86
C ALA E 185 -15.47 -8.93 -20.90
N GLU E 186 -16.17 -8.40 -21.91
CA GLU E 186 -16.39 -6.95 -21.95
C GLU E 186 -17.27 -6.51 -20.78
N ARG E 187 -18.33 -7.26 -20.51
CA ARG E 187 -19.26 -6.87 -19.46
C ARG E 187 -18.59 -6.80 -18.08
N MET E 188 -17.65 -7.70 -17.83
CA MET E 188 -16.99 -7.75 -16.52
C MET E 188 -15.86 -6.74 -16.40
N GLY E 189 -15.47 -6.13 -17.53
CA GLY E 189 -14.53 -5.01 -17.50
C GLY E 189 -13.12 -5.25 -18.03
N MET E 190 -12.85 -6.46 -18.52
CA MET E 190 -11.48 -6.79 -18.90
C MET E 190 -11.20 -6.71 -20.40
N VAL E 191 -12.25 -6.48 -21.19
CA VAL E 191 -12.09 -6.29 -22.62
C VAL E 191 -12.64 -4.91 -22.94
N ASN E 192 -11.89 -4.10 -23.69
CA ASN E 192 -12.30 -2.71 -23.94
C ASN E 192 -13.39 -2.54 -24.98
N THR E 193 -13.37 -3.37 -26.01
CA THR E 193 -14.42 -3.38 -27.01
C THR E 193 -14.39 -4.70 -27.78
N VAL E 194 -15.49 -5.01 -28.47
CA VAL E 194 -15.64 -6.28 -29.18
C VAL E 194 -16.06 -6.00 -30.61
N VAL E 195 -15.39 -6.61 -31.59
CA VAL E 195 -15.72 -6.38 -33.01
C VAL E 195 -15.70 -7.72 -33.75
N PRO E 196 -16.31 -7.78 -34.95
CA PRO E 196 -16.21 -9.04 -35.71
C PRO E 196 -14.74 -9.37 -36.00
N VAL E 197 -14.44 -10.66 -36.24
CA VAL E 197 -13.04 -11.06 -36.41
C VAL E 197 -12.40 -10.37 -37.63
N ASP E 198 -13.20 -10.13 -38.67
CA ASP E 198 -12.66 -9.50 -39.87
C ASP E 198 -12.45 -7.98 -39.69
N ARG E 199 -12.81 -7.47 -38.52
CA ARG E 199 -12.60 -6.05 -38.19
C ARG E 199 -11.54 -5.87 -37.10
N LEU E 200 -11.04 -6.99 -36.58
CA LEU E 200 -10.15 -6.93 -35.40
C LEU E 200 -8.87 -6.13 -35.62
N GLU E 201 -8.15 -6.42 -36.71
CA GLU E 201 -6.90 -5.72 -36.96
C GLU E 201 -7.15 -4.24 -37.25
N GLU E 202 -8.18 -3.95 -38.06
CA GLU E 202 -8.56 -2.57 -38.36
C GLU E 202 -8.92 -1.76 -37.13
N GLU E 203 -9.62 -2.39 -36.20
CA GLU E 203 -9.98 -1.71 -34.97
C GLU E 203 -8.73 -1.41 -34.15
N GLY E 204 -7.82 -2.38 -34.06
CA GLY E 204 -6.54 -2.17 -33.40
C GLY E 204 -5.74 -1.03 -34.02
N ILE E 205 -5.70 -0.99 -35.35
CA ILE E 205 -5.00 0.06 -36.07
C ILE E 205 -5.65 1.42 -35.80
N GLN E 206 -6.98 1.47 -35.80
CA GLN E 206 -7.70 2.72 -35.50
C GLN E 206 -7.39 3.24 -34.08
N TRP E 207 -7.42 2.35 -33.09
CA TRP E 207 -7.09 2.74 -31.71
C TRP E 207 -5.65 3.22 -31.64
N ALA E 208 -4.74 2.50 -32.28
CA ALA E 208 -3.34 2.89 -32.37
C ALA E 208 -3.19 4.31 -32.93
N LYS E 209 -3.86 4.60 -34.04
CA LYS E 209 -3.77 5.91 -34.66
C LYS E 209 -4.27 7.03 -33.74
N GLU E 210 -5.34 6.78 -33.01
CA GLU E 210 -5.84 7.79 -32.07
C GLU E 210 -4.81 8.07 -30.97
N ILE E 211 -4.13 7.02 -30.51
CA ILE E 211 -3.08 7.20 -29.51
C ILE E 211 -1.87 7.94 -30.12
N LEU E 212 -1.55 7.61 -31.36
CA LEU E 212 -0.36 8.19 -32.00
C LEU E 212 -0.45 9.70 -32.28
N SER E 213 -1.64 10.27 -32.23
CA SER E 213 -1.78 11.71 -32.40
C SER E 213 -1.71 12.44 -31.04
N LYS E 214 -1.57 11.68 -29.95
CA LYS E 214 -1.49 12.27 -28.61
C LYS E 214 -0.06 12.70 -28.25
N SER E 215 0.10 13.43 -27.15
CA SER E 215 1.44 13.79 -26.67
C SER E 215 2.13 12.55 -26.10
N PRO E 216 3.29 12.16 -26.67
CA PRO E 216 3.98 10.96 -26.16
C PRO E 216 4.39 11.10 -24.69
N LEU E 217 4.80 12.28 -24.26
CA LEU E 217 5.16 12.47 -22.84
C LEU E 217 3.95 12.29 -21.92
N ALA E 218 2.80 12.84 -22.31
CA ALA E 218 1.60 12.70 -21.48
C ALA E 218 1.23 11.22 -21.38
N ILE E 219 1.25 10.53 -22.50
CA ILE E 219 0.92 9.10 -22.53
C ILE E 219 1.83 8.28 -21.62
N ARG E 220 3.15 8.47 -21.72
CA ARG E 220 4.05 7.65 -20.89
C ARG E 220 3.89 7.96 -19.41
N CYS E 221 3.62 9.21 -19.07
CA CYS E 221 3.40 9.60 -17.67
C CYS E 221 2.15 8.96 -17.09
N LEU E 222 1.08 8.96 -17.88
CA LEU E 222 -0.17 8.31 -17.49
C LEU E 222 0.00 6.80 -17.29
N LYS E 223 0.72 6.15 -18.20
CA LYS E 223 0.97 4.72 -18.05
C LYS E 223 1.70 4.42 -16.75
N ALA E 224 2.74 5.22 -16.45
CA ALA E 224 3.46 5.07 -15.17
C ALA E 224 2.52 5.36 -14.00
N ALA E 225 1.65 6.35 -14.15
CA ALA E 225 0.72 6.71 -13.08
C ALA E 225 -0.25 5.57 -12.76
N PHE E 226 -0.73 4.89 -13.79
CA PHE E 226 -1.59 3.72 -13.58
C PHE E 226 -0.85 2.57 -12.91
N ASN E 227 0.38 2.31 -13.32
CA ASN E 227 1.19 1.27 -12.69
C ASN E 227 1.48 1.61 -11.25
N ALA E 228 1.62 2.91 -10.96
CA ALA E 228 1.94 3.37 -9.59
C ALA E 228 0.81 3.08 -8.59
N ASP E 229 -0.41 2.87 -9.08
CA ASP E 229 -1.52 2.51 -8.19
C ASP E 229 -1.45 1.04 -7.79
N CYS E 230 -0.55 0.29 -8.43
CA CYS E 230 -0.46 -1.15 -8.20
C CYS E 230 0.90 -1.59 -7.66
N ASP E 231 1.97 -0.97 -8.14
CA ASP E 231 3.31 -1.52 -7.99
C ASP E 231 4.21 -0.87 -6.94
N GLY E 232 3.62 -0.19 -5.95
CA GLY E 232 4.38 0.37 -4.83
C GLY E 232 5.60 1.14 -5.31
N GLN E 233 6.76 0.87 -4.74
CA GLN E 233 7.98 1.60 -5.07
C GLN E 233 8.46 1.40 -6.51
N ALA E 234 8.17 0.25 -7.11
CA ALA E 234 8.53 0.04 -8.52
C ALA E 234 7.71 0.98 -9.40
N GLY E 235 6.45 1.17 -9.04
CA GLY E 235 5.60 2.15 -9.69
C GLY E 235 6.09 3.57 -9.48
N LEU E 236 6.52 3.88 -8.26
CA LEU E 236 7.13 5.19 -7.98
C LEU E 236 8.38 5.39 -8.83
N GLN E 237 9.18 4.33 -8.99
CA GLN E 237 10.38 4.42 -9.84
C GLN E 237 10.04 4.88 -11.26
N GLU E 238 8.97 4.34 -11.82
CA GLU E 238 8.54 4.72 -13.18
C GLU E 238 7.99 6.13 -13.22
N LEU E 239 7.12 6.46 -12.27
CA LEU E 239 6.49 7.77 -12.27
C LEU E 239 7.51 8.85 -11.96
N ALA E 240 8.31 8.62 -10.92
CA ALA E 240 9.36 9.59 -10.57
C ALA E 240 10.44 9.66 -11.67
N GLY E 241 10.72 8.52 -12.31
CA GLY E 241 11.67 8.48 -13.42
C GLY E 241 11.21 9.37 -14.57
N ASN E 242 9.90 9.35 -14.84
CA ASN E 242 9.35 10.26 -15.84
C ASN E 242 9.45 11.72 -15.42
N ALA E 243 9.23 12.00 -14.15
CA ALA E 243 9.43 13.35 -13.63
C ALA E 243 10.87 13.81 -13.85
N THR E 244 11.84 12.93 -13.59
CA THR E 244 13.24 13.30 -13.82
C THR E 244 13.50 13.59 -15.30
N LEU E 245 12.97 12.75 -16.16
CA LEU E 245 13.11 12.96 -17.60
C LEU E 245 12.53 14.31 -18.02
N LEU E 246 11.34 14.63 -17.52
CA LEU E 246 10.74 15.93 -17.83
C LEU E 246 11.61 17.08 -17.31
N TYR E 247 12.05 16.96 -16.06
CA TYR E 247 12.94 17.94 -15.46
C TYR E 247 14.16 18.25 -16.32
N TYR E 248 14.77 17.23 -16.90
CA TYR E 248 15.92 17.43 -17.79
C TYR E 248 15.59 18.30 -19.01
N MET E 249 14.31 18.37 -19.35
CA MET E 249 13.86 19.08 -20.56
C MET E 249 13.36 20.49 -20.25
N THR E 250 13.47 20.90 -18.98
CA THR E 250 13.11 22.25 -18.56
C THR E 250 14.31 23.17 -18.56
N GLU E 251 14.06 24.47 -18.54
CA GLU E 251 15.11 25.47 -18.41
C GLU E 251 15.96 25.21 -17.15
N GLU E 252 15.29 25.08 -16.02
CA GLU E 252 15.99 24.87 -14.75
C GLU E 252 16.82 23.58 -14.78
N GLY E 253 16.25 22.51 -15.33
CA GLY E 253 16.97 21.26 -15.49
C GLY E 253 18.15 21.35 -16.44
N SER E 254 18.06 22.24 -17.42
CA SER E 254 19.15 22.45 -18.37
C SER E 254 20.38 23.13 -17.75
N GLU E 255 20.15 23.90 -16.68
CA GLU E 255 21.25 24.62 -16.02
C GLU E 255 22.32 23.64 -15.53
N GLY E 256 21.87 22.49 -15.02
CA GLY E 256 22.77 21.42 -14.65
C GLY E 256 23.68 20.99 -15.79
N LYS E 257 23.08 20.71 -16.95
CA LYS E 257 23.86 20.31 -18.12
C LYS E 257 24.77 21.42 -18.64
N GLN E 258 24.24 22.63 -18.74
CA GLN E 258 25.04 23.76 -19.22
C GLN E 258 26.21 24.10 -18.28
N ALA E 259 25.94 24.08 -16.98
CA ALA E 259 26.95 24.44 -15.98
C ALA E 259 28.15 23.51 -16.02
N PHE E 260 27.91 22.23 -16.19
CA PHE E 260 29.00 21.25 -16.25
C PHE E 260 29.90 21.54 -17.44
N LEU E 261 29.28 21.88 -18.57
CA LEU E 261 30.01 22.19 -19.80
C LEU E 261 30.89 23.43 -19.64
N GLU E 262 30.36 24.44 -18.95
CA GLU E 262 31.09 25.69 -18.76
C GLU E 262 32.02 25.62 -17.56
N LYS E 263 32.34 24.40 -17.13
CA LYS E 263 33.29 24.18 -16.03
C LYS E 263 32.97 25.01 -14.79
N ARG E 264 31.70 25.06 -14.43
CA ARG E 264 31.24 25.93 -13.35
C ARG E 264 30.21 25.24 -12.46
N PRO E 265 30.04 25.74 -11.23
CA PRO E 265 28.96 25.18 -10.40
C PRO E 265 27.59 25.63 -10.91
N PRO E 266 26.62 24.69 -10.94
CA PRO E 266 25.26 25.04 -11.35
C PRO E 266 24.71 26.15 -10.47
N ASP E 267 23.99 27.10 -11.07
CA ASP E 267 23.46 28.24 -10.33
C ASP E 267 21.94 28.23 -10.43
N PHE E 268 21.27 27.84 -9.36
CA PHE E 268 19.81 27.80 -9.37
C PHE E 268 19.20 29.00 -8.67
N SER E 269 20.02 30.01 -8.41
CA SER E 269 19.60 31.11 -7.53
C SER E 269 18.42 31.92 -8.05
N GLN E 270 18.28 32.04 -9.36
CA GLN E 270 17.24 32.88 -9.95
CA GLN E 270 17.24 32.88 -9.95
C GLN E 270 15.88 32.19 -10.02
N TYR E 271 15.87 30.88 -9.79
CA TYR E 271 14.62 30.12 -9.89
C TYR E 271 13.72 30.24 -8.66
N PRO E 272 12.42 30.45 -8.89
CA PRO E 272 11.47 30.63 -7.79
C PRO E 272 11.08 29.32 -7.12
N TRP E 273 10.62 29.44 -5.88
CA TRP E 273 10.05 28.32 -5.16
C TRP E 273 8.53 28.44 -5.31
N LEU E 274 8.00 27.84 -6.36
CA LEU E 274 6.57 27.95 -6.67
C LEU E 274 5.69 27.31 -5.60
N PRO E 275 4.43 27.78 -5.48
CA PRO E 275 3.49 27.23 -4.50
C PRO E 275 3.04 25.81 -4.86
N MET F 1 -35.90 22.85 -3.62
CA MET F 1 -36.47 23.64 -2.54
C MET F 1 -36.09 25.12 -2.69
N ASP F 2 -36.56 25.93 -1.76
CA ASP F 2 -36.27 27.36 -1.78
C ASP F 2 -34.83 27.58 -1.33
N TRP F 3 -33.93 27.56 -2.29
CA TRP F 3 -32.54 27.86 -2.03
C TRP F 3 -32.41 29.32 -1.62
N HIS F 4 -31.48 29.59 -0.72
CA HIS F 4 -31.15 30.95 -0.36
C HIS F 4 -29.68 31.15 -0.71
N ILE F 5 -29.34 32.35 -1.17
CA ILE F 5 -27.95 32.69 -1.49
C ILE F 5 -27.11 32.63 -0.22
N ALA F 6 -25.98 31.92 -0.27
CA ALA F 6 -25.12 31.78 0.90
C ALA F 6 -23.96 32.76 0.84
N LYS F 7 -23.35 32.89 -0.34
CA LYS F 7 -22.26 33.82 -0.57
C LYS F 7 -22.30 34.28 -2.00
N HIS F 8 -21.69 35.43 -2.25
CA HIS F 8 -21.55 35.95 -3.60
C HIS F 8 -20.13 35.78 -4.11
N TYR F 9 -20.03 35.37 -5.37
CA TYR F 9 -18.77 35.04 -6.03
C TYR F 9 -18.80 35.57 -7.47
N ASP F 10 -17.64 35.68 -8.10
CA ASP F 10 -17.57 36.09 -9.51
C ASP F 10 -17.95 34.98 -10.47
N ASP F 11 -17.43 33.78 -10.21
CA ASP F 11 -17.46 32.71 -11.20
C ASP F 11 -18.39 31.55 -10.84
N ILE F 12 -18.94 31.58 -9.64
CA ILE F 12 -19.79 30.49 -9.17
C ILE F 12 -21.00 31.06 -8.44
N LEU F 13 -22.02 30.22 -8.23
CA LEU F 13 -23.18 30.57 -7.42
C LEU F 13 -23.20 29.60 -6.24
N TYR F 14 -23.67 30.04 -5.08
CA TYR F 14 -23.61 29.22 -3.88
C TYR F 14 -24.86 29.38 -3.01
N TYR F 15 -25.61 28.29 -2.84
CA TYR F 15 -26.88 28.34 -2.13
C TYR F 15 -26.95 27.31 -1.02
N LYS F 16 -27.87 27.52 -0.09
CA LYS F 16 -28.18 26.53 0.93
C LYS F 16 -29.69 26.42 1.09
N ALA F 17 -30.15 25.23 1.49
CA ALA F 17 -31.52 25.01 1.89
C ALA F 17 -31.53 23.81 2.81
N GLY F 18 -31.88 24.04 4.08
CA GLY F 18 -31.83 23.02 5.09
C GLY F 18 -30.42 22.46 5.20
N GLY F 19 -30.30 21.14 5.12
CA GLY F 19 -29.01 20.48 5.24
C GLY F 19 -28.26 20.30 3.93
N ILE F 20 -28.74 20.94 2.86
CA ILE F 20 -28.10 20.83 1.53
C ILE F 20 -27.49 22.15 1.07
N ALA F 21 -26.24 22.08 0.61
CA ALA F 21 -25.60 23.21 -0.06
C ALA F 21 -25.53 22.94 -1.56
N LYS F 22 -25.68 23.98 -2.38
CA LYS F 22 -25.55 23.81 -3.82
C LYS F 22 -24.51 24.78 -4.38
N ILE F 23 -23.50 24.20 -5.01
CA ILE F 23 -22.41 24.98 -5.59
C ILE F 23 -22.50 24.83 -7.10
N VAL F 24 -22.61 25.96 -7.79
CA VAL F 24 -22.87 25.97 -9.23
C VAL F 24 -21.75 26.72 -9.94
N ILE F 25 -21.00 26.04 -10.78
CA ILE F 25 -20.02 26.73 -11.61
C ILE F 25 -20.77 27.59 -12.62
N ASN F 26 -20.43 28.87 -12.66
CA ASN F 26 -21.24 29.81 -13.42
C ASN F 26 -20.44 30.55 -14.47
N ARG F 27 -19.79 29.80 -15.35
CA ARG F 27 -19.13 30.41 -16.51
C ARG F 27 -19.60 29.71 -17.79
N PRO F 28 -20.91 29.74 -18.06
CA PRO F 28 -21.44 28.93 -19.18
C PRO F 28 -20.92 29.37 -20.55
N HIS F 29 -20.42 30.60 -20.64
CA HIS F 29 -19.86 31.11 -21.89
C HIS F 29 -18.49 30.50 -22.20
N LYS F 30 -17.94 29.79 -21.20
CA LYS F 30 -16.69 29.05 -21.36
C LYS F 30 -16.90 27.57 -21.11
N ARG F 31 -18.11 27.07 -21.36
CA ARG F 31 -18.47 25.69 -21.03
C ARG F 31 -18.07 25.33 -19.59
N ASN F 32 -18.23 26.30 -18.70
CA ASN F 32 -17.97 26.13 -17.27
C ASN F 32 -16.55 25.66 -16.95
N ALA F 33 -15.60 26.09 -17.79
CA ALA F 33 -14.19 25.88 -17.51
C ALA F 33 -13.77 26.69 -16.29
N PHE F 34 -12.85 26.16 -15.48
CA PHE F 34 -12.32 26.95 -14.36
C PHE F 34 -11.05 27.73 -14.70
N ARG F 35 -11.03 29.00 -14.29
CA ARG F 35 -9.81 29.78 -14.30
C ARG F 35 -9.36 29.84 -12.85
N PRO F 36 -8.16 30.38 -12.57
CA PRO F 36 -7.72 30.33 -11.17
C PRO F 36 -8.71 30.95 -10.19
N GLN F 37 -9.38 32.04 -10.57
CA GLN F 37 -10.39 32.66 -9.72
C GLN F 37 -11.51 31.68 -9.36
N THR F 38 -11.93 30.89 -10.34
CA THR F 38 -12.97 29.88 -10.13
C THR F 38 -12.55 28.80 -9.10
N VAL F 39 -11.30 28.36 -9.19
CA VAL F 39 -10.78 27.37 -8.25
C VAL F 39 -10.78 27.93 -6.83
N PHE F 40 -10.31 29.16 -6.69
CA PHE F 40 -10.30 29.85 -5.40
C PHE F 40 -11.70 29.95 -4.82
N GLU F 41 -12.68 30.29 -5.66
CA GLU F 41 -14.03 30.49 -5.16
C GLU F 41 -14.72 29.15 -4.84
N LEU F 42 -14.47 28.14 -5.66
CA LEU F 42 -14.95 26.79 -5.37
C LEU F 42 -14.39 26.29 -4.04
N TYR F 43 -13.10 26.48 -3.85
CA TYR F 43 -12.43 26.06 -2.62
C TYR F 43 -13.07 26.78 -1.44
N ASP F 44 -13.31 28.07 -1.62
CA ASP F 44 -13.89 28.89 -0.56
C ASP F 44 -15.31 28.41 -0.20
N ALA F 45 -16.10 28.10 -1.21
CA ALA F 45 -17.47 27.67 -1.00
C ALA F 45 -17.51 26.30 -0.32
N PHE F 46 -16.65 25.39 -0.75
CA PHE F 46 -16.58 24.08 -0.10
C PHE F 46 -16.10 24.17 1.36
N CYS F 47 -15.19 25.08 1.65
CA CYS F 47 -14.76 25.34 3.04
C CYS F 47 -15.91 25.82 3.89
N ASN F 48 -16.73 26.71 3.31
CA ASN F 48 -17.87 27.23 4.02
C ASN F 48 -18.84 26.09 4.32
N ALA F 49 -19.11 25.25 3.32
CA ALA F 49 -19.99 24.11 3.51
C ALA F 49 -19.43 23.21 4.61
N ARG F 50 -18.11 23.01 4.60
CA ARG F 50 -17.47 22.24 5.65
C ARG F 50 -17.71 22.85 7.04
N GLU F 51 -17.69 24.18 7.15
CA GLU F 51 -17.80 24.85 8.46
C GLU F 51 -19.22 24.82 9.01
N ASP F 52 -20.20 24.68 8.13
CA ASP F 52 -21.60 24.83 8.52
C ASP F 52 -22.12 23.53 9.11
N ASN F 53 -22.36 23.51 10.42
CA ASN F 53 -22.85 22.33 11.12
C ASN F 53 -24.17 21.79 10.60
N ARG F 54 -24.92 22.64 9.89
CA ARG F 54 -26.23 22.26 9.36
C ARG F 54 -26.12 21.52 8.03
N ILE F 55 -25.02 21.75 7.32
CA ILE F 55 -24.89 21.20 5.97
C ILE F 55 -24.29 19.80 6.00
N GLY F 56 -25.04 18.82 5.47
CA GLY F 56 -24.54 17.46 5.41
C GLY F 56 -24.17 16.99 4.01
N VAL F 57 -24.72 17.65 2.99
CA VAL F 57 -24.55 17.23 1.60
C VAL F 57 -24.33 18.45 0.70
N VAL F 58 -23.37 18.34 -0.20
CA VAL F 58 -23.15 19.42 -1.17
C VAL F 58 -23.45 18.91 -2.56
N LEU F 59 -24.31 19.61 -3.29
CA LEU F 59 -24.55 19.31 -4.69
C LEU F 59 -23.64 20.22 -5.51
N LEU F 60 -22.83 19.61 -6.38
CA LEU F 60 -21.95 20.37 -7.26
C LEU F 60 -22.44 20.23 -8.69
N THR F 61 -22.63 21.35 -9.37
CA THR F 61 -23.13 21.31 -10.75
C THR F 61 -22.63 22.50 -11.58
N GLY F 62 -22.93 22.49 -12.87
CA GLY F 62 -22.63 23.62 -13.72
C GLY F 62 -23.91 24.33 -14.15
N ALA F 63 -23.85 25.65 -14.28
CA ALA F 63 -25.01 26.41 -14.73
C ALA F 63 -25.29 26.06 -16.18
N GLY F 64 -26.56 25.93 -16.54
CA GLY F 64 -26.91 25.62 -17.91
C GLY F 64 -28.41 25.63 -18.14
N PRO F 65 -28.83 25.61 -19.42
CA PRO F 65 -27.93 25.57 -20.57
C PRO F 65 -27.39 26.95 -20.93
N HIS F 66 -26.32 26.99 -21.73
CA HIS F 66 -25.81 28.25 -22.24
C HIS F 66 -26.76 28.72 -23.35
N SER F 67 -26.57 29.93 -23.86
CA SER F 67 -27.46 30.47 -24.87
C SER F 67 -27.31 29.75 -26.21
N ASP F 68 -26.34 28.86 -26.33
CA ASP F 68 -26.25 28.02 -27.53
C ASP F 68 -27.09 26.74 -27.40
N GLY F 69 -27.75 26.59 -26.26
CA GLY F 69 -28.60 25.42 -26.03
C GLY F 69 -27.88 24.21 -25.43
N LYS F 70 -26.57 24.34 -25.22
CA LYS F 70 -25.77 23.23 -24.71
C LYS F 70 -25.51 23.34 -23.22
N TYR F 71 -25.37 22.19 -22.57
CA TYR F 71 -25.09 22.12 -21.14
C TYR F 71 -23.62 21.77 -20.92
N ALA F 72 -23.04 22.33 -19.85
CA ALA F 72 -21.75 21.87 -19.38
C ALA F 72 -21.73 21.81 -17.86
N PHE F 73 -21.12 20.74 -17.32
CA PHE F 73 -20.86 20.62 -15.89
C PHE F 73 -19.57 21.37 -15.62
N CYS F 74 -18.51 20.96 -16.31
CA CYS F 74 -17.22 21.64 -16.23
C CYS F 74 -16.32 21.10 -17.30
N SER F 75 -15.69 21.98 -18.06
CA SER F 75 -14.86 21.52 -19.16
C SER F 75 -13.37 21.57 -18.85
N GLY F 76 -13.01 21.72 -17.57
CA GLY F 76 -11.61 21.72 -17.17
C GLY F 76 -10.97 23.09 -17.11
N GLY F 77 -9.64 23.12 -17.19
CA GLY F 77 -8.88 24.36 -17.09
C GLY F 77 -9.12 25.32 -18.24
N ASP F 78 -9.33 26.59 -17.91
CA ASP F 78 -9.63 27.59 -18.94
C ASP F 78 -8.35 28.00 -19.67
N GLN F 79 -8.29 27.66 -20.96
CA GLN F 79 -7.13 27.99 -21.78
C GLN F 79 -7.23 29.39 -22.37
N LEU F 96 -3.73 28.39 -4.48
CA LEU F 96 -4.57 27.22 -4.64
C LEU F 96 -4.72 26.84 -6.10
N ASN F 97 -4.44 25.57 -6.40
CA ASN F 97 -4.72 25.05 -7.72
C ASN F 97 -5.77 23.97 -7.58
N VAL F 98 -6.13 23.35 -8.70
CA VAL F 98 -7.22 22.37 -8.66
C VAL F 98 -6.87 21.14 -7.80
N LEU F 99 -5.57 20.88 -7.61
CA LEU F 99 -5.18 19.76 -6.76
C LEU F 99 -5.61 20.00 -5.30
N ASP F 100 -5.47 21.24 -4.84
CA ASP F 100 -5.96 21.60 -3.51
C ASP F 100 -7.47 21.38 -3.43
N LEU F 101 -8.16 21.78 -4.48
CA LEU F 101 -9.60 21.62 -4.53
C LEU F 101 -10.00 20.14 -4.54
N GLN F 102 -9.32 19.34 -5.35
CA GLN F 102 -9.55 17.88 -5.34
C GLN F 102 -9.45 17.29 -3.94
N ARG F 103 -8.41 17.70 -3.20
CA ARG F 103 -8.18 17.20 -1.86
C ARG F 103 -9.27 17.61 -0.88
N LEU F 104 -9.72 18.85 -0.99
CA LEU F 104 -10.76 19.36 -0.09
C LEU F 104 -12.07 18.60 -0.29
N ILE F 105 -12.48 18.44 -1.54
CA ILE F 105 -13.69 17.70 -1.88
C ILE F 105 -13.61 16.24 -1.41
N ARG F 106 -12.46 15.63 -1.65
CA ARG F 106 -12.25 14.23 -1.31
C ARG F 106 -12.28 13.99 0.19
N SER F 107 -11.72 14.93 0.96
CA SER F 107 -11.51 14.69 2.39
C SER F 107 -12.53 15.31 3.33
N MET F 108 -13.31 16.27 2.83
CA MET F 108 -14.26 16.94 3.73
C MET F 108 -15.34 15.97 4.20
N PRO F 109 -15.71 16.07 5.49
CA PRO F 109 -16.66 15.11 6.08
C PRO F 109 -18.11 15.44 5.77
N LYS F 110 -18.40 15.75 4.51
CA LYS F 110 -19.76 15.93 4.02
C LYS F 110 -19.80 15.17 2.70
N VAL F 111 -20.96 14.65 2.33
CA VAL F 111 -21.07 13.94 1.07
C VAL F 111 -21.21 14.94 -0.07
N VAL F 112 -20.40 14.78 -1.11
CA VAL F 112 -20.47 15.68 -2.27
C VAL F 112 -21.00 14.88 -3.46
N ILE F 113 -22.06 15.40 -4.07
CA ILE F 113 -22.66 14.73 -5.22
C ILE F 113 -22.53 15.61 -6.45
N ALA F 114 -21.83 15.11 -7.47
CA ALA F 114 -21.76 15.81 -8.74
C ALA F 114 -23.06 15.56 -9.50
N LEU F 115 -23.70 16.64 -9.94
CA LEU F 115 -24.87 16.55 -10.81
C LEU F 115 -24.44 17.01 -12.19
N VAL F 116 -24.26 16.05 -13.09
CA VAL F 116 -23.65 16.35 -14.37
C VAL F 116 -24.67 16.45 -15.50
N ALA F 117 -24.85 17.65 -16.04
CA ALA F 117 -25.59 17.81 -17.29
C ALA F 117 -24.59 18.25 -18.34
N GLY F 118 -24.64 17.64 -19.52
CA GLY F 118 -23.69 17.96 -20.56
C GLY F 118 -22.26 17.56 -20.22
N TYR F 119 -21.32 18.39 -20.66
CA TYR F 119 -19.91 18.05 -20.63
C TYR F 119 -19.31 18.05 -19.24
N ALA F 120 -18.70 16.92 -18.88
CA ALA F 120 -17.77 16.81 -17.77
C ALA F 120 -16.48 16.30 -18.39
N ILE F 121 -15.59 17.22 -18.73
CA ILE F 121 -14.48 16.96 -19.63
C ILE F 121 -13.16 17.46 -19.02
N GLY F 122 -12.07 16.72 -19.24
CA GLY F 122 -10.75 17.15 -18.79
C GLY F 122 -10.70 17.30 -17.28
N GLY F 123 -10.17 18.42 -16.79
CA GLY F 123 -10.15 18.70 -15.37
C GLY F 123 -11.53 18.63 -14.75
N GLY F 124 -12.56 18.88 -15.58
CA GLY F 124 -13.94 18.78 -15.15
C GLY F 124 -14.39 17.34 -14.95
N HIS F 125 -13.81 16.44 -15.71
CA HIS F 125 -14.08 15.03 -15.51
C HIS F 125 -13.49 14.55 -14.19
N VAL F 126 -12.26 14.98 -13.90
CA VAL F 126 -11.62 14.57 -12.64
C VAL F 126 -12.39 15.15 -11.44
N LEU F 127 -12.91 16.36 -11.59
CA LEU F 127 -13.74 16.97 -10.56
C LEU F 127 -14.94 16.08 -10.21
N HIS F 128 -15.61 15.56 -11.22
CA HIS F 128 -16.75 14.66 -11.01
C HIS F 128 -16.31 13.37 -10.31
N LEU F 129 -15.17 12.81 -10.74
CA LEU F 129 -14.64 11.58 -10.15
C LEU F 129 -14.39 11.68 -8.64
N VAL F 130 -13.78 12.78 -8.20
CA VAL F 130 -13.42 12.88 -6.78
C VAL F 130 -14.61 13.24 -5.87
N CYS F 131 -15.72 13.65 -6.45
CA CYS F 131 -16.94 13.78 -5.64
C CYS F 131 -17.35 12.36 -5.22
N ASP F 132 -17.94 12.22 -4.03
CA ASP F 132 -18.36 10.90 -3.55
C ASP F 132 -19.20 10.16 -4.57
N LEU F 133 -20.20 10.84 -5.10
CA LEU F 133 -21.21 10.23 -5.97
C LEU F 133 -21.44 11.12 -7.17
N THR F 134 -21.92 10.51 -8.26
CA THR F 134 -22.29 11.28 -9.46
C THR F 134 -23.64 10.85 -9.97
N ILE F 135 -24.53 11.83 -10.12
CA ILE F 135 -25.78 11.63 -10.84
C ILE F 135 -25.69 12.35 -12.18
N ALA F 136 -25.94 11.64 -13.27
CA ALA F 136 -25.83 12.22 -14.61
C ALA F 136 -27.21 12.45 -15.24
N ALA F 137 -27.36 13.54 -15.97
CA ALA F 137 -28.51 13.72 -16.85
C ALA F 137 -28.27 12.83 -18.05
N ASP F 138 -29.32 12.48 -18.80
CA ASP F 138 -29.08 11.60 -19.94
C ASP F 138 -28.37 12.29 -21.11
N ASN F 139 -28.22 13.62 -21.04
CA ASN F 139 -27.42 14.33 -22.06
C ASN F 139 -25.94 14.51 -21.67
N ALA F 140 -25.54 13.87 -20.57
CA ALA F 140 -24.18 14.06 -20.06
C ALA F 140 -23.14 13.42 -20.98
N ILE F 141 -21.96 14.04 -21.03
CA ILE F 141 -20.85 13.55 -21.85
C ILE F 141 -19.57 13.57 -21.01
N PHE F 142 -18.89 12.43 -20.92
CA PHE F 142 -17.72 12.29 -20.04
C PHE F 142 -16.44 12.00 -20.82
N GLY F 143 -15.32 12.52 -20.35
CA GLY F 143 -14.04 12.07 -20.88
C GLY F 143 -12.87 12.93 -20.49
N GLN F 144 -11.67 12.44 -20.77
CA GLN F 144 -10.43 13.20 -20.52
C GLN F 144 -9.91 13.81 -21.81
N THR F 145 -9.07 14.84 -21.70
CA THR F 145 -8.55 15.52 -22.87
C THR F 145 -7.04 15.74 -22.86
N GLY F 146 -6.42 15.55 -21.70
CA GLY F 146 -5.02 15.88 -21.51
C GLY F 146 -4.07 15.55 -22.64
N PRO F 147 -3.94 14.25 -22.98
CA PRO F 147 -2.99 13.84 -24.03
C PRO F 147 -3.27 14.49 -25.38
N LYS F 148 -4.49 14.97 -25.57
CA LYS F 148 -4.88 15.65 -26.81
C LYS F 148 -4.55 17.14 -26.77
N VAL F 149 -4.70 17.75 -25.60
CA VAL F 149 -4.52 19.21 -25.51
C VAL F 149 -3.18 19.64 -24.90
N GLY F 150 -2.47 18.71 -24.29
CA GLY F 150 -1.19 19.04 -23.67
C GLY F 150 -1.24 19.12 -22.15
N SER F 151 -1.76 18.07 -21.51
CA SER F 151 -1.77 17.99 -20.06
C SER F 151 -2.02 16.54 -19.66
N PHE F 152 -1.98 16.27 -18.37
CA PHE F 152 -2.38 14.97 -17.83
C PHE F 152 -2.62 15.09 -16.34
N ASP F 153 -3.50 14.25 -15.81
CA ASP F 153 -3.70 14.16 -14.36
C ASP F 153 -3.35 12.75 -13.96
N GLY F 154 -2.14 12.55 -13.47
CA GLY F 154 -1.68 11.22 -13.12
C GLY F 154 -1.87 10.97 -11.65
N GLY F 155 -2.67 11.83 -11.00
CA GLY F 155 -2.98 11.70 -9.60
C GLY F 155 -4.31 10.99 -9.39
N PHE F 156 -5.27 11.65 -8.78
CA PHE F 156 -6.60 11.05 -8.63
C PHE F 156 -7.26 10.80 -9.99
N GLY F 157 -6.87 11.57 -10.99
CA GLY F 157 -7.43 11.40 -12.33
C GLY F 157 -7.13 10.04 -12.94
N SER F 158 -6.06 9.38 -12.49
CA SER F 158 -5.69 8.07 -13.01
C SER F 158 -5.96 6.95 -12.00
N SER F 159 -5.21 6.97 -10.90
CA SER F 159 -5.31 5.91 -9.90
C SER F 159 -6.73 5.79 -9.36
N TYR F 160 -7.33 6.90 -8.93
CA TYR F 160 -8.68 6.83 -8.38
C TYR F 160 -9.71 6.44 -9.44
N LEU F 161 -9.53 6.90 -10.67
CA LEU F 161 -10.39 6.47 -11.77
C LEU F 161 -10.34 4.94 -11.90
N ALA F 162 -9.15 4.38 -11.79
CA ALA F 162 -8.99 2.94 -11.86
C ALA F 162 -9.73 2.22 -10.73
N ARG F 163 -9.82 2.84 -9.54
CA ARG F 163 -10.57 2.25 -8.42
C ARG F 163 -12.07 2.32 -8.63
N ILE F 164 -12.49 2.93 -9.74
CA ILE F 164 -13.90 3.09 -10.04
C ILE F 164 -14.32 2.23 -11.26
N VAL F 165 -13.54 2.31 -12.33
CA VAL F 165 -13.91 1.64 -13.58
C VAL F 165 -12.97 0.48 -13.93
N GLY F 166 -11.94 0.27 -13.12
CA GLY F 166 -10.98 -0.78 -13.38
C GLY F 166 -9.87 -0.33 -14.31
N GLN F 167 -8.74 -1.03 -14.28
CA GLN F 167 -7.54 -0.62 -15.00
C GLN F 167 -7.69 -0.55 -16.52
N LYS F 168 -8.35 -1.53 -17.13
CA LYS F 168 -8.51 -1.53 -18.59
C LYS F 168 -9.28 -0.30 -19.09
N LYS F 169 -10.44 -0.05 -18.50
CA LYS F 169 -11.27 1.08 -18.97
C LYS F 169 -10.63 2.43 -18.66
N ALA F 170 -9.93 2.52 -17.54
CA ALA F 170 -9.34 3.78 -17.11
C ALA F 170 -8.22 4.16 -18.05
N ARG F 171 -7.42 3.18 -18.46
CA ARG F 171 -6.38 3.43 -19.46
C ARG F 171 -6.98 3.85 -20.80
N GLU F 172 -8.07 3.19 -21.20
CA GLU F 172 -8.74 3.54 -22.46
C GLU F 172 -9.21 4.99 -22.45
N ILE F 173 -9.82 5.38 -21.34
CA ILE F 173 -10.32 6.73 -21.15
C ILE F 173 -9.23 7.78 -21.39
N TRP F 174 -8.06 7.57 -20.81
CA TRP F 174 -6.96 8.52 -20.92
C TRP F 174 -6.17 8.45 -22.23
N TYR F 175 -5.95 7.24 -22.74
CA TYR F 175 -5.08 7.11 -23.92
C TYR F 175 -5.75 7.60 -25.20
N LEU F 176 -7.05 7.37 -25.32
CA LEU F 176 -7.76 7.73 -26.55
C LEU F 176 -8.46 9.08 -26.46
N CYS F 177 -8.78 9.49 -25.22
CA CYS F 177 -9.52 10.74 -24.99
C CYS F 177 -10.83 10.82 -25.77
N ARG F 178 -11.55 9.71 -25.86
CA ARG F 178 -12.87 9.75 -26.48
C ARG F 178 -13.92 10.34 -25.53
N GLN F 179 -15.14 10.49 -26.03
CA GLN F 179 -16.26 10.94 -25.22
C GLN F 179 -17.20 9.77 -24.95
N TYR F 180 -17.79 9.73 -23.75
CA TYR F 180 -18.65 8.64 -23.31
C TYR F 180 -20.01 9.17 -22.91
N SER F 181 -21.08 8.48 -23.29
CA SER F 181 -22.43 8.92 -22.96
C SER F 181 -22.69 8.67 -21.47
N ALA F 182 -23.80 9.22 -20.97
CA ALA F 182 -24.20 8.97 -19.59
C ALA F 182 -24.43 7.47 -19.35
N GLN F 183 -25.03 6.81 -20.33
CA GLN F 183 -25.32 5.37 -20.20
C GLN F 183 -24.03 4.54 -20.16
N GLU F 184 -23.05 4.90 -20.99
CA GLU F 184 -21.75 4.20 -20.97
C GLU F 184 -21.02 4.45 -19.66
N ALA F 185 -21.12 5.67 -19.13
CA ALA F 185 -20.50 6.03 -17.86
C ALA F 185 -21.11 5.25 -16.69
N GLU F 186 -22.43 5.08 -16.69
CA GLU F 186 -23.05 4.30 -15.61
C GLU F 186 -22.63 2.84 -15.72
N ARG F 187 -22.67 2.31 -16.94
CA ARG F 187 -22.32 0.92 -17.17
C ARG F 187 -20.89 0.59 -16.72
N MET F 188 -19.98 1.53 -16.89
CA MET F 188 -18.59 1.28 -16.51
C MET F 188 -18.33 1.52 -15.02
N GLY F 189 -19.32 2.08 -14.33
CA GLY F 189 -19.29 2.17 -12.87
C GLY F 189 -18.96 3.54 -12.28
N MET F 190 -18.82 4.57 -13.12
CA MET F 190 -18.40 5.89 -12.62
C MET F 190 -19.55 6.88 -12.44
N VAL F 191 -20.75 6.47 -12.81
CA VAL F 191 -21.94 7.27 -12.59
C VAL F 191 -22.95 6.43 -11.81
N ASN F 192 -23.52 6.99 -10.74
CA ASN F 192 -24.40 6.20 -9.87
C ASN F 192 -25.79 5.96 -10.44
N THR F 193 -26.31 6.93 -11.19
CA THR F 193 -27.61 6.79 -11.82
C THR F 193 -27.75 7.85 -12.91
N VAL F 194 -28.69 7.62 -13.82
CA VAL F 194 -28.94 8.52 -14.94
C VAL F 194 -30.42 8.87 -14.94
N VAL F 195 -30.74 10.16 -15.10
CA VAL F 195 -32.13 10.61 -15.11
C VAL F 195 -32.29 11.66 -16.20
N PRO F 196 -33.52 11.97 -16.61
CA PRO F 196 -33.67 13.04 -17.60
C PRO F 196 -33.15 14.38 -17.09
N VAL F 197 -32.74 15.25 -18.02
CA VAL F 197 -32.23 16.59 -17.70
C VAL F 197 -33.12 17.35 -16.73
N ASP F 198 -34.42 17.36 -17.01
CA ASP F 198 -35.36 18.09 -16.17
C ASP F 198 -35.62 17.44 -14.79
N ARG F 199 -35.05 16.25 -14.56
CA ARG F 199 -35.19 15.59 -13.25
C ARG F 199 -33.90 15.63 -12.46
N LEU F 200 -32.85 16.19 -13.04
CA LEU F 200 -31.51 16.12 -12.45
C LEU F 200 -31.39 16.76 -11.06
N GLU F 201 -31.88 17.99 -10.92
CA GLU F 201 -31.80 18.63 -9.59
C GLU F 201 -32.66 17.89 -8.55
N GLU F 202 -33.87 17.48 -8.96
CA GLU F 202 -34.78 16.74 -8.08
C GLU F 202 -34.16 15.43 -7.58
N GLU F 203 -33.50 14.72 -8.48
CA GLU F 203 -32.84 13.48 -8.09
C GLU F 203 -31.73 13.76 -7.09
N GLY F 204 -30.92 14.78 -7.36
CA GLY F 204 -29.87 15.20 -6.44
C GLY F 204 -30.42 15.56 -5.08
N ILE F 205 -31.52 16.30 -5.04
CA ILE F 205 -32.15 16.66 -3.78
C ILE F 205 -32.68 15.41 -3.04
N GLN F 206 -33.26 14.48 -3.79
CA GLN F 206 -33.77 13.25 -3.17
C GLN F 206 -32.64 12.46 -2.53
N TRP F 207 -31.54 12.27 -3.24
CA TRP F 207 -30.40 11.54 -2.72
C TRP F 207 -29.83 12.24 -1.50
N ALA F 208 -29.79 13.57 -1.54
CA ALA F 208 -29.31 14.37 -0.41
C ALA F 208 -30.17 14.12 0.83
N LYS F 209 -31.48 14.16 0.67
CA LYS F 209 -32.38 13.96 1.80
C LYS F 209 -32.23 12.57 2.41
N GLU F 210 -32.02 11.57 1.57
CA GLU F 210 -31.79 10.21 2.08
C GLU F 210 -30.54 10.15 2.96
N ILE F 211 -29.49 10.87 2.55
CA ILE F 211 -28.26 10.93 3.35
C ILE F 211 -28.49 11.74 4.63
N LEU F 212 -29.23 12.83 4.50
CA LEU F 212 -29.46 13.74 5.62
C LEU F 212 -30.24 13.12 6.78
N SER F 213 -30.89 12.00 6.52
CA SER F 213 -31.63 11.31 7.59
C SER F 213 -30.72 10.36 8.34
N LYS F 214 -29.48 10.20 7.86
CA LYS F 214 -28.53 9.25 8.47
C LYS F 214 -27.72 9.85 9.62
N SER F 215 -27.00 8.99 10.33
CA SER F 215 -26.09 9.41 11.40
C SER F 215 -24.91 10.18 10.81
N PRO F 216 -24.74 11.46 11.17
CA PRO F 216 -23.61 12.22 10.62
C PRO F 216 -22.26 11.60 10.96
N LEU F 217 -22.12 11.07 12.17
CA LEU F 217 -20.85 10.46 12.58
C LEU F 217 -20.54 9.19 11.79
N ALA F 218 -21.57 8.38 11.55
CA ALA F 218 -21.41 7.15 10.79
C ALA F 218 -21.01 7.46 9.35
N ILE F 219 -21.68 8.43 8.76
CA ILE F 219 -21.37 8.85 7.40
C ILE F 219 -19.92 9.36 7.27
N ARG F 220 -19.50 10.23 8.18
CA ARG F 220 -18.15 10.79 8.07
C ARG F 220 -17.09 9.70 8.28
N CYS F 221 -17.39 8.75 9.15
CA CYS F 221 -16.46 7.64 9.39
C CYS F 221 -16.32 6.75 8.16
N LEU F 222 -17.43 6.48 7.50
CA LEU F 222 -17.42 5.71 6.26
C LEU F 222 -16.65 6.40 5.14
N LYS F 223 -16.83 7.72 5.02
CA LYS F 223 -16.12 8.46 3.97
C LYS F 223 -14.61 8.35 4.19
N ALA F 224 -14.19 8.50 5.45
CA ALA F 224 -12.78 8.33 5.80
C ALA F 224 -12.32 6.93 5.51
N ALA F 225 -13.14 5.94 5.84
CA ALA F 225 -12.78 4.54 5.61
C ALA F 225 -12.58 4.25 4.12
N PHE F 226 -13.40 4.85 3.26
CA PHE F 226 -13.22 4.67 1.83
C PHE F 226 -11.93 5.34 1.35
N ASN F 227 -11.64 6.52 1.85
CA ASN F 227 -10.40 7.21 1.49
C ASN F 227 -9.18 6.42 1.95
N ALA F 228 -9.30 5.77 3.11
CA ALA F 228 -8.19 5.01 3.67
C ALA F 228 -7.77 3.80 2.80
N ASP F 229 -8.64 3.35 1.91
CA ASP F 229 -8.28 2.26 0.98
C ASP F 229 -7.41 2.77 -0.17
N CYS F 230 -7.27 4.09 -0.28
CA CYS F 230 -6.54 4.69 -1.39
C CYS F 230 -5.37 5.56 -0.93
N ASP F 231 -5.55 6.26 0.18
CA ASP F 231 -4.66 7.38 0.51
C ASP F 231 -3.61 7.10 1.59
N GLY F 232 -3.33 5.82 1.84
CA GLY F 232 -2.25 5.44 2.75
C GLY F 232 -2.32 6.15 4.09
N GLN F 233 -1.22 6.76 4.52
CA GLN F 233 -1.18 7.41 5.83
C GLN F 233 -2.08 8.63 5.91
N ALA F 234 -2.34 9.27 4.78
CA ALA F 234 -3.29 10.38 4.77
C ALA F 234 -4.71 9.89 5.03
N GLY F 235 -5.04 8.72 4.50
CA GLY F 235 -6.32 8.09 4.81
C GLY F 235 -6.39 7.68 6.27
N LEU F 236 -5.28 7.19 6.81
CA LEU F 236 -5.23 6.81 8.22
C LEU F 236 -5.47 8.03 9.10
N GLN F 237 -4.84 9.14 8.73
CA GLN F 237 -5.06 10.40 9.45
C GLN F 237 -6.54 10.75 9.54
N GLU F 238 -7.28 10.55 8.45
CA GLU F 238 -8.73 10.85 8.48
C GLU F 238 -9.48 9.84 9.31
N LEU F 239 -9.19 8.56 9.09
CA LEU F 239 -9.91 7.53 9.83
C LEU F 239 -9.59 7.57 11.32
N ALA F 240 -8.30 7.66 11.66
CA ALA F 240 -7.93 7.74 13.06
C ALA F 240 -8.39 9.05 13.71
N GLY F 241 -8.36 10.14 12.94
CA GLY F 241 -8.87 11.42 13.39
C GLY F 241 -10.33 11.32 13.85
N ASN F 242 -11.13 10.60 13.08
CA ASN F 242 -12.51 10.34 13.47
C ASN F 242 -12.60 9.49 14.74
N ALA F 243 -11.72 8.51 14.85
CA ALA F 243 -11.65 7.72 16.08
C ALA F 243 -11.38 8.61 17.29
N THR F 244 -10.42 9.53 17.16
CA THR F 244 -10.12 10.47 18.25
C THR F 244 -11.36 11.33 18.59
N LEU F 245 -12.04 11.81 17.55
CA LEU F 245 -13.24 12.64 17.77
C LEU F 245 -14.30 11.85 18.52
N LEU F 246 -14.54 10.62 18.09
CA LEU F 246 -15.49 9.74 18.79
C LEU F 246 -15.06 9.54 20.24
N TYR F 247 -13.78 9.27 20.44
CA TYR F 247 -13.22 9.06 21.78
C TYR F 247 -13.54 10.21 22.73
N TYR F 248 -13.40 11.43 22.24
CA TYR F 248 -13.72 12.62 23.04
C TYR F 248 -15.17 12.63 23.52
N MET F 249 -16.04 11.93 22.80
CA MET F 249 -17.46 11.92 23.10
C MET F 249 -17.86 10.73 23.96
N THR F 250 -16.89 9.95 24.42
CA THR F 250 -17.18 8.82 25.30
C THR F 250 -16.97 9.22 26.75
N GLU F 251 -17.51 8.43 27.67
CA GLU F 251 -17.29 8.67 29.10
C GLU F 251 -15.79 8.63 29.41
N GLU F 252 -15.10 7.60 28.91
CA GLU F 252 -13.67 7.47 29.18
C GLU F 252 -12.90 8.64 28.58
N GLY F 253 -13.28 9.04 27.37
CA GLY F 253 -12.65 10.18 26.71
C GLY F 253 -12.83 11.48 27.46
N SER F 254 -13.96 11.63 28.15
CA SER F 254 -14.25 12.87 28.87
C SER F 254 -13.58 12.96 30.24
N GLU F 255 -13.04 11.85 30.72
CA GLU F 255 -12.37 11.84 32.02
C GLU F 255 -11.15 12.75 31.99
N GLY F 256 -10.48 12.80 30.85
CA GLY F 256 -9.34 13.68 30.67
C GLY F 256 -9.72 15.15 30.74
N LYS F 257 -10.83 15.49 30.08
CA LYS F 257 -11.29 16.88 30.05
C LYS F 257 -11.72 17.36 31.43
N GLN F 258 -12.35 16.48 32.20
CA GLN F 258 -12.87 16.85 33.52
C GLN F 258 -11.83 16.73 34.64
N ALA F 259 -10.89 15.80 34.49
CA ALA F 259 -9.81 15.67 35.47
C ALA F 259 -8.99 16.96 35.50
N PHE F 260 -8.79 17.55 34.33
CA PHE F 260 -8.06 18.79 34.21
C PHE F 260 -8.88 19.96 34.77
N LEU F 261 -10.19 19.91 34.54
CA LEU F 261 -11.10 20.97 34.97
C LEU F 261 -11.08 21.15 36.48
N GLU F 262 -10.89 20.06 37.19
CA GLU F 262 -10.89 20.06 38.66
C GLU F 262 -9.47 19.98 39.19
N LYS F 263 -8.51 20.06 38.27
CA LYS F 263 -7.07 20.08 38.60
C LYS F 263 -6.57 18.82 39.30
N ARG F 264 -6.92 17.67 38.74
CA ARG F 264 -6.45 16.39 39.25
C ARG F 264 -5.94 15.54 38.11
N PRO F 265 -5.02 14.60 38.41
CA PRO F 265 -4.61 13.63 37.39
C PRO F 265 -5.79 12.83 36.85
N PRO F 266 -5.78 12.51 35.54
CA PRO F 266 -6.84 11.69 34.95
C PRO F 266 -6.75 10.27 35.48
N ASP F 267 -7.88 9.65 35.81
CA ASP F 267 -7.87 8.31 36.36
C ASP F 267 -8.65 7.34 35.47
N PHE F 268 -7.91 6.45 34.81
CA PHE F 268 -8.50 5.49 33.89
C PHE F 268 -8.55 4.09 34.51
N SER F 269 -8.33 4.02 35.81
CA SER F 269 -8.20 2.74 36.51
C SER F 269 -9.49 1.91 36.51
N GLN F 270 -10.63 2.58 36.45
CA GLN F 270 -11.91 1.89 36.50
C GLN F 270 -12.34 1.32 35.14
N TYR F 271 -11.66 1.72 34.07
CA TYR F 271 -12.06 1.29 32.74
C TYR F 271 -11.48 -0.06 32.33
N PRO F 272 -12.31 -0.94 31.75
CA PRO F 272 -11.92 -2.28 31.31
C PRO F 272 -11.01 -2.28 30.09
N TRP F 273 -10.26 -3.36 29.94
CA TRP F 273 -9.53 -3.63 28.70
C TRP F 273 -10.36 -4.64 27.91
N LEU F 274 -11.24 -4.11 27.07
CA LEU F 274 -12.18 -4.93 26.32
C LEU F 274 -11.49 -5.84 25.30
N PRO F 275 -12.11 -6.99 24.99
CA PRO F 275 -11.55 -7.94 24.02
C PRO F 275 -11.52 -7.36 22.61
C BCT G . -0.78 13.21 21.81
O1 BCT G . 0.16 12.74 22.43
O2 BCT G . -1.90 12.75 22.02
O3 BCT G . -0.55 13.84 20.61
C1 MPD H . 14.29 29.58 21.50
C2 MPD H . 15.63 29.88 20.83
O2 MPD H . 16.69 29.37 21.71
CM MPD H . 15.82 31.39 20.73
C3 MPD H . 15.81 29.15 19.50
C4 MPD H . 15.01 29.65 18.30
O4 MPD H . 15.49 30.90 17.85
C5 MPD H . 15.19 28.66 17.14
CL CL I . 21.80 30.49 17.28
CL CL J . 14.24 2.96 26.07
C BCT K . -24.32 -2.01 8.26
O1 BCT K . -23.96 -3.06 7.78
O2 BCT K . -25.03 -1.29 7.57
O3 BCT K . -23.65 -1.48 9.34
C1 GOL L . -30.11 -23.28 0.40
O1 GOL L . -29.31 -22.80 -0.65
C2 GOL L . -31.51 -22.69 0.27
O2 GOL L . -32.47 -23.68 0.60
C3 GOL L . -31.64 -21.52 1.24
O3 GOL L . -32.99 -21.36 1.64
C1 GOL M . 24.87 -25.98 -8.78
O1 GOL M . 23.97 -27.02 -8.49
C2 GOL M . 25.98 -25.95 -7.73
O2 GOL M . 27.13 -25.32 -8.25
C3 GOL M . 25.51 -25.19 -6.49
O3 GOL M . 24.81 -24.04 -6.89
C BCT N . 21.36 11.70 -7.49
O1 BCT N . 21.88 12.11 -6.46
O2 BCT N . 20.71 12.47 -8.19
O3 BCT N . 21.16 10.34 -7.67
C1 GOL O . 19.40 8.70 -12.10
O1 GOL O . 20.13 9.32 -11.08
C2 GOL O . 18.37 9.67 -12.67
O2 GOL O . 18.40 9.61 -14.08
C3 GOL O . 16.97 9.30 -12.19
O3 GOL O . 17.00 9.05 -10.82
S SO4 P . 16.54 8.66 -16.40
O1 SO4 P . 15.36 9.43 -16.80
O2 SO4 P . 16.53 7.36 -17.08
O3 SO4 P . 17.76 9.39 -16.73
O4 SO4 P . 16.49 8.42 -14.97
C1 GOL Q . 37.13 -3.95 -2.87
O1 GOL Q . 36.27 -5.05 -3.07
C2 GOL Q . 38.57 -4.43 -2.82
O2 GOL Q . 38.81 -5.28 -3.92
C3 GOL Q . 39.52 -3.24 -2.88
O3 GOL Q . 40.12 -3.16 -4.15
C BCT R . 13.20 -18.99 10.85
O1 BCT R . 12.23 -18.46 11.39
O2 BCT R . 14.32 -18.59 11.08
O3 BCT R . 12.99 -19.72 9.70
C1 GOL S . 13.49 -16.82 33.30
O1 GOL S . 12.25 -17.46 33.48
C2 GOL S . 13.38 -15.38 33.78
O2 GOL S . 14.68 -14.83 33.89
C3 GOL S . 12.59 -14.58 32.76
O3 GOL S . 12.08 -13.41 33.34
C BCT T . -2.72 -20.05 -15.61
O1 BCT T . -3.93 -20.18 -15.72
O2 BCT T . -2.16 -19.05 -16.05
O3 BCT T . -2.05 -20.83 -14.70
C1 MPD U . -8.06 -12.36 -37.41
C2 MPD U . -6.59 -12.14 -37.09
O2 MPD U . -5.85 -11.96 -38.32
CM MPD U . -6.04 -13.39 -36.40
C3 MPD U . -6.50 -10.90 -36.20
C4 MPD U . -5.18 -10.13 -36.23
O4 MPD U . -4.81 -9.83 -37.56
C5 MPD U . -5.33 -8.84 -35.43
CL CL V . -12.46 -2.83 -9.73
C1 GOL W . 14.14 34.18 -5.37
O1 GOL W . 14.15 32.79 -5.58
C2 GOL W . 13.57 34.87 -6.60
O2 GOL W . 14.50 34.76 -7.64
C3 GOL W . 12.26 34.20 -6.99
O3 GOL W . 11.34 35.17 -7.44
C BCT X . -7.13 16.20 -18.22
O1 BCT X . -7.82 15.52 -18.97
O2 BCT X . -5.98 16.45 -18.57
O3 BCT X . -7.44 16.27 -16.86
C1 MPD Y . -30.26 21.29 -15.71
C2 MPD Y . -29.53 22.00 -14.58
O2 MPD Y . -30.26 23.20 -14.17
CM MPD Y . -28.18 22.46 -15.09
C3 MPD Y . -29.44 21.02 -13.41
C4 MPD Y . -28.80 21.59 -12.16
O4 MPD Y . -29.67 22.53 -11.59
C5 MPD Y . -28.54 20.49 -11.14
C1 GOL Z . -21.11 10.26 -26.94
O1 GOL Z . -21.21 10.84 -25.67
C2 GOL Z . -21.13 11.35 -28.01
O2 GOL Z . -19.84 11.92 -28.13
C3 GOL Z . -21.56 10.75 -29.33
O3 GOL Z . -22.85 10.20 -29.19
#